data_9CXD
#
_entry.id   9CXD
#
_cell.length_a   1.00
_cell.length_b   1.00
_cell.length_c   1.00
_cell.angle_alpha   90.00
_cell.angle_beta   90.00
_cell.angle_gamma   90.00
#
_symmetry.space_group_name_H-M   'P 1'
#
loop_
_entity.id
_entity.type
_entity.pdbx_description
1 polymer 'Gamma-aminobutyric acid receptor subunit beta-2'
2 polymer 'Gamma-aminobutyric acid receptor subunit alpha-1'
3 polymer 'Gamma-aminobutyric acid receptor subunit beta-1'
4 polymer 'Gamma-aminobutyric acid receptor subunit gamma-2'
5 polymer 'Kappa Fab_1F4 Light Chain'
6 polymer 'IgG2b Fab_1F4 Heavy Chain'
7 branched 2-acetamido-2-deoxy-beta-D-glucopyranose-(1-4)-2-acetamido-2-deoxy-beta-D-glucopyranose
8 branched beta-D-mannopyranose-(1-4)-2-acetamido-2-deoxy-beta-D-glucopyranose-(1-4)-2-acetamido-2-deoxy-beta-D-glucopyranose
9 non-polymer 'GAMMA-AMINO-BUTANOIC ACID'
10 non-polymer '[(2R)-2-octanoyloxy-3-[oxidanyl-[(1R,2R,3S,4R,5R,6S)-2,3,6-tris(oxidanyl)-4,5-diphosphonooxy-cyclohexyl]oxy-phosphoryl]oxy-propyl] octanoate'
11 non-polymer 2-acetamido-2-deoxy-beta-D-glucopyranose
#
loop_
_entity_poly.entity_id
_entity_poly.type
_entity_poly.pdbx_seq_one_letter_code
_entity_poly.pdbx_strand_id
1 'polypeptide(L)'
;SVNDPSNMSLVKETVDRLLKGYDIRLRPDFGGPPVAVGMNIDIASIDMVSEVNMDYTLTMYFQQAWRDKRLSYNVIPLNL
TLDNRVADQLWVPDTYFLNDKKSFVHGVTVKNRMIRLHPDGTVLYGLRITTTAACMMDLRRYPLDEQNCTLEIESYGYTT
DDIEFYWRGDDNAVTGVTKIELPQFSIVDYKLITKKVVFSTGSYPRLSLSFKLKRNIGYFILQTYMPSILITILSWVSFW
INYDASAARVALGITTVLTMTTINTHLRETLPKIPYVKAIDMYLMGCFVFVFMALLEYALVNYIFFGRGPQRQKKAAEKA
ASANNEKMRLDVNKIFYKDIKQNGTQYRSLWDPTGNLSPTRRTTNYDFSLYTMDPHENILLSTLEIKNEMATSEAVMGLG
DPRSTMLAYDASSIQYRKAGLPRHSFGRNALERHVAQKKSRLRRRASQLKITIPDLTDVNAIDRWSRIFFPVVFSFFNIV
YWLYYVN
;
A
2 'polypeptide(L)'
;QPSLQDELKDNTTVFTRILDRLLDGYDNRLRPGLGERVTEVKTDIFVTSFGPVSDHDMEYTIDVFFRQSWKDERLKFKGP
MTVLRLNNLMASKIWTPDTFFHNGKKSVAHNMTMPNKLLRITEDGTLLYTMRLTVRAECPMHLEDFPMDAHACPLKFGSY
AYTRAEVVYEWTREPARSVVVAEDGSRLNQYDLLGQTVDSGIVQSSTGEYVVMTTHFHLKRKIGYFVIQTYLPCIMTVIL
SQVSFWLNRESVPARTVFGVTTVLTMTTLSISARNSLPKVAYATAMDWFIAVCYAFVFSALIEFATVNYFTKRGYAWDGK
SVVPEKPKKVKDPLIKKNNTYAPTATSYTPNLARGDPGLATIAKSATIEPKEVKPETKPPEPKKTFNSVSKIDRLSRIAF
PLLFGIFNLVYWATYLNREPQLKAPTPHQ
;
B
3 'polypeptide(L)'
;HSTNEPSNMSYVKETVDRLLKGYDIRLRPDFGGPPVDVGMRIDVASIDMVSEVNMDYTLTMYFQQSWKDKRLSYSGIPLN
LTLDNRVADQLWVPDTYFLNDKKSFVHGVTVKNRMIRLHPDGTVLYGLRITTTAACMMDLRRYPLDEQNCTLEIESYGYT
TDDIEFYWNGGEGAVTGVNKIELPQFSIVDYKMVSKKVEFTTGAYPRLSLSFRLKRNIGYFILQTYMPSTLITILSWVSF
WINYDASAARVALGITTVLTMTTISTHLRETLPKIPYVKAIDIYLMGCFVFVFLALLEYAFVNYIFFGKGPQKKGASKQD
QSANEKNKLEMNKVQVDAHGNILLSTLEIRNETSGSEVLTSVSDPKATMYSYDSASIQYRKPLSSREAYGRALDRHGVPS
KGRIRRRASQLKVKIPDLTDVNSIDKWSRMFFPITFSLFNVVYWLYYVH
;
C,D
4 'polypeptide(L)'
;QKSDDDYEDYASNKTWVLTPKVPEGDVTVILNNLLEGYDNKLRPDIGVKPTLIHTDMYVNSIGPVNAINMEYTIDIFFAQ
TWYDRRLKFNSTIKVLRLNSNMVGKIWIPDTFFRNSKKADAHWITTPNRMLRIWNDGRVLYTLRLTIDAECQLQLHNFPM
DEHSCPLEFSSYGYPREEIVYQWKRSSVEVGDTRSWRLYQFSFVGLRNTTEVVKTTSGDYVVMSVYFDLSRRMGYFTIQT
YIPCTLIVVLSWVSFWINKDAVPARTSLGITTVLTMTTLSTIARKSLPKVSYVTAMDLFVSVCFIFVFSALVEYGTLHYF
VSNRKPSKDKDKKKKNPLLRMFSFKAPTIDIRPRSATIQMNNATHLQERDEEYGYECLDGKDCASFFCCFEDCRTGAWRH
GRIHIRIAKMDSYARIFFPTAFCLFNLVYWVSYLYL
;
E
5 'polypeptide(L)'
;NIVMTQSPKSMSMSVGERVTLSCKASEYVGTYVSWYQQKPEQSPKLLIYGASNRYTGVPDRFTGSGSATDFTLTIGSVQA
EDLADYHCGQSYSYPTFGAGTKLELKRADAAPTVSIFPPSSEQLTSGGASVVCFLNNFYPKDINVKWKIDGSERQNGVLN
SWTDQDSKDSTYSMSSTLTLTKDEYERHNSYTCEATHKTSTSPIVKSFNRNEC
;
I
6 'polypeptide(L)'
;EVQLQQSGAELVKPGASVKLSCTASGFNIKDTYMYWVKQRPEQGLEWIGRIDPANGDTKYDPKFQGKATITTDTFSNTAY
LQLSSLTSEDTAVYYCARKGLRWAMDYWGQGTSVTVSTAKTTPPSVYPLAPGCGDTTGSSVTLGCLVKGYFPESVTVTWN
SGSLSSSVHTFPALLQSGLYTMSSSVTVPSSTWPSQTVTCSVAHPASSTTVDKKLEPSGPISTINPCPPCKECHKCPAPN
LEGGPSVFIFPPNIKDVLMISLTPKVTCVVVDVSEDDPDVQISWFVNNVEVHTAQTQTHREDYNSTIRVVSTLPIQHQDW
MSGKEFKCKVNNKDLPSPIERTISKIKGLVRAPQVYILPPPAEQLSRKDVSLTCLVVGFNPGDISVEWTSNGHTEENYKD
TAPVLDSDGSYFIYSKLNMKTSKWEKTDSFSCNVRHEGLKNYYLKKTISRSPGK
;
J
#
# COMPACT_ATOMS: atom_id res chain seq x y z
N SER A 6 25.22 51.53 1.64
CA SER A 6 23.98 51.66 2.42
C SER A 6 23.77 50.43 3.29
N ASN A 7 22.50 50.10 3.59
CA ASN A 7 22.17 48.96 4.47
C ASN A 7 21.80 47.76 3.61
N MET A 8 22.49 47.54 2.49
CA MET A 8 22.27 46.33 1.65
C MET A 8 23.60 45.61 1.43
N SER A 9 24.73 46.30 1.59
CA SER A 9 26.06 45.66 1.54
C SER A 9 26.53 45.47 2.97
N LEU A 10 25.78 45.97 3.94
CA LEU A 10 26.09 45.77 5.38
C LEU A 10 25.30 44.56 5.85
N VAL A 11 24.44 44.04 4.98
CA VAL A 11 23.69 42.79 5.30
C VAL A 11 24.16 41.75 4.30
N LYS A 12 24.83 42.17 3.23
CA LYS A 12 25.39 41.20 2.29
C LYS A 12 26.78 40.74 2.71
N GLU A 13 27.65 41.70 3.06
CA GLU A 13 28.99 41.33 3.50
C GLU A 13 28.99 40.64 4.85
N THR A 14 27.99 40.94 5.69
CA THR A 14 27.89 40.27 6.99
C THR A 14 27.47 38.82 6.83
N VAL A 15 26.49 38.56 5.97
CA VAL A 15 26.06 37.19 5.69
C VAL A 15 27.18 36.42 4.99
N ASP A 16 27.92 37.08 4.09
CA ASP A 16 29.05 36.44 3.43
C ASP A 16 30.19 36.15 4.41
N ARG A 17 30.38 37.00 5.42
CA ARG A 17 31.39 36.73 6.43
C ARG A 17 30.97 35.60 7.35
N LEU A 18 29.67 35.50 7.65
CA LEU A 18 29.17 34.38 8.44
C LEU A 18 29.30 33.06 7.67
N LEU A 19 29.06 33.07 6.37
CA LEU A 19 29.11 31.85 5.57
C LEU A 19 30.49 31.56 5.01
N LYS A 20 31.50 32.38 5.34
CA LYS A 20 32.87 32.12 4.92
C LYS A 20 33.57 31.26 5.96
N GLY A 21 34.14 30.14 5.52
CA GLY A 21 34.82 29.24 6.42
C GLY A 21 33.90 28.40 7.29
N TYR A 22 32.59 28.39 7.01
CA TYR A 22 31.67 27.58 7.77
C TYR A 22 31.82 26.11 7.39
N ASP A 23 31.89 25.26 8.39
CA ASP A 23 31.98 23.81 8.19
C ASP A 23 30.64 23.21 8.57
N ILE A 24 29.87 22.79 7.56
CA ILE A 24 28.56 22.18 7.80
C ILE A 24 28.71 20.79 8.42
N ARG A 25 29.84 20.12 8.20
CA ARG A 25 30.02 18.77 8.72
C ARG A 25 30.23 18.74 10.23
N LEU A 26 30.63 19.86 10.84
CA LEU A 26 30.90 19.92 12.26
C LEU A 26 29.77 20.67 12.96
N ARG A 27 29.25 20.07 14.03
CA ARG A 27 28.26 20.71 14.87
C ARG A 27 28.90 21.86 15.67
N PRO A 28 28.10 22.83 16.12
CA PRO A 28 28.64 23.86 17.02
C PRO A 28 29.10 23.25 18.33
N ASP A 29 30.26 23.74 18.82
CA ASP A 29 30.97 23.20 19.98
C ASP A 29 31.21 21.70 19.83
N PHE A 30 31.86 21.32 18.72
CA PHE A 30 32.06 19.91 18.39
C PHE A 30 32.99 19.23 19.38
N GLY A 31 34.15 19.84 19.65
CA GLY A 31 35.05 19.32 20.63
C GLY A 31 34.84 19.95 22.00
N GLY A 32 33.65 19.77 22.57
CA GLY A 32 33.34 20.38 23.84
C GLY A 32 31.99 19.96 24.39
N PRO A 33 31.31 20.89 25.06
CA PRO A 33 30.03 20.58 25.70
C PRO A 33 28.94 20.35 24.67
N PRO A 34 27.89 19.60 25.02
CA PRO A 34 26.77 19.42 24.10
C PRO A 34 25.99 20.71 23.88
N VAL A 35 25.38 20.82 22.72
CA VAL A 35 24.56 21.97 22.36
C VAL A 35 23.11 21.67 22.71
N ALA A 36 22.39 22.68 23.19
CA ALA A 36 21.02 22.53 23.65
C ALA A 36 20.06 22.93 22.55
N VAL A 37 19.06 22.09 22.28
CA VAL A 37 18.07 22.33 21.25
C VAL A 37 16.71 22.41 21.91
N GLY A 38 16.04 23.55 21.78
CA GLY A 38 14.69 23.71 22.28
C GLY A 38 13.67 23.56 21.17
N MET A 39 12.54 22.93 21.50
CA MET A 39 11.55 22.57 20.50
C MET A 39 10.18 23.11 20.87
N ASN A 40 9.48 23.65 19.86
CA ASN A 40 8.08 24.02 19.99
C ASN A 40 7.31 23.41 18.84
N ILE A 41 6.12 22.90 19.12
CA ILE A 41 5.27 22.27 18.12
C ILE A 41 3.92 22.97 18.14
N ASP A 42 3.49 23.47 16.99
CA ASP A 42 2.16 24.04 16.82
C ASP A 42 1.38 23.13 15.88
N ILE A 43 0.47 22.34 16.44
CA ILE A 43 -0.30 21.39 15.66
C ILE A 43 -1.32 22.13 14.81
N ALA A 44 -1.27 21.90 13.50
CA ALA A 44 -2.24 22.49 12.59
C ALA A 44 -3.53 21.67 12.51
N SER A 45 -3.41 20.35 12.43
CA SER A 45 -4.55 19.45 12.37
C SER A 45 -4.08 18.03 12.66
N ILE A 46 -5.03 17.19 13.09
CA ILE A 46 -4.84 15.75 13.17
C ILE A 46 -5.90 15.14 12.26
N ASP A 47 -5.46 14.64 11.10
CA ASP A 47 -6.40 14.39 10.02
C ASP A 47 -7.16 13.08 10.17
N MET A 48 -6.46 11.96 10.11
CA MET A 48 -7.09 10.65 10.03
C MET A 48 -6.48 9.71 11.06
N VAL A 49 -7.25 9.37 12.09
CA VAL A 49 -6.84 8.33 13.04
C VAL A 49 -7.43 7.04 12.49
N SER A 50 -6.63 6.34 11.68
CA SER A 50 -7.07 5.12 11.02
C SER A 50 -6.79 3.93 11.91
N GLU A 51 -7.85 3.24 12.33
CA GLU A 51 -7.68 2.04 13.13
C GLU A 51 -7.21 0.86 12.30
N VAL A 52 -7.49 0.87 10.99
CA VAL A 52 -7.09 -0.23 10.13
C VAL A 52 -5.58 -0.25 9.94
N ASN A 53 -4.99 0.90 9.67
CA ASN A 53 -3.56 0.99 9.42
C ASN A 53 -2.76 1.32 10.67
N MET A 54 -3.43 1.45 11.83
CA MET A 54 -2.81 1.60 13.15
C MET A 54 -1.93 2.84 13.25
N ASP A 55 -2.42 3.97 12.73
CA ASP A 55 -1.62 5.19 12.66
C ASP A 55 -2.52 6.40 12.66
N TYR A 56 -1.91 7.57 12.80
CA TYR A 56 -2.60 8.84 12.75
C TYR A 56 -1.76 9.84 11.97
N THR A 57 -2.42 10.75 11.27
CA THR A 57 -1.76 11.75 10.44
C THR A 57 -1.74 13.08 11.18
N LEU A 58 -0.56 13.67 11.32
CA LEU A 58 -0.38 14.87 12.13
C LEU A 58 0.36 15.92 11.32
N THR A 59 -0.18 17.14 11.31
CA THR A 59 0.43 18.27 10.63
C THR A 59 0.82 19.32 11.66
N MET A 60 2.09 19.72 11.67
CA MET A 60 2.61 20.55 12.74
C MET A 60 3.54 21.61 12.20
N TYR A 61 3.78 22.64 13.02
CA TYR A 61 4.79 23.66 12.76
C TYR A 61 6.00 23.33 13.65
N PHE A 62 6.83 22.41 13.18
CA PHE A 62 7.93 21.91 13.99
C PHE A 62 9.07 22.90 13.98
N GLN A 63 9.38 23.46 15.14
CA GLN A 63 10.41 24.49 15.28
C GLN A 63 11.49 24.04 16.24
N GLN A 64 12.74 24.34 15.89
CA GLN A 64 13.89 24.05 16.73
C GLN A 64 14.69 25.31 16.96
N ALA A 65 15.37 25.37 18.10
CA ALA A 65 16.17 26.55 18.45
C ALA A 65 17.41 26.10 19.21
N TRP A 66 18.58 26.46 18.68
CA TRP A 66 19.84 26.18 19.34
C TRP A 66 20.70 27.43 19.24
N ARG A 67 21.96 27.31 19.65
CA ARG A 67 22.88 28.46 19.69
C ARG A 67 24.18 28.07 18.99
N ASP A 68 24.47 28.75 17.88
CA ASP A 68 25.72 28.56 17.14
C ASP A 68 26.54 29.83 17.28
N LYS A 69 27.73 29.70 17.87
CA LYS A 69 28.58 30.87 18.07
C LYS A 69 29.25 31.33 16.78
N ARG A 70 29.33 30.48 15.76
CA ARG A 70 29.92 30.90 14.50
C ARG A 70 29.00 31.86 13.74
N LEU A 71 27.70 31.74 13.93
CA LEU A 71 26.73 32.61 13.28
C LEU A 71 26.40 33.82 14.14
N SER A 72 27.41 34.60 14.49
CA SER A 72 27.26 35.77 15.35
C SER A 72 27.62 37.03 14.57
N TYR A 73 26.74 38.03 14.66
CA TYR A 73 26.96 39.32 14.02
C TYR A 73 26.64 40.44 14.99
N ASN A 74 27.21 41.61 14.72
CA ASN A 74 27.20 42.71 15.66
C ASN A 74 26.67 44.01 15.07
N VAL A 75 26.93 44.27 13.78
CA VAL A 75 26.74 45.62 13.25
C VAL A 75 25.26 45.89 12.97
N ILE A 76 24.49 44.86 12.66
CA ILE A 76 23.08 45.08 12.31
C ILE A 76 22.19 44.81 13.51
N PRO A 77 21.32 45.75 13.90
CA PRO A 77 20.46 45.53 15.05
C PRO A 77 19.08 44.97 14.72
N LEU A 78 19.02 43.84 14.02
CA LEU A 78 17.74 43.26 13.66
C LEU A 78 17.85 41.74 13.60
N ASN A 79 16.70 41.07 13.71
CA ASN A 79 16.61 39.59 13.65
C ASN A 79 16.58 39.18 12.19
N LEU A 80 17.69 38.70 11.63
CA LEU A 80 17.82 38.34 10.23
C LEU A 80 16.93 37.15 9.90
N THR A 81 16.15 37.29 8.85
CA THR A 81 15.30 36.21 8.34
C THR A 81 15.72 35.96 6.90
N LEU A 82 16.57 34.96 6.70
CA LEU A 82 17.10 34.65 5.38
C LEU A 82 16.10 33.81 4.61
N ASP A 83 16.45 33.51 3.35
CA ASP A 83 15.62 32.64 2.53
C ASP A 83 15.73 31.20 3.02
N ASN A 84 14.82 30.35 2.54
CA ASN A 84 14.78 28.98 3.01
C ASN A 84 15.88 28.10 2.43
N ARG A 85 16.65 28.60 1.46
CA ARG A 85 17.70 27.80 0.85
C ARG A 85 19.05 27.93 1.55
N VAL A 86 19.15 28.72 2.61
CA VAL A 86 20.40 28.80 3.36
C VAL A 86 20.52 27.65 4.34
N ALA A 87 19.43 26.93 4.60
CA ALA A 87 19.44 25.80 5.53
C ALA A 87 20.27 24.63 5.02
N ASP A 88 20.56 24.57 3.72
CA ASP A 88 21.47 23.58 3.19
C ASP A 88 22.93 23.99 3.33
N GLN A 89 23.21 25.19 3.83
CA GLN A 89 24.57 25.64 4.08
C GLN A 89 24.87 25.89 5.55
N LEU A 90 23.91 25.62 6.43
CA LEU A 90 24.11 25.74 7.86
C LEU A 90 23.94 24.38 8.52
N TRP A 91 24.53 24.23 9.71
CA TRP A 91 24.32 23.02 10.48
C TRP A 91 22.92 22.99 11.06
N VAL A 92 22.25 21.85 10.92
CA VAL A 92 20.94 21.62 11.54
C VAL A 92 21.01 20.27 12.25
N PRO A 93 20.24 20.06 13.32
CA PRO A 93 20.22 18.74 13.96
C PRO A 93 19.54 17.70 13.09
N ASP A 94 19.82 16.44 13.40
CA ASP A 94 19.39 15.29 12.60
C ASP A 94 18.16 14.63 13.21
N THR A 95 17.24 15.44 13.73
CA THR A 95 16.03 15.02 14.41
C THR A 95 15.16 14.11 13.54
N TYR A 96 14.78 12.95 14.07
CA TYR A 96 13.90 12.04 13.35
C TYR A 96 12.81 11.58 14.30
N PHE A 97 11.64 11.30 13.73
CA PHE A 97 10.54 10.71 14.47
C PHE A 97 10.66 9.20 14.30
N LEU A 98 10.68 8.48 15.42
CA LEU A 98 10.95 7.04 15.35
C LEU A 98 9.73 6.26 14.86
N ASN A 99 8.52 6.70 15.20
CA ASN A 99 7.33 5.93 14.91
C ASN A 99 6.61 6.41 13.66
N ASP A 100 7.26 7.20 12.81
CA ASP A 100 6.61 7.67 11.60
C ASP A 100 6.55 6.58 10.55
N LYS A 101 5.73 6.79 9.53
CA LYS A 101 5.66 5.85 8.41
C LYS A 101 5.91 6.59 7.11
N LYS A 102 5.41 7.81 6.99
CA LYS A 102 5.72 8.66 5.86
C LYS A 102 5.62 10.11 6.31
N SER A 103 6.54 10.94 5.81
CA SER A 103 6.56 12.35 6.16
C SER A 103 7.04 13.14 4.95
N PHE A 104 6.60 14.39 4.85
CA PHE A 104 7.01 15.25 3.75
C PHE A 104 6.88 16.70 4.22
N VAL A 105 7.88 17.51 3.93
CA VAL A 105 7.79 18.96 4.09
C VAL A 105 7.05 19.48 2.87
N HIS A 106 6.05 20.33 3.09
CA HIS A 106 5.24 20.85 1.99
C HIS A 106 6.07 21.79 1.11
N GLY A 107 5.88 21.65 -0.20
CA GLY A 107 6.71 22.37 -1.14
C GLY A 107 5.94 23.32 -2.05
N VAL A 108 4.89 23.93 -1.54
CA VAL A 108 4.11 24.92 -2.28
C VAL A 108 4.07 26.20 -1.46
N THR A 109 4.51 27.31 -2.05
CA THR A 109 5.07 27.43 -3.40
C THR A 109 6.55 27.14 -3.40
N VAL A 110 7.18 27.29 -2.23
CA VAL A 110 8.55 26.85 -2.02
C VAL A 110 8.53 25.84 -0.89
N LYS A 111 9.70 25.33 -0.51
CA LYS A 111 9.78 24.39 0.60
C LYS A 111 9.47 25.10 1.91
N ASN A 112 8.50 24.58 2.65
CA ASN A 112 7.99 25.24 3.86
C ASN A 112 9.00 25.06 4.99
N ARG A 113 10.01 25.91 4.97
CA ARG A 113 11.00 25.94 6.05
C ARG A 113 11.51 27.36 6.21
N MET A 114 12.07 27.64 7.38
CA MET A 114 12.38 28.99 7.79
C MET A 114 13.69 28.99 8.57
N ILE A 115 14.59 29.91 8.21
CA ILE A 115 15.82 30.13 8.96
C ILE A 115 15.78 31.57 9.45
N ARG A 116 15.87 31.75 10.77
CA ARG A 116 15.92 33.07 11.37
C ARG A 116 17.11 33.13 12.31
N LEU A 117 18.02 34.06 12.06
CA LEU A 117 19.18 34.24 12.91
C LEU A 117 18.92 35.34 13.94
N HIS A 118 19.80 35.41 14.93
CA HIS A 118 19.74 36.41 15.98
C HIS A 118 21.13 36.98 16.19
N PRO A 119 21.24 38.21 16.71
CA PRO A 119 22.58 38.80 16.94
C PRO A 119 23.44 38.07 17.97
N ASP A 120 22.83 37.30 18.87
CA ASP A 120 23.60 36.56 19.86
C ASP A 120 24.02 35.18 19.38
N GLY A 121 23.66 34.81 18.15
CA GLY A 121 23.99 33.52 17.61
C GLY A 121 22.89 32.49 17.63
N THR A 122 21.73 32.83 18.21
CA THR A 122 20.62 31.90 18.25
C THR A 122 20.02 31.72 16.87
N VAL A 123 19.77 30.46 16.50
CA VAL A 123 19.18 30.12 15.21
C VAL A 123 17.84 29.46 15.45
N LEU A 124 16.80 29.98 14.82
CA LEU A 124 15.46 29.41 14.91
C LEU A 124 15.12 28.76 13.56
N TYR A 125 14.81 27.47 13.59
CA TYR A 125 14.63 26.68 12.39
C TYR A 125 13.27 25.99 12.48
N GLY A 126 12.34 26.39 11.62
CA GLY A 126 10.98 25.91 11.66
C GLY A 126 10.65 25.10 10.41
N LEU A 127 9.71 24.16 10.56
CA LEU A 127 9.33 23.27 9.48
C LEU A 127 7.84 22.96 9.57
N ARG A 128 7.17 22.95 8.43
CA ARG A 128 5.78 22.51 8.34
C ARG A 128 5.77 21.07 7.87
N ILE A 129 5.55 20.15 8.80
CA ILE A 129 5.73 18.72 8.56
C ILE A 129 4.38 18.03 8.70
N THR A 130 3.98 17.29 7.68
CA THR A 130 2.85 16.39 7.74
C THR A 130 3.40 14.98 7.83
N THR A 131 3.16 14.32 8.97
CA THR A 131 3.71 13.00 9.22
C THR A 131 2.57 12.04 9.57
N THR A 132 2.84 10.76 9.36
CA THR A 132 1.87 9.69 9.65
C THR A 132 2.54 8.77 10.66
N ALA A 133 2.39 9.08 11.94
CA ALA A 133 3.04 8.35 13.01
C ALA A 133 2.23 7.11 13.36
N ALA A 134 2.92 5.99 13.53
CA ALA A 134 2.25 4.75 13.92
C ALA A 134 1.83 4.80 15.38
N CYS A 135 0.70 4.18 15.69
CA CYS A 135 0.15 4.22 17.05
C CYS A 135 -0.58 2.90 17.28
N MET A 136 0.00 2.04 18.10
CA MET A 136 -0.63 0.76 18.41
C MET A 136 -1.80 0.97 19.35
N MET A 137 -2.93 0.37 19.02
CA MET A 137 -4.19 0.60 19.73
C MET A 137 -4.66 -0.69 20.38
N ASP A 138 -5.01 -0.60 21.66
CA ASP A 138 -5.63 -1.72 22.37
C ASP A 138 -7.13 -1.62 22.17
N LEU A 139 -7.65 -2.45 21.27
CA LEU A 139 -9.05 -2.36 20.87
C LEU A 139 -9.94 -3.30 21.67
N ARG A 140 -9.52 -3.65 22.88
CA ARG A 140 -10.32 -4.58 23.69
C ARG A 140 -11.61 -3.95 24.17
N ARG A 141 -11.57 -2.67 24.54
CA ARG A 141 -12.73 -1.97 25.05
C ARG A 141 -13.46 -1.17 23.98
N TYR A 142 -13.18 -1.45 22.71
CA TYR A 142 -13.81 -0.73 21.60
C TYR A 142 -15.29 -1.08 21.54
N PRO A 143 -16.18 -0.11 21.27
CA PRO A 143 -15.93 1.30 20.97
C PRO A 143 -16.04 2.22 22.18
N LEU A 144 -15.64 1.79 23.37
CA LEU A 144 -15.59 2.69 24.52
C LEU A 144 -14.15 2.80 24.99
N ASP A 145 -13.22 2.73 24.05
CA ASP A 145 -11.80 2.60 24.32
C ASP A 145 -11.20 3.97 24.67
N GLU A 146 -9.91 3.97 24.99
CA GLU A 146 -9.17 5.17 25.37
C GLU A 146 -7.72 4.97 24.89
N GLN A 147 -7.42 5.52 23.73
CA GLN A 147 -6.12 5.27 23.11
C GLN A 147 -5.13 6.36 23.48
N ASN A 148 -3.86 5.97 23.53
CA ASN A 148 -2.74 6.86 23.84
C ASN A 148 -1.79 6.80 22.66
N CYS A 149 -1.88 7.77 21.77
CA CYS A 149 -1.00 7.87 20.62
C CYS A 149 0.17 8.80 20.92
N THR A 150 1.35 8.40 20.45
CA THR A 150 2.57 9.10 20.79
C THR A 150 3.24 9.61 19.53
N LEU A 151 4.28 10.42 19.73
CA LEU A 151 5.17 10.86 18.66
C LEU A 151 6.55 11.06 19.29
N GLU A 152 7.48 10.17 18.97
CA GLU A 152 8.76 10.11 19.66
C GLU A 152 9.80 10.88 18.86
N ILE A 153 10.18 12.05 19.35
CA ILE A 153 11.19 12.89 18.73
C ILE A 153 12.54 12.51 19.30
N GLU A 154 13.52 12.27 18.42
CA GLU A 154 14.80 11.74 18.86
C GLU A 154 15.88 12.17 17.88
N SER A 155 17.08 12.41 18.40
CA SER A 155 18.24 12.57 17.54
C SER A 155 18.71 11.21 17.05
N TYR A 156 19.39 11.21 15.89
CA TYR A 156 19.83 9.96 15.29
C TYR A 156 21.31 9.69 15.48
N GLY A 157 22.17 10.60 15.04
CA GLY A 157 23.59 10.32 15.05
C GLY A 157 24.38 11.08 16.09
N TYR A 158 23.72 11.57 17.13
CA TYR A 158 24.38 12.39 18.14
C TYR A 158 24.05 11.87 19.52
N THR A 159 25.09 11.40 20.22
CA THR A 159 24.99 10.86 21.56
C THR A 159 24.71 12.02 22.53
N THR A 160 24.24 11.70 23.74
CA THR A 160 23.76 12.69 24.72
C THR A 160 24.83 13.67 25.19
N ASP A 161 26.11 13.40 24.95
CA ASP A 161 27.16 14.38 25.21
C ASP A 161 27.43 15.25 23.99
N ASP A 162 26.61 15.16 22.94
CA ASP A 162 26.70 16.03 21.78
C ASP A 162 25.48 16.92 21.61
N ILE A 163 24.29 16.41 21.85
CA ILE A 163 23.04 17.17 21.70
C ILE A 163 22.14 16.87 22.88
N GLU A 164 21.63 17.92 23.52
CA GLU A 164 20.64 17.79 24.58
C GLU A 164 19.32 18.40 24.11
N PHE A 165 18.25 17.63 24.21
CA PHE A 165 16.92 18.08 23.85
C PHE A 165 16.17 18.56 25.08
N TYR A 166 15.33 19.58 24.90
CA TYR A 166 14.46 20.06 25.95
C TYR A 166 13.28 20.79 25.33
N TRP A 167 12.13 20.72 26.00
CA TRP A 167 10.95 21.46 25.57
C TRP A 167 11.13 22.93 25.97
N ARG A 168 11.17 23.82 24.98
CA ARG A 168 11.35 25.23 25.26
C ARG A 168 10.06 25.83 25.79
N GLY A 169 10.15 26.49 26.93
CA GLY A 169 8.97 27.04 27.58
C GLY A 169 7.99 26.01 28.09
N ASP A 170 8.51 24.93 28.71
CA ASP A 170 7.85 23.79 29.35
C ASP A 170 6.52 23.35 28.73
N ASP A 171 5.44 23.40 29.51
CA ASP A 171 4.13 22.95 29.05
C ASP A 171 3.52 23.87 28.00
N ASN A 172 4.03 25.08 27.82
CA ASN A 172 3.61 25.97 26.75
C ASN A 172 4.41 25.78 25.48
N ALA A 173 5.30 24.78 25.44
CA ALA A 173 6.05 24.52 24.22
C ALA A 173 5.17 23.95 23.12
N VAL A 174 4.15 23.19 23.49
CA VAL A 174 3.23 22.57 22.54
C VAL A 174 1.88 23.29 22.65
N THR A 175 1.44 23.87 21.54
CA THR A 175 0.21 24.63 21.47
C THR A 175 -0.75 23.99 20.49
N GLY A 176 -1.96 24.54 20.42
CA GLY A 176 -2.93 24.08 19.45
C GLY A 176 -3.62 22.78 19.81
N VAL A 177 -3.48 22.31 21.04
CA VAL A 177 -4.11 21.06 21.46
C VAL A 177 -5.55 21.31 21.92
N THR A 178 -5.84 22.52 22.41
CA THR A 178 -7.19 22.86 22.88
C THR A 178 -8.21 22.85 21.73
N LYS A 179 -7.75 23.15 20.52
CA LYS A 179 -8.63 23.05 19.32
C LYS A 179 -8.55 21.60 18.83
N ILE A 180 -8.33 21.34 17.54
CA ILE A 180 -8.16 19.97 16.98
C ILE A 180 -9.29 18.94 17.09
N GLU A 181 -10.42 19.21 16.46
CA GLU A 181 -11.70 18.48 16.68
C GLU A 181 -11.71 17.26 15.75
N LEU A 182 -11.41 16.08 16.28
CA LEU A 182 -11.43 14.83 15.48
C LEU A 182 -12.90 14.43 15.23
N PRO A 183 -13.24 13.96 14.03
CA PRO A 183 -14.60 13.54 13.67
C PRO A 183 -15.27 12.59 14.65
N GLN A 184 -14.52 11.64 15.20
CA GLN A 184 -15.10 10.69 16.13
C GLN A 184 -14.36 10.59 17.46
N PHE A 185 -13.15 11.14 17.55
CA PHE A 185 -12.42 11.14 18.80
C PHE A 185 -12.54 12.50 19.48
N SER A 186 -11.90 12.63 20.64
CA SER A 186 -11.86 13.90 21.37
C SER A 186 -10.62 13.90 22.23
N ILE A 187 -9.84 14.98 22.16
CA ILE A 187 -8.60 15.06 22.92
C ILE A 187 -8.91 15.32 24.38
N VAL A 188 -8.45 14.44 25.26
CA VAL A 188 -8.66 14.59 26.69
C VAL A 188 -7.49 15.27 27.35
N ASP A 189 -6.29 14.72 27.19
CA ASP A 189 -5.11 15.29 27.81
C ASP A 189 -3.90 14.98 26.94
N TYR A 190 -2.91 15.88 27.01
CA TYR A 190 -1.66 15.75 26.27
C TYR A 190 -0.51 15.94 27.24
N LYS A 191 0.55 15.16 27.07
CA LYS A 191 1.67 15.16 27.99
C LYS A 191 2.99 15.25 27.23
N LEU A 192 3.99 15.83 27.90
CA LEU A 192 5.31 16.03 27.32
C LEU A 192 6.33 15.32 28.21
N ILE A 193 7.11 14.42 27.62
CA ILE A 193 8.06 13.59 28.35
C ILE A 193 9.46 13.85 27.83
N THR A 194 10.39 14.12 28.74
CA THR A 194 11.80 14.30 28.40
C THR A 194 12.58 13.15 29.03
N LYS A 195 13.10 12.25 28.22
CA LYS A 195 13.85 11.11 28.73
C LYS A 195 15.06 10.84 27.83
N LYS A 196 15.76 9.76 28.13
CA LYS A 196 16.93 9.33 27.36
C LYS A 196 16.80 7.84 27.09
N VAL A 197 16.96 7.44 25.85
CA VAL A 197 16.95 6.03 25.49
C VAL A 197 18.37 5.56 25.26
N VAL A 198 18.60 4.28 25.47
CA VAL A 198 19.93 3.68 25.34
C VAL A 198 19.85 2.59 24.28
N PHE A 199 20.64 2.74 23.22
CA PHE A 199 20.78 1.73 22.20
C PHE A 199 22.18 1.14 22.22
N SER A 200 22.47 0.29 21.25
CA SER A 200 23.76 -0.38 21.16
C SER A 200 24.90 0.54 20.76
N THR A 201 24.63 1.73 20.21
CA THR A 201 25.68 2.66 19.84
C THR A 201 25.87 3.79 20.84
N GLY A 202 25.09 3.85 21.90
CA GLY A 202 25.21 4.90 22.88
C GLY A 202 23.83 5.28 23.40
N SER A 203 23.79 6.40 24.12
CA SER A 203 22.56 6.94 24.67
C SER A 203 22.15 8.15 23.84
N TYR A 204 20.86 8.28 23.59
CA TYR A 204 20.34 9.36 22.77
C TYR A 204 19.20 10.08 23.49
N PRO A 205 19.12 11.41 23.37
CA PRO A 205 18.02 12.15 23.99
C PRO A 205 16.73 11.93 23.24
N ARG A 206 15.61 12.07 23.96
CA ARG A 206 14.32 11.83 23.35
C ARG A 206 13.27 12.73 23.99
N LEU A 207 12.50 13.42 23.15
CA LEU A 207 11.29 14.10 23.58
C LEU A 207 10.09 13.33 23.07
N SER A 208 9.01 13.34 23.85
CA SER A 208 7.82 12.58 23.50
C SER A 208 6.60 13.46 23.67
N LEU A 209 5.85 13.63 22.58
CA LEU A 209 4.55 14.28 22.61
C LEU A 209 3.49 13.19 22.48
N SER A 210 2.57 13.12 23.44
CA SER A 210 1.60 12.04 23.49
C SER A 210 0.25 12.57 23.92
N PHE A 211 -0.78 12.22 23.16
CA PHE A 211 -2.15 12.60 23.46
C PHE A 211 -2.92 11.39 23.99
N LYS A 212 -3.97 11.65 24.75
CA LYS A 212 -4.89 10.61 25.19
C LYS A 212 -6.22 10.84 24.47
N LEU A 213 -6.53 9.98 23.53
CA LEU A 213 -7.74 10.11 22.73
C LEU A 213 -8.83 9.23 23.29
N LYS A 214 -9.95 9.85 23.64
CA LYS A 214 -11.18 9.13 23.98
C LYS A 214 -12.13 9.20 22.79
N ARG A 215 -12.95 8.16 22.66
CA ARG A 215 -13.82 7.99 21.50
C ARG A 215 -15.22 8.47 21.85
N ASN A 216 -15.79 9.31 20.99
CA ASN A 216 -17.18 9.69 21.14
C ASN A 216 -18.08 8.50 20.82
N ILE A 217 -19.05 8.27 21.70
CA ILE A 217 -19.78 7.00 21.71
C ILE A 217 -21.12 7.04 21.00
N GLY A 218 -21.63 8.23 20.68
CA GLY A 218 -22.99 8.34 20.17
C GLY A 218 -23.20 7.74 18.79
N TYR A 219 -22.23 7.96 17.89
CA TYR A 219 -22.33 7.44 16.53
C TYR A 219 -22.25 5.91 16.50
N PHE A 220 -21.36 5.34 17.31
CA PHE A 220 -21.26 3.89 17.39
C PHE A 220 -22.41 3.27 18.17
N ILE A 221 -23.04 4.00 19.09
CA ILE A 221 -24.28 3.54 19.71
C ILE A 221 -25.41 3.50 18.68
N LEU A 222 -25.50 4.54 17.85
CA LEU A 222 -26.61 4.62 16.90
C LEU A 222 -26.46 3.60 15.78
N GLN A 223 -25.28 3.48 15.18
CA GLN A 223 -25.18 2.66 13.98
C GLN A 223 -24.89 1.18 14.28
N THR A 224 -24.51 0.83 15.50
CA THR A 224 -24.27 -0.57 15.84
C THR A 224 -25.18 -1.08 16.94
N TYR A 225 -25.23 -0.38 18.08
CA TYR A 225 -25.83 -0.95 19.28
C TYR A 225 -27.35 -1.04 19.16
N MET A 226 -27.99 0.06 18.73
CA MET A 226 -29.45 0.12 18.65
C MET A 226 -30.10 -0.95 17.75
N PRO A 227 -29.56 -1.32 16.57
CA PRO A 227 -30.12 -2.50 15.88
C PRO A 227 -30.01 -3.81 16.64
N SER A 228 -29.03 -3.96 17.54
CA SER A 228 -28.91 -5.23 18.28
C SER A 228 -30.04 -5.42 19.28
N ILE A 229 -30.32 -4.38 20.10
CA ILE A 229 -31.47 -4.42 21.00
C ILE A 229 -32.77 -4.48 20.20
N LEU A 230 -32.79 -3.81 19.05
CA LEU A 230 -33.97 -3.82 18.19
C LEU A 230 -34.30 -5.23 17.67
N ILE A 231 -33.29 -5.94 17.18
CA ILE A 231 -33.48 -7.30 16.68
C ILE A 231 -33.80 -8.25 17.84
N THR A 232 -33.27 -7.97 19.03
CA THR A 232 -33.64 -8.78 20.20
C THR A 232 -35.11 -8.63 20.57
N ILE A 233 -35.62 -7.39 20.54
CA ILE A 233 -37.05 -7.16 20.82
C ILE A 233 -37.91 -7.75 19.70
N LEU A 234 -37.45 -7.64 18.46
CA LEU A 234 -38.16 -8.22 17.33
C LEU A 234 -38.21 -9.74 17.40
N SER A 235 -37.17 -10.36 17.97
CA SER A 235 -37.22 -11.78 18.25
C SER A 235 -38.18 -12.09 19.39
N TRP A 236 -38.28 -11.18 20.37
CA TRP A 236 -39.27 -11.37 21.43
C TRP A 236 -40.70 -11.20 20.95
N VAL A 237 -40.92 -10.55 19.81
CA VAL A 237 -42.27 -10.36 19.26
C VAL A 237 -42.95 -11.70 18.98
N SER A 238 -42.17 -12.72 18.59
CA SER A 238 -42.70 -14.05 18.30
C SER A 238 -43.30 -14.75 19.52
N PHE A 239 -43.01 -14.29 20.73
CA PHE A 239 -43.60 -14.90 21.92
C PHE A 239 -45.10 -14.66 22.00
N TRP A 240 -45.58 -13.52 21.50
CA TRP A 240 -47.00 -13.21 21.56
C TRP A 240 -47.82 -14.00 20.54
N ILE A 241 -47.19 -14.54 19.51
CA ILE A 241 -47.89 -15.34 18.50
C ILE A 241 -48.18 -16.72 19.09
N ASN A 242 -49.33 -17.28 18.72
CA ASN A 242 -49.76 -18.56 19.26
C ASN A 242 -48.92 -19.71 18.71
N TYR A 243 -49.13 -20.90 19.29
CA TYR A 243 -48.28 -22.05 18.99
C TYR A 243 -48.50 -22.59 17.59
N ASP A 244 -49.72 -22.51 17.06
CA ASP A 244 -50.05 -23.18 15.82
C ASP A 244 -49.46 -22.47 14.60
N ALA A 245 -49.21 -21.16 14.69
CA ALA A 245 -48.61 -20.41 13.59
C ALA A 245 -47.11 -20.68 13.60
N SER A 246 -46.72 -21.82 13.03
CA SER A 246 -45.32 -22.23 13.06
C SER A 246 -44.48 -21.43 12.08
N ALA A 247 -45.02 -21.17 10.89
CA ALA A 247 -44.27 -20.52 9.82
C ALA A 247 -43.88 -19.09 10.18
N ALA A 248 -44.80 -18.35 10.81
CA ALA A 248 -44.54 -16.96 11.15
C ALA A 248 -43.48 -16.83 12.23
N ARG A 249 -43.60 -17.63 13.30
CA ARG A 249 -42.62 -17.58 14.39
C ARG A 249 -41.25 -18.07 13.95
N VAL A 250 -41.22 -19.14 13.14
CA VAL A 250 -39.94 -19.67 12.67
C VAL A 250 -39.27 -18.69 11.70
N ALA A 251 -40.05 -18.07 10.82
CA ALA A 251 -39.51 -17.08 9.90
C ALA A 251 -38.99 -15.85 10.65
N LEU A 252 -39.69 -15.42 11.70
CA LEU A 252 -39.24 -14.29 12.50
C LEU A 252 -37.94 -14.60 13.23
N GLY A 253 -37.85 -15.80 13.84
CA GLY A 253 -36.63 -16.19 14.51
C GLY A 253 -35.45 -16.34 13.56
N ILE A 254 -35.70 -16.90 12.39
CA ILE A 254 -34.66 -17.06 11.37
C ILE A 254 -34.17 -15.71 10.86
N THR A 255 -35.09 -14.77 10.58
CA THR A 255 -34.66 -13.47 10.10
C THR A 255 -33.89 -12.69 11.16
N THR A 256 -34.27 -12.83 12.43
CA THR A 256 -33.52 -12.17 13.49
C THR A 256 -32.11 -12.74 13.64
N VAL A 257 -31.97 -14.08 13.65
CA VAL A 257 -30.63 -14.65 13.83
C VAL A 257 -29.74 -14.41 12.60
N LEU A 258 -30.31 -14.48 11.38
CA LEU A 258 -29.50 -14.21 10.20
C LEU A 258 -29.10 -12.75 10.07
N THR A 259 -29.96 -11.80 10.43
CA THR A 259 -29.49 -10.42 10.31
C THR A 259 -28.62 -9.99 11.46
N MET A 260 -28.73 -10.63 12.63
CA MET A 260 -27.72 -10.45 13.66
C MET A 260 -26.36 -10.97 13.19
N THR A 261 -26.35 -12.14 12.55
CA THR A 261 -25.12 -12.68 11.97
C THR A 261 -24.60 -11.78 10.84
N THR A 262 -25.51 -11.22 10.06
CA THR A 262 -25.14 -10.38 8.93
C THR A 262 -24.51 -9.07 9.39
N ILE A 263 -25.10 -8.42 10.38
CA ILE A 263 -24.52 -7.18 10.90
C ILE A 263 -23.26 -7.49 11.70
N ASN A 264 -23.14 -8.69 12.27
CA ASN A 264 -21.91 -9.09 12.94
C ASN A 264 -20.77 -9.25 11.95
N THR A 265 -21.04 -9.90 10.81
CA THR A 265 -20.02 -10.03 9.78
C THR A 265 -19.73 -8.71 9.09
N HIS A 266 -20.73 -7.82 9.01
CA HIS A 266 -20.54 -6.53 8.37
C HIS A 266 -19.71 -5.59 9.23
N LEU A 267 -19.82 -5.70 10.56
CA LEU A 267 -19.06 -4.80 11.42
C LEU A 267 -17.58 -5.16 11.53
N ARG A 268 -17.20 -6.38 11.14
CA ARG A 268 -15.80 -6.78 11.26
C ARG A 268 -14.90 -6.18 10.18
N GLU A 269 -15.42 -6.01 8.96
CA GLU A 269 -14.59 -5.60 7.84
C GLU A 269 -14.12 -4.15 7.91
N THR A 270 -14.70 -3.34 8.80
CA THR A 270 -14.22 -1.99 9.05
C THR A 270 -13.07 -1.96 10.06
N LEU A 271 -12.66 -3.11 10.56
CA LEU A 271 -11.68 -3.26 11.62
C LEU A 271 -10.61 -4.25 11.18
N PRO A 272 -9.41 -4.20 11.78
CA PRO A 272 -8.37 -5.17 11.42
C PRO A 272 -8.70 -6.56 11.94
N LYS A 273 -7.89 -7.53 11.50
CA LYS A 273 -8.08 -8.92 11.88
C LYS A 273 -7.51 -9.16 13.29
N ILE A 274 -8.19 -8.58 14.26
CA ILE A 274 -7.67 -8.53 15.63
C ILE A 274 -7.97 -9.86 16.34
N PRO A 275 -7.01 -10.45 17.04
CA PRO A 275 -7.22 -11.76 17.67
C PRO A 275 -7.68 -11.72 19.13
N TYR A 276 -8.72 -10.95 19.41
CA TYR A 276 -9.42 -11.05 20.68
C TYR A 276 -10.84 -10.55 20.51
N VAL A 277 -11.68 -10.88 21.48
CA VAL A 277 -13.07 -10.44 21.47
C VAL A 277 -13.13 -9.00 21.97
N LYS A 278 -13.87 -8.17 21.26
CA LYS A 278 -14.07 -6.78 21.65
C LYS A 278 -15.33 -6.67 22.49
N ALA A 279 -15.55 -5.47 23.04
CA ALA A 279 -16.78 -5.23 23.80
C ALA A 279 -18.01 -5.27 22.90
N ILE A 280 -17.89 -4.74 21.68
CA ILE A 280 -18.98 -4.81 20.71
C ILE A 280 -19.23 -6.24 20.27
N ASP A 281 -18.18 -7.05 20.15
CA ASP A 281 -18.34 -8.45 19.77
C ASP A 281 -18.93 -9.26 20.93
N MET A 282 -18.59 -8.90 22.16
CA MET A 282 -19.19 -9.55 23.32
C MET A 282 -20.68 -9.24 23.42
N TYR A 283 -21.06 -7.98 23.13
CA TYR A 283 -22.46 -7.60 23.15
C TYR A 283 -23.24 -8.28 22.03
N LEU A 284 -22.63 -8.38 20.85
CA LEU A 284 -23.30 -9.07 19.74
C LEU A 284 -23.39 -10.56 20.01
N MET A 285 -22.40 -11.15 20.68
CA MET A 285 -22.47 -12.55 21.07
C MET A 285 -23.58 -12.79 22.09
N GLY A 286 -23.73 -11.87 23.05
CA GLY A 286 -24.80 -12.02 24.03
C GLY A 286 -26.18 -11.88 23.42
N CYS A 287 -26.35 -10.91 22.51
CA CYS A 287 -27.63 -10.77 21.82
C CYS A 287 -27.89 -11.94 20.88
N PHE A 288 -26.82 -12.52 20.31
CA PHE A 288 -26.96 -13.70 19.46
C PHE A 288 -27.41 -14.90 20.26
N VAL A 289 -26.87 -15.08 21.47
CA VAL A 289 -27.32 -16.15 22.36
C VAL A 289 -28.77 -15.92 22.78
N PHE A 290 -29.15 -14.66 23.01
CA PHE A 290 -30.54 -14.35 23.39
C PHE A 290 -31.52 -14.67 22.25
N VAL A 291 -31.23 -14.22 21.04
CA VAL A 291 -32.13 -14.52 19.92
C VAL A 291 -32.02 -15.96 19.45
N PHE A 292 -30.95 -16.67 19.80
CA PHE A 292 -30.88 -18.10 19.54
C PHE A 292 -31.75 -18.87 20.52
N MET A 293 -31.71 -18.48 21.80
CA MET A 293 -32.57 -19.11 22.79
C MET A 293 -34.04 -18.77 22.56
N ALA A 294 -34.31 -17.62 21.94
CA ALA A 294 -35.69 -17.27 21.56
C ALA A 294 -36.25 -18.25 20.54
N LEU A 295 -35.43 -18.65 19.57
CA LEU A 295 -35.89 -19.62 18.58
C LEU A 295 -35.93 -21.04 19.15
N LEU A 296 -34.95 -21.38 20.01
CA LEU A 296 -34.98 -22.67 20.67
C LEU A 296 -36.14 -22.82 21.65
N GLU A 297 -36.67 -21.72 22.16
CA GLU A 297 -37.88 -21.77 22.97
C GLU A 297 -39.06 -22.29 22.15
N TYR A 298 -39.23 -21.76 20.92
CA TYR A 298 -40.30 -22.24 20.07
C TYR A 298 -40.03 -23.65 19.56
N ALA A 299 -38.75 -24.00 19.38
CA ALA A 299 -38.42 -25.38 19.03
C ALA A 299 -38.83 -26.34 20.15
N LEU A 300 -38.61 -25.95 21.40
CA LEU A 300 -39.05 -26.76 22.54
C LEU A 300 -40.57 -26.84 22.62
N VAL A 301 -41.26 -25.72 22.36
CA VAL A 301 -42.73 -25.68 22.37
C VAL A 301 -43.30 -26.61 21.31
N ASN A 302 -42.75 -26.55 20.10
CA ASN A 302 -43.22 -27.44 19.03
C ASN A 302 -42.83 -28.89 19.28
N TYR A 303 -41.76 -29.14 20.06
CA TYR A 303 -41.41 -30.53 20.37
C TYR A 303 -42.33 -31.13 21.42
N ILE A 304 -42.67 -30.37 22.47
CA ILE A 304 -43.50 -30.93 23.54
C ILE A 304 -44.94 -31.14 23.07
N PHE A 305 -45.54 -30.14 22.43
CA PHE A 305 -46.97 -30.22 22.17
C PHE A 305 -47.28 -31.04 20.93
N PHE A 306 -46.77 -30.62 19.77
CA PHE A 306 -47.09 -31.32 18.53
C PHE A 306 -46.28 -32.61 18.37
N GLY A 307 -45.18 -32.75 19.08
CA GLY A 307 -44.36 -33.94 18.97
C GLY A 307 -44.80 -35.05 19.92
N ARG A 308 -45.01 -34.71 21.18
CA ARG A 308 -45.43 -35.69 22.18
C ARG A 308 -46.93 -35.63 22.42
N ASN A 460 -49.16 -22.97 26.11
CA ASN A 460 -49.12 -21.62 26.67
C ASN A 460 -48.21 -21.53 27.88
N ALA A 461 -48.06 -22.66 28.59
CA ALA A 461 -47.37 -22.67 29.88
C ALA A 461 -45.88 -22.34 29.74
N ILE A 462 -45.25 -22.84 28.68
CA ILE A 462 -43.87 -22.48 28.41
C ILE A 462 -43.79 -21.03 27.95
N ASP A 463 -44.82 -20.58 27.22
CA ASP A 463 -44.74 -19.33 26.48
C ASP A 463 -44.79 -18.11 27.39
N ARG A 464 -45.69 -18.10 28.38
CA ARG A 464 -45.84 -16.89 29.19
C ARG A 464 -44.72 -16.77 30.21
N TRP A 465 -44.04 -17.88 30.52
CA TRP A 465 -42.82 -17.80 31.31
C TRP A 465 -41.69 -17.19 30.50
N SER A 466 -41.66 -17.46 29.20
CA SER A 466 -40.65 -16.89 28.32
C SER A 466 -40.92 -15.42 28.07
N ARG A 467 -42.17 -14.99 28.23
CA ARG A 467 -42.54 -13.58 28.16
C ARG A 467 -41.95 -12.83 29.34
N ILE A 468 -41.82 -13.50 30.48
CA ILE A 468 -41.22 -12.91 31.68
C ILE A 468 -39.70 -12.99 31.57
N PHE A 469 -39.20 -14.14 31.13
CA PHE A 469 -37.79 -14.48 31.15
C PHE A 469 -36.92 -13.58 30.28
N PHE A 470 -37.26 -13.43 29.01
CA PHE A 470 -36.34 -12.81 28.06
C PHE A 470 -36.20 -11.29 28.17
N PRO A 471 -37.27 -10.46 28.41
CA PRO A 471 -36.99 -9.03 28.68
C PRO A 471 -36.20 -8.76 29.94
N VAL A 472 -36.41 -9.57 30.98
CA VAL A 472 -35.85 -9.29 32.31
C VAL A 472 -34.35 -9.58 32.34
N VAL A 473 -33.96 -10.76 31.84
CA VAL A 473 -32.57 -11.21 31.87
C VAL A 473 -31.73 -10.34 30.95
N PHE A 474 -32.30 -9.92 29.82
CA PHE A 474 -31.64 -9.00 28.90
C PHE A 474 -31.40 -7.64 29.54
N SER A 475 -32.37 -7.15 30.33
CA SER A 475 -32.17 -5.92 31.08
C SER A 475 -31.10 -6.09 32.14
N PHE A 476 -31.04 -7.26 32.79
CA PHE A 476 -29.96 -7.55 33.72
C PHE A 476 -28.62 -7.64 32.98
N PHE A 477 -28.62 -8.22 31.78
CA PHE A 477 -27.39 -8.29 30.99
C PHE A 477 -27.01 -6.90 30.47
N ASN A 478 -27.99 -6.06 30.16
CA ASN A 478 -27.70 -4.71 29.71
C ASN A 478 -27.15 -3.85 30.84
N ILE A 479 -27.58 -4.12 32.07
CA ILE A 479 -27.04 -3.39 33.22
C ILE A 479 -25.60 -3.82 33.48
N VAL A 480 -25.32 -5.12 33.36
CA VAL A 480 -23.98 -5.64 33.62
C VAL A 480 -22.98 -5.14 32.58
N TYR A 481 -23.39 -5.13 31.31
CA TYR A 481 -22.49 -4.66 30.24
C TYR A 481 -22.21 -3.18 30.35
N TRP A 482 -23.23 -2.36 30.61
CA TRP A 482 -23.06 -0.92 30.61
C TRP A 482 -22.45 -0.39 31.90
N LEU A 483 -22.29 -1.22 32.93
CA LEU A 483 -21.61 -0.80 34.15
C LEU A 483 -20.20 -1.34 34.25
N TYR A 484 -19.91 -2.48 33.63
CA TYR A 484 -18.56 -3.00 33.63
C TYR A 484 -17.65 -2.21 32.71
N TYR A 485 -18.17 -1.79 31.56
CA TYR A 485 -17.37 -1.10 30.55
C TYR A 485 -17.43 0.41 30.68
N VAL A 486 -18.15 0.94 31.66
CA VAL A 486 -18.20 2.38 31.88
C VAL A 486 -17.84 2.68 33.33
N ASP B 10 42.43 27.98 15.73
CA ASP B 10 42.65 26.72 16.44
C ASP B 10 41.43 26.33 17.25
N ASN B 11 40.44 27.22 17.29
CA ASN B 11 39.22 26.93 18.03
C ASN B 11 38.37 25.91 17.30
N THR B 12 38.24 26.03 15.99
CA THR B 12 37.42 25.14 15.19
C THR B 12 38.15 24.55 13.99
N THR B 13 39.22 25.19 13.54
CA THR B 13 39.89 24.76 12.31
C THR B 13 40.74 23.52 12.49
N VAL B 14 40.97 23.06 13.73
CA VAL B 14 41.73 21.85 13.98
C VAL B 14 41.06 20.61 13.41
N PHE B 15 39.75 20.45 13.63
CA PHE B 15 38.99 19.35 13.06
C PHE B 15 38.73 19.54 11.57
N THR B 16 38.61 20.79 11.12
CA THR B 16 38.40 21.11 9.71
C THR B 16 39.61 20.71 8.87
N ARG B 17 40.82 21.00 9.38
CA ARG B 17 42.03 20.61 8.68
C ARG B 17 42.20 19.10 8.64
N ILE B 18 41.77 18.42 9.71
CA ILE B 18 41.79 16.96 9.73
C ILE B 18 40.84 16.39 8.69
N LEU B 19 39.61 16.91 8.65
CA LEU B 19 38.62 16.41 7.69
C LEU B 19 38.99 16.73 6.25
N ASP B 20 39.74 17.82 6.04
CA ASP B 20 40.28 18.07 4.71
C ASP B 20 41.45 17.15 4.40
N ARG B 21 42.20 16.72 5.42
CA ARG B 21 43.32 15.82 5.17
C ARG B 21 42.86 14.41 4.84
N LEU B 22 41.80 13.92 5.49
CA LEU B 22 41.27 12.59 5.15
C LEU B 22 40.64 12.54 3.77
N LEU B 23 39.84 13.55 3.41
CA LEU B 23 39.12 13.49 2.15
C LEU B 23 40.02 13.77 0.96
N ASP B 24 41.22 14.32 1.19
CA ASP B 24 42.15 14.54 0.10
C ASP B 24 42.76 13.22 -0.36
N GLY B 25 42.77 13.01 -1.67
CA GLY B 25 43.34 11.80 -2.23
C GLY B 25 42.50 10.56 -2.01
N TYR B 26 41.21 10.74 -1.73
CA TYR B 26 40.30 9.62 -1.48
C TYR B 26 39.45 9.43 -2.73
N ASP B 27 39.67 8.33 -3.44
CA ASP B 27 38.82 7.95 -4.57
C ASP B 27 37.69 7.10 -4.02
N ASN B 28 36.49 7.68 -4.00
CA ASN B 28 35.34 7.03 -3.39
C ASN B 28 34.73 5.97 -4.30
N ARG B 29 35.20 5.90 -5.54
CA ARG B 29 34.74 4.89 -6.48
C ARG B 29 35.40 3.53 -6.26
N LEU B 30 36.39 3.44 -5.38
CA LEU B 30 37.16 2.23 -5.18
C LEU B 30 36.98 1.72 -3.76
N ARG B 31 36.77 0.41 -3.63
CA ARG B 31 36.68 -0.19 -2.32
C ARG B 31 38.05 -0.23 -1.65
N PRO B 32 38.12 -0.18 -0.32
CA PRO B 32 39.42 -0.26 0.36
C PRO B 32 40.02 -1.64 0.23
N GLY B 33 41.30 -1.66 -0.11
CA GLY B 33 41.99 -2.92 -0.37
C GLY B 33 41.48 -3.59 -1.63
N LEU B 34 41.60 -2.90 -2.76
CA LEU B 34 41.05 -3.36 -4.03
C LEU B 34 41.79 -4.60 -4.55
N GLY B 35 43.09 -4.46 -4.82
CA GLY B 35 43.86 -5.57 -5.34
C GLY B 35 44.68 -6.29 -4.31
N GLU B 36 44.24 -6.22 -3.05
CA GLU B 36 45.02 -6.82 -1.96
C GLU B 36 44.17 -7.66 -1.01
N ARG B 37 42.97 -7.21 -0.65
CA ARG B 37 42.22 -7.97 0.38
C ARG B 37 40.71 -7.80 0.24
N VAL B 38 39.96 -8.74 0.78
CA VAL B 38 38.50 -8.54 0.75
C VAL B 38 38.22 -7.38 1.69
N THR B 39 37.09 -6.67 1.54
CA THR B 39 36.72 -5.58 2.46
C THR B 39 35.76 -6.13 3.49
N GLU B 40 36.28 -6.68 4.57
CA GLU B 40 35.43 -7.29 5.58
C GLU B 40 34.38 -6.31 6.06
N VAL B 41 33.11 -6.70 5.94
CA VAL B 41 31.99 -5.86 6.33
C VAL B 41 31.25 -6.55 7.46
N LYS B 42 31.13 -5.87 8.59
CA LYS B 42 30.46 -6.40 9.76
C LYS B 42 29.08 -5.78 9.89
N THR B 43 28.05 -6.62 10.06
CA THR B 43 26.67 -6.20 9.92
C THR B 43 25.84 -6.70 11.09
N ASP B 44 24.93 -5.85 11.58
CA ASP B 44 23.90 -6.30 12.51
C ASP B 44 22.66 -5.43 12.31
N ILE B 45 21.52 -5.98 12.73
CA ILE B 45 20.21 -5.36 12.54
C ILE B 45 19.55 -5.21 13.90
N PHE B 46 19.05 -4.01 14.19
CA PHE B 46 18.22 -3.77 15.37
C PHE B 46 16.80 -3.49 14.88
N VAL B 47 15.95 -4.51 14.94
CA VAL B 47 14.58 -4.38 14.44
C VAL B 47 13.76 -3.58 15.46
N THR B 48 13.41 -2.35 15.11
CA THR B 48 12.61 -1.52 16.00
C THR B 48 11.15 -1.92 16.03
N SER B 49 10.59 -2.31 14.89
CA SER B 49 9.16 -2.62 14.84
C SER B 49 8.91 -3.57 13.68
N PHE B 50 8.56 -4.81 14.00
CA PHE B 50 8.10 -5.76 12.99
C PHE B 50 6.68 -5.37 12.60
N GLY B 51 6.52 -4.82 11.39
CA GLY B 51 5.27 -4.24 10.97
C GLY B 51 4.23 -5.25 10.59
N PRO B 52 3.11 -4.77 10.03
CA PRO B 52 2.02 -5.68 9.67
C PRO B 52 2.37 -6.57 8.49
N VAL B 53 1.84 -7.79 8.51
CA VAL B 53 2.07 -8.77 7.47
C VAL B 53 0.81 -8.85 6.61
N SER B 54 0.94 -8.54 5.33
CA SER B 54 -0.17 -8.61 4.40
C SER B 54 -0.22 -10.02 3.83
N ASP B 55 -1.28 -10.76 4.19
CA ASP B 55 -1.45 -12.11 3.68
C ASP B 55 -1.75 -12.10 2.18
N HIS B 56 -2.53 -11.11 1.74
CA HIS B 56 -2.98 -11.03 0.35
C HIS B 56 -1.82 -10.79 -0.61
N ASP B 57 -0.89 -9.93 -0.23
CA ASP B 57 0.23 -9.57 -1.08
C ASP B 57 1.48 -10.40 -0.82
N MET B 58 1.42 -11.31 0.16
CA MET B 58 2.52 -12.21 0.55
C MET B 58 3.79 -11.43 0.90
N GLU B 59 3.61 -10.32 1.62
CA GLU B 59 4.72 -9.45 1.96
C GLU B 59 4.58 -9.00 3.41
N TYR B 60 5.70 -8.57 3.98
CA TYR B 60 5.73 -8.05 5.33
C TYR B 60 6.60 -6.80 5.37
N THR B 61 6.37 -5.97 6.38
CA THR B 61 7.08 -4.71 6.54
C THR B 61 7.93 -4.78 7.80
N ILE B 62 9.17 -4.28 7.72
CA ILE B 62 10.08 -4.29 8.86
C ILE B 62 10.81 -2.95 8.91
N ASP B 63 10.98 -2.42 10.11
CA ASP B 63 11.62 -1.13 10.35
C ASP B 63 12.92 -1.39 11.12
N VAL B 64 14.06 -1.10 10.49
CA VAL B 64 15.35 -1.52 11.02
C VAL B 64 16.28 -0.35 11.30
N PHE B 65 17.38 -0.65 11.99
CA PHE B 65 18.52 0.25 12.21
C PHE B 65 19.76 -0.45 11.67
N PHE B 66 19.72 -0.83 10.39
CA PHE B 66 20.80 -1.53 9.68
C PHE B 66 22.16 -0.89 9.90
N ARG B 67 23.07 -1.64 10.54
CA ARG B 67 24.39 -1.16 10.88
C ARG B 67 25.42 -1.88 10.01
N GLN B 68 26.42 -1.15 9.54
CA GLN B 68 27.55 -1.72 8.83
C GLN B 68 28.84 -1.22 9.44
N SER B 69 29.90 -2.01 9.27
CA SER B 69 31.20 -1.64 9.79
C SER B 69 32.28 -2.31 8.97
N TRP B 70 33.25 -1.53 8.50
CA TRP B 70 34.36 -2.09 7.75
C TRP B 70 35.67 -1.41 8.14
N LYS B 71 36.71 -1.63 7.34
CA LYS B 71 38.04 -1.15 7.71
C LYS B 71 38.65 -0.45 6.49
N ASP B 72 38.67 0.88 6.53
CA ASP B 72 39.34 1.69 5.52
C ASP B 72 40.57 2.32 6.17
N GLU B 73 41.75 1.97 5.67
CA GLU B 73 42.97 2.51 6.23
C GLU B 73 43.35 3.87 5.66
N ARG B 74 42.59 4.38 4.69
CA ARG B 74 42.83 5.71 4.15
C ARG B 74 42.18 6.80 5.00
N LEU B 75 41.46 6.43 6.05
CA LEU B 75 40.79 7.38 6.93
C LEU B 75 41.40 7.38 8.32
N LYS B 76 42.67 7.01 8.43
CA LYS B 76 43.36 7.08 9.71
C LYS B 76 43.73 8.53 10.04
N PHE B 77 43.71 8.86 11.32
CA PHE B 77 44.04 10.22 11.76
C PHE B 77 44.59 10.18 13.17
N LYS B 78 45.32 11.24 13.51
CA LYS B 78 45.79 11.46 14.87
C LYS B 78 45.35 12.86 15.28
N GLY B 79 44.63 12.95 16.39
CA GLY B 79 44.09 14.22 16.83
C GLY B 79 43.61 14.18 18.26
N PRO B 80 42.97 15.27 18.71
CA PRO B 80 42.52 15.35 20.10
C PRO B 80 41.31 14.48 20.41
N MET B 81 40.56 14.04 19.40
CA MET B 81 39.37 13.23 19.61
C MET B 81 39.56 11.88 18.95
N THR B 82 39.26 10.80 19.69
CA THR B 82 39.47 9.46 19.18
C THR B 82 38.40 9.07 18.15
N VAL B 83 37.14 9.40 18.40
CA VAL B 83 36.04 9.01 17.54
C VAL B 83 35.40 10.28 16.99
N LEU B 84 35.33 10.38 15.67
CA LEU B 84 34.71 11.52 15.00
C LEU B 84 33.28 11.15 14.60
N ARG B 85 32.31 11.78 15.24
CA ARG B 85 30.89 11.56 14.93
C ARG B 85 30.47 12.64 13.95
N LEU B 86 30.40 12.28 12.68
CA LEU B 86 30.05 13.21 11.61
C LEU B 86 28.63 12.97 11.13
N ASN B 87 28.14 13.92 10.33
CA ASN B 87 26.78 13.87 9.82
C ASN B 87 26.75 13.16 8.47
N ASN B 88 25.63 13.28 7.76
CA ASN B 88 25.37 12.50 6.56
C ASN B 88 26.21 12.93 5.37
N LEU B 89 26.74 14.15 5.37
CA LEU B 89 27.42 14.66 4.18
C LEU B 89 28.78 14.01 3.98
N MET B 90 29.39 13.51 5.07
CA MET B 90 30.63 12.77 4.92
C MET B 90 30.42 11.36 4.41
N ALA B 91 29.20 10.83 4.50
CA ALA B 91 28.93 9.48 4.01
C ALA B 91 28.92 9.44 2.49
N SER B 92 28.47 10.50 1.83
CA SER B 92 28.42 10.53 0.38
C SER B 92 29.77 10.74 -0.26
N LYS B 93 30.77 11.20 0.50
CA LYS B 93 32.07 11.52 -0.05
C LYS B 93 33.10 10.43 0.18
N ILE B 94 32.69 9.28 0.71
CA ILE B 94 33.58 8.15 0.94
C ILE B 94 32.96 6.91 0.33
N TRP B 95 33.72 5.81 0.36
CA TRP B 95 33.23 4.54 -0.13
C TRP B 95 32.26 3.93 0.87
N THR B 96 31.14 3.41 0.37
CA THR B 96 30.18 2.68 1.18
C THR B 96 29.80 1.40 0.46
N PRO B 97 29.52 0.32 1.18
CA PRO B 97 29.06 -0.90 0.52
C PRO B 97 27.65 -0.74 -0.01
N ASP B 98 27.41 -1.28 -1.20
CA ASP B 98 26.12 -1.18 -1.87
C ASP B 98 25.25 -2.39 -1.55
N THR B 99 24.94 -2.53 -0.26
CA THR B 99 24.13 -3.67 0.19
C THR B 99 22.68 -3.45 -0.19
N PHE B 100 22.09 -4.46 -0.83
CA PHE B 100 20.69 -4.42 -1.21
C PHE B 100 20.01 -5.68 -0.71
N PHE B 101 18.70 -5.58 -0.52
CA PHE B 101 17.92 -6.71 -0.05
C PHE B 101 17.46 -7.53 -1.25
N HIS B 102 17.72 -8.84 -1.21
CA HIS B 102 17.45 -9.71 -2.36
C HIS B 102 15.95 -9.88 -2.58
N ASN B 103 15.19 -10.03 -1.51
CA ASN B 103 13.75 -10.22 -1.61
C ASN B 103 12.98 -8.96 -1.27
N GLY B 104 13.62 -7.80 -1.28
CA GLY B 104 12.92 -6.57 -1.01
C GLY B 104 12.06 -6.12 -2.18
N LYS B 105 10.89 -5.58 -1.86
CA LYS B 105 9.95 -5.11 -2.87
C LYS B 105 9.97 -3.60 -3.03
N LYS B 106 9.83 -2.85 -1.93
CA LYS B 106 9.89 -1.40 -2.00
C LYS B 106 10.31 -0.90 -0.62
N SER B 107 11.55 -0.46 -0.48
CA SER B 107 12.07 0.03 0.78
C SER B 107 12.40 1.50 0.69
N VAL B 108 11.99 2.26 1.69
CA VAL B 108 12.10 3.71 1.70
C VAL B 108 13.07 4.09 2.81
N ALA B 109 14.19 4.71 2.43
CA ALA B 109 15.05 5.33 3.43
C ALA B 109 14.45 6.66 3.86
N HIS B 110 14.34 6.86 5.16
CA HIS B 110 13.64 8.01 5.71
C HIS B 110 14.56 9.22 5.76
N ASN B 111 14.07 10.36 5.27
CA ASN B 111 14.87 11.58 5.25
C ASN B 111 14.38 12.66 6.20
N MET B 112 13.28 12.45 6.91
CA MET B 112 12.78 13.47 7.83
C MET B 112 13.51 13.37 9.16
N THR B 113 14.03 14.49 9.68
CA THR B 113 14.12 15.82 9.03
C THR B 113 15.41 15.84 8.20
N MET B 114 16.42 15.07 8.62
CA MET B 114 17.68 14.97 7.85
C MET B 114 17.92 13.49 7.57
N PRO B 115 18.52 13.09 6.43
CA PRO B 115 18.69 11.68 6.10
C PRO B 115 19.06 10.88 7.36
N ASN B 116 18.25 9.89 7.72
CA ASN B 116 18.50 9.11 8.97
C ASN B 116 19.74 8.24 8.78
N LYS B 117 20.93 8.83 8.78
CA LYS B 117 22.19 8.12 8.65
C LYS B 117 23.12 8.62 9.74
N LEU B 118 24.18 7.86 10.00
CA LEU B 118 25.23 8.33 10.88
C LEU B 118 26.54 7.72 10.43
N LEU B 119 27.63 8.38 10.79
CA LEU B 119 28.95 7.95 10.38
C LEU B 119 29.93 8.25 11.50
N ARG B 120 30.62 7.24 11.98
CA ARG B 120 31.57 7.39 13.08
C ARG B 120 32.90 6.77 12.64
N ILE B 121 33.94 7.59 12.61
CA ILE B 121 35.27 7.16 12.19
C ILE B 121 36.18 7.17 13.41
N THR B 122 36.67 6.00 13.79
CA THR B 122 37.65 5.91 14.85
C THR B 122 39.04 6.19 14.29
N GLU B 123 40.00 6.34 15.19
CA GLU B 123 41.34 6.78 14.80
C GLU B 123 42.14 5.69 14.10
N ASP B 124 41.76 4.42 14.22
CA ASP B 124 42.46 3.35 13.53
C ASP B 124 41.84 3.00 12.18
N GLY B 125 40.78 3.68 11.77
CA GLY B 125 40.15 3.41 10.50
C GLY B 125 38.91 2.55 10.55
N THR B 126 38.39 2.26 11.74
CA THR B 126 37.16 1.49 11.84
C THR B 126 35.96 2.41 11.68
N LEU B 127 35.07 2.07 10.74
CA LEU B 127 33.92 2.89 10.43
C LEU B 127 32.65 2.23 10.94
N LEU B 128 31.61 3.04 11.07
CA LEU B 128 30.28 2.55 11.47
C LEU B 128 29.25 3.39 10.77
N TYR B 129 28.43 2.76 9.93
CA TYR B 129 27.51 3.47 9.04
C TYR B 129 26.11 2.89 9.23
N THR B 130 25.36 3.49 10.16
CA THR B 130 24.03 3.01 10.46
C THR B 130 22.98 3.76 9.65
N MET B 131 22.09 3.00 9.03
CA MET B 131 20.97 3.57 8.29
C MET B 131 19.67 3.11 8.91
N ARG B 132 18.66 3.95 8.78
CA ARG B 132 17.30 3.60 9.19
C ARG B 132 16.47 3.33 7.95
N LEU B 133 15.87 2.14 7.89
CA LEU B 133 15.18 1.70 6.69
C LEU B 133 13.82 1.12 7.07
N THR B 134 12.89 1.21 6.13
CA THR B 134 11.59 0.54 6.25
C THR B 134 11.47 -0.38 5.05
N VAL B 135 11.69 -1.67 5.27
CA VAL B 135 11.86 -2.64 4.20
C VAL B 135 10.58 -3.44 4.05
N ARG B 136 10.07 -3.52 2.81
CA ARG B 136 8.97 -4.41 2.46
C ARG B 136 9.55 -5.57 1.68
N ALA B 137 9.48 -6.77 2.25
CA ALA B 137 10.14 -7.94 1.69
C ALA B 137 9.12 -9.04 1.39
N GLU B 138 9.48 -9.90 0.44
CA GLU B 138 8.63 -11.00 0.04
C GLU B 138 8.69 -12.12 1.08
N CYS B 139 7.53 -12.60 1.49
CA CYS B 139 7.43 -13.77 2.36
C CYS B 139 6.63 -14.84 1.64
N PRO B 140 7.27 -15.85 1.04
CA PRO B 140 6.51 -16.91 0.35
C PRO B 140 5.74 -17.78 1.32
N MET B 141 4.43 -17.81 1.16
CA MET B 141 3.53 -18.48 2.10
C MET B 141 3.01 -19.77 1.50
N HIS B 142 2.71 -20.72 2.38
CA HIS B 142 2.06 -21.98 2.01
C HIS B 142 0.81 -22.08 2.88
N LEU B 143 -0.32 -21.63 2.33
CA LEU B 143 -1.58 -21.57 3.08
C LEU B 143 -2.38 -22.86 2.88
N GLU B 144 -1.75 -23.98 3.23
CA GLU B 144 -2.41 -25.28 3.23
C GLU B 144 -3.02 -25.61 4.58
N ASP B 145 -2.33 -25.27 5.66
CA ASP B 145 -2.87 -25.40 7.01
C ASP B 145 -3.46 -24.09 7.52
N PHE B 146 -3.98 -23.27 6.62
CA PHE B 146 -4.59 -22.01 7.01
C PHE B 146 -5.87 -22.28 7.80
N PRO B 147 -6.09 -21.59 8.92
CA PRO B 147 -5.25 -20.56 9.52
C PRO B 147 -4.36 -21.04 10.66
N MET B 148 -4.19 -22.34 10.87
CA MET B 148 -3.31 -22.85 11.91
C MET B 148 -1.91 -23.12 11.36
N ASP B 149 -1.35 -22.09 10.73
CA ASP B 149 -0.11 -22.23 9.98
C ASP B 149 0.97 -21.35 10.59
N ALA B 150 2.22 -21.73 10.34
CA ALA B 150 3.38 -20.96 10.76
C ALA B 150 4.29 -20.75 9.56
N HIS B 151 4.79 -19.53 9.41
CA HIS B 151 5.68 -19.18 8.32
C HIS B 151 7.05 -18.78 8.86
N ALA B 152 8.02 -18.78 7.97
CA ALA B 152 9.37 -18.29 8.24
C ALA B 152 9.66 -17.23 7.19
N CYS B 153 9.34 -15.99 7.49
CA CYS B 153 9.54 -14.90 6.55
C CYS B 153 11.02 -14.56 6.44
N PRO B 154 11.63 -14.65 5.26
CA PRO B 154 13.06 -14.43 5.15
C PRO B 154 13.41 -12.97 4.85
N LEU B 155 14.68 -12.66 5.02
CA LEU B 155 15.23 -11.35 4.69
C LEU B 155 16.65 -11.56 4.21
N LYS B 156 16.85 -11.60 2.90
CA LYS B 156 18.16 -11.87 2.30
C LYS B 156 18.77 -10.58 1.82
N PHE B 157 19.98 -10.27 2.29
CA PHE B 157 20.70 -9.09 1.83
C PHE B 157 22.15 -9.46 1.53
N GLY B 158 22.76 -8.64 0.69
CA GLY B 158 24.13 -8.86 0.29
C GLY B 158 24.56 -7.76 -0.66
N SER B 159 25.81 -7.84 -1.09
CA SER B 159 26.32 -6.86 -2.04
C SER B 159 25.73 -7.08 -3.42
N TYR B 160 25.69 -6.01 -4.21
CA TYR B 160 25.18 -6.08 -5.58
C TYR B 160 26.28 -6.13 -6.61
N ALA B 161 27.34 -5.34 -6.45
CA ALA B 161 28.39 -5.25 -7.47
C ALA B 161 29.64 -6.05 -7.14
N TYR B 162 29.95 -6.24 -5.86
CA TYR B 162 31.19 -6.88 -5.47
C TYR B 162 30.95 -8.35 -5.18
N THR B 163 31.80 -9.21 -5.75
CA THR B 163 31.62 -10.66 -5.66
C THR B 163 32.14 -11.19 -4.33
N ARG B 164 32.27 -12.51 -4.23
CA ARG B 164 32.82 -13.12 -3.03
C ARG B 164 34.30 -12.80 -2.85
N ALA B 165 35.04 -12.65 -3.95
CA ALA B 165 36.46 -12.36 -3.88
C ALA B 165 36.76 -10.91 -3.57
N GLU B 166 35.74 -10.04 -3.52
CA GLU B 166 35.95 -8.62 -3.27
C GLU B 166 35.38 -8.16 -1.93
N VAL B 167 34.12 -8.48 -1.63
CA VAL B 167 33.49 -8.05 -0.39
C VAL B 167 32.75 -9.25 0.20
N VAL B 168 33.03 -9.57 1.46
CA VAL B 168 32.32 -10.59 2.19
C VAL B 168 31.61 -9.94 3.38
N TYR B 169 30.66 -10.66 3.95
CA TYR B 169 29.86 -10.15 5.05
C TYR B 169 29.94 -11.08 6.24
N GLU B 170 29.86 -10.50 7.43
CA GLU B 170 29.88 -11.25 8.67
C GLU B 170 29.08 -10.48 9.71
N TRP B 171 28.63 -11.16 10.74
CA TRP B 171 27.93 -10.50 11.82
C TRP B 171 28.92 -10.00 12.86
N THR B 172 28.72 -8.76 13.33
CA THR B 172 29.70 -8.14 14.21
C THR B 172 29.66 -8.69 15.62
N ARG B 173 28.55 -9.26 16.04
CA ARG B 173 28.43 -9.98 17.29
C ARG B 173 28.21 -11.46 17.00
N GLU B 174 27.92 -12.22 18.05
CA GLU B 174 27.55 -13.60 17.86
C GLU B 174 26.25 -13.69 17.07
N PRO B 175 26.11 -14.68 16.18
CA PRO B 175 24.92 -14.75 15.32
C PRO B 175 23.61 -14.94 16.07
N ALA B 176 23.63 -15.50 17.28
CA ALA B 176 22.42 -15.56 18.07
C ALA B 176 22.00 -14.18 18.56
N ARG B 177 22.96 -13.30 18.81
CA ARG B 177 22.71 -11.96 19.33
C ARG B 177 23.12 -10.90 18.31
N SER B 178 22.85 -11.15 17.03
CA SER B 178 23.18 -10.19 15.99
C SER B 178 21.96 -9.52 15.39
N VAL B 179 20.77 -10.12 15.50
CA VAL B 179 19.52 -9.48 15.12
C VAL B 179 18.70 -9.36 16.39
N VAL B 180 18.49 -8.13 16.85
CA VAL B 180 17.81 -7.85 18.11
C VAL B 180 16.46 -7.23 17.79
N VAL B 181 15.41 -7.81 18.35
CA VAL B 181 14.05 -7.29 18.18
C VAL B 181 13.72 -6.44 19.40
N ALA B 182 13.18 -5.25 19.16
CA ALA B 182 12.79 -4.37 20.25
C ALA B 182 11.63 -4.96 21.04
N GLU B 183 11.55 -4.60 22.32
CA GLU B 183 10.59 -5.23 23.22
C GLU B 183 9.18 -4.70 22.97
N ASP B 184 8.98 -3.40 23.15
CA ASP B 184 7.67 -2.80 22.94
C ASP B 184 7.29 -2.68 21.48
N GLY B 185 8.26 -2.69 20.57
CA GLY B 185 7.97 -2.50 19.17
C GLY B 185 7.60 -3.78 18.46
N SER B 186 6.29 -4.04 18.36
CA SER B 186 5.79 -5.19 17.59
C SER B 186 4.41 -4.78 17.08
N ARG B 187 4.36 -4.34 15.82
CA ARG B 187 3.12 -3.91 15.19
C ARG B 187 2.38 -5.07 14.53
N LEU B 188 2.65 -6.30 14.94
CA LEU B 188 1.96 -7.46 14.40
C LEU B 188 0.54 -7.51 14.93
N ASN B 189 -0.42 -7.70 14.02
CA ASN B 189 -1.82 -7.80 14.45
C ASN B 189 -2.25 -9.24 14.65
N GLN B 190 -2.19 -10.06 13.60
CA GLN B 190 -2.75 -11.41 13.68
C GLN B 190 -1.69 -12.47 13.94
N TYR B 191 -0.43 -12.19 13.63
CA TYR B 191 0.62 -13.18 13.83
C TYR B 191 1.23 -13.02 15.22
N ASP B 192 2.29 -13.80 15.46
CA ASP B 192 3.02 -13.77 16.72
C ASP B 192 4.47 -14.13 16.45
N LEU B 193 5.39 -13.23 16.78
CA LEU B 193 6.81 -13.43 16.51
C LEU B 193 7.41 -14.37 17.55
N LEU B 194 7.69 -15.60 17.13
CA LEU B 194 8.31 -16.56 18.04
C LEU B 194 9.78 -16.25 18.28
N GLY B 195 10.51 -15.92 17.23
CA GLY B 195 11.93 -15.62 17.37
C GLY B 195 12.64 -15.51 16.03
N GLN B 196 13.82 -14.92 16.04
CA GLN B 196 14.60 -14.71 14.84
C GLN B 196 15.58 -15.86 14.62
N THR B 197 16.08 -15.95 13.39
CA THR B 197 17.02 -17.01 13.01
C THR B 197 17.84 -16.49 11.84
N VAL B 198 19.16 -16.48 12.00
CA VAL B 198 20.03 -15.91 11.00
C VAL B 198 20.72 -17.04 10.23
N ASP B 199 21.31 -16.70 9.09
CA ASP B 199 21.93 -17.67 8.20
C ASP B 199 22.86 -16.92 7.25
N SER B 200 23.94 -17.57 6.85
CA SER B 200 24.92 -16.98 5.95
C SER B 200 25.33 -18.00 4.90
N GLY B 201 24.94 -17.75 3.65
CA GLY B 201 25.21 -18.67 2.57
C GLY B 201 25.92 -17.99 1.42
N ILE B 202 26.08 -18.74 0.34
CA ILE B 202 26.75 -18.28 -0.88
C ILE B 202 25.78 -18.50 -2.04
N VAL B 203 25.49 -17.43 -2.76
CA VAL B 203 24.63 -17.51 -3.95
C VAL B 203 25.51 -17.42 -5.18
N GLN B 204 25.11 -18.12 -6.24
CA GLN B 204 25.84 -18.14 -7.50
C GLN B 204 24.92 -17.62 -8.59
N SER B 205 25.37 -16.60 -9.31
CA SER B 205 24.55 -16.02 -10.38
C SER B 205 25.32 -15.98 -11.68
N SER B 206 24.75 -15.32 -12.69
CA SER B 206 25.41 -15.23 -13.99
C SER B 206 26.62 -14.31 -13.95
N THR B 207 26.53 -13.22 -13.19
CA THR B 207 27.61 -12.25 -13.14
C THR B 207 28.76 -12.70 -12.26
N GLY B 208 28.56 -13.69 -11.40
CA GLY B 208 29.62 -14.14 -10.53
C GLY B 208 29.05 -14.86 -9.32
N GLU B 209 29.84 -14.84 -8.24
CA GLU B 209 29.54 -15.55 -7.01
C GLU B 209 29.49 -14.54 -5.87
N TYR B 210 28.35 -14.45 -5.20
CA TYR B 210 28.15 -13.44 -4.16
C TYR B 210 27.94 -14.09 -2.80
N VAL B 211 28.06 -13.25 -1.77
CA VAL B 211 27.84 -13.66 -0.39
C VAL B 211 26.51 -13.07 0.07
N VAL B 212 25.61 -13.94 0.54
CA VAL B 212 24.28 -13.54 0.93
C VAL B 212 24.07 -13.87 2.41
N MET B 213 23.42 -12.97 3.13
CA MET B 213 23.11 -13.15 4.53
C MET B 213 21.61 -13.27 4.69
N THR B 214 21.16 -14.34 5.32
CA THR B 214 19.74 -14.66 5.43
C THR B 214 19.28 -14.52 6.87
N THR B 215 18.12 -13.90 7.07
CA THR B 215 17.51 -13.79 8.39
C THR B 215 16.09 -14.28 8.29
N HIS B 216 15.75 -15.31 9.04
CA HIS B 216 14.39 -15.83 9.07
C HIS B 216 13.68 -15.39 10.35
N PHE B 217 12.46 -14.88 10.19
CA PHE B 217 11.60 -14.55 11.31
C PHE B 217 10.47 -15.57 11.36
N HIS B 218 10.35 -16.29 12.47
CA HIS B 218 9.36 -17.34 12.61
C HIS B 218 8.08 -16.75 13.19
N LEU B 219 7.01 -16.77 12.41
CA LEU B 219 5.73 -16.20 12.81
C LEU B 219 4.69 -17.31 12.95
N LYS B 220 3.88 -17.23 14.00
CA LYS B 220 2.77 -18.13 14.22
C LYS B 220 1.48 -17.34 14.22
N ARG B 221 0.52 -17.75 13.41
CA ARG B 221 -0.74 -17.03 13.30
C ARG B 221 -1.64 -17.33 14.49
N LYS B 222 -2.16 -16.27 15.11
CA LYS B 222 -3.14 -16.44 16.17
C LYS B 222 -4.48 -16.82 15.56
N ILE B 223 -5.33 -17.46 16.37
CA ILE B 223 -6.52 -18.14 15.87
C ILE B 223 -7.81 -17.44 16.27
N GLY B 224 -7.74 -16.40 17.10
CA GLY B 224 -8.93 -15.86 17.73
C GLY B 224 -9.89 -15.19 16.76
N TYR B 225 -9.35 -14.50 15.75
CA TYR B 225 -10.19 -13.81 14.78
C TYR B 225 -10.98 -14.79 13.92
N PHE B 226 -10.32 -15.82 13.41
CA PHE B 226 -11.02 -16.78 12.55
C PHE B 226 -11.93 -17.69 13.35
N VAL B 227 -11.64 -17.91 14.63
CA VAL B 227 -12.58 -18.64 15.48
C VAL B 227 -13.83 -17.80 15.73
N ILE B 228 -13.64 -16.53 16.08
CA ILE B 228 -14.78 -15.69 16.46
C ILE B 228 -15.53 -15.14 15.26
N GLN B 229 -14.99 -15.29 14.05
CA GLN B 229 -15.60 -14.70 12.87
C GLN B 229 -16.08 -15.70 11.83
N THR B 230 -15.40 -16.83 11.67
CA THR B 230 -15.75 -17.79 10.64
C THR B 230 -16.11 -19.17 11.18
N TYR B 231 -15.32 -19.71 12.11
CA TYR B 231 -15.54 -21.06 12.60
C TYR B 231 -16.81 -21.15 13.45
N LEU B 232 -16.96 -20.23 14.39
CA LEU B 232 -18.10 -20.28 15.30
C LEU B 232 -19.43 -19.87 14.63
N PRO B 233 -19.49 -18.89 13.71
CA PRO B 233 -20.74 -18.75 12.93
C PRO B 233 -21.11 -19.97 12.11
N CYS B 234 -20.13 -20.70 11.56
CA CYS B 234 -20.44 -21.93 10.85
C CYS B 234 -20.97 -23.01 11.79
N ILE B 235 -20.38 -23.11 12.99
CA ILE B 235 -20.86 -24.06 13.98
C ILE B 235 -22.26 -23.71 14.45
N MET B 236 -22.53 -22.42 14.66
CA MET B 236 -23.86 -22.00 15.06
C MET B 236 -24.89 -22.21 13.96
N THR B 237 -24.53 -22.01 12.70
CA THR B 237 -25.53 -22.19 11.65
C THR B 237 -25.75 -23.67 11.32
N VAL B 238 -24.77 -24.53 11.60
CA VAL B 238 -25.03 -25.95 11.37
C VAL B 238 -25.77 -26.54 12.56
N ILE B 239 -25.63 -25.92 13.73
CA ILE B 239 -26.50 -26.27 14.85
C ILE B 239 -27.93 -25.80 14.58
N LEU B 240 -28.06 -24.60 14.00
CA LEU B 240 -29.35 -24.03 13.64
C LEU B 240 -30.05 -24.85 12.57
N SER B 241 -29.29 -25.44 11.66
CA SER B 241 -29.90 -26.28 10.64
C SER B 241 -30.24 -27.66 11.19
N GLN B 242 -29.67 -28.02 12.34
CA GLN B 242 -29.91 -29.30 12.95
C GLN B 242 -31.09 -29.31 13.93
N VAL B 243 -31.69 -28.16 14.20
CA VAL B 243 -32.90 -28.14 15.03
C VAL B 243 -34.14 -28.28 14.15
N SER B 244 -33.94 -28.41 12.84
CA SER B 244 -35.03 -28.60 11.87
C SER B 244 -35.77 -29.90 12.10
N PHE B 245 -35.09 -30.90 12.66
CA PHE B 245 -35.72 -32.18 12.94
C PHE B 245 -36.63 -32.15 14.15
N TRP B 246 -36.55 -31.12 14.99
CA TRP B 246 -37.34 -31.10 16.21
C TRP B 246 -38.73 -30.52 16.02
N LEU B 247 -39.08 -30.06 14.83
CA LEU B 247 -40.39 -29.48 14.61
C LEU B 247 -41.38 -30.55 14.14
N ASN B 248 -42.60 -30.12 13.83
CA ASN B 248 -43.63 -31.03 13.34
C ASN B 248 -43.31 -31.48 11.92
N ARG B 249 -43.73 -32.72 11.62
CA ARG B 249 -43.53 -33.27 10.28
C ARG B 249 -44.36 -32.52 9.24
N GLU B 250 -45.55 -32.06 9.62
CA GLU B 250 -46.46 -31.45 8.65
C GLU B 250 -46.00 -30.06 8.24
N SER B 251 -45.34 -29.30 9.12
CA SER B 251 -45.04 -27.89 8.89
C SER B 251 -43.93 -27.74 7.88
N VAL B 252 -44.28 -27.94 6.61
CA VAL B 252 -43.37 -27.80 5.47
C VAL B 252 -42.93 -26.36 5.23
N PRO B 253 -43.81 -25.31 5.22
CA PRO B 253 -43.27 -23.94 5.10
C PRO B 253 -42.43 -23.50 6.28
N ALA B 254 -42.65 -24.07 7.46
CA ALA B 254 -41.79 -23.77 8.59
C ALA B 254 -40.41 -24.39 8.47
N ARG B 255 -40.29 -25.53 7.78
CA ARG B 255 -39.02 -26.23 7.74
C ARG B 255 -38.26 -26.05 6.43
N THR B 256 -38.87 -25.46 5.40
CA THR B 256 -38.12 -25.19 4.19
C THR B 256 -37.16 -24.00 4.33
N VAL B 257 -37.47 -23.04 5.21
CA VAL B 257 -36.55 -21.93 5.44
C VAL B 257 -35.33 -22.40 6.21
N PHE B 258 -35.48 -23.44 7.03
CA PHE B 258 -34.34 -24.07 7.70
C PHE B 258 -33.35 -24.67 6.71
N GLY B 259 -33.82 -25.08 5.54
CA GLY B 259 -32.89 -25.48 4.50
C GLY B 259 -32.33 -24.28 3.77
N VAL B 260 -33.24 -23.41 3.31
CA VAL B 260 -32.89 -22.34 2.36
C VAL B 260 -31.94 -21.33 3.00
N THR B 261 -32.33 -20.78 4.15
CA THR B 261 -31.58 -19.70 4.77
C THR B 261 -30.23 -20.18 5.29
N THR B 262 -30.19 -21.41 5.79
CA THR B 262 -28.93 -21.98 6.25
C THR B 262 -27.98 -22.25 5.10
N VAL B 263 -28.50 -22.71 3.96
CA VAL B 263 -27.65 -22.91 2.78
C VAL B 263 -27.13 -21.58 2.25
N LEU B 264 -27.98 -20.54 2.26
CA LEU B 264 -27.55 -19.22 1.82
C LEU B 264 -26.49 -18.63 2.72
N THR B 265 -26.64 -18.80 4.04
CA THR B 265 -25.61 -18.32 4.96
C THR B 265 -24.33 -19.12 4.85
N MET B 266 -24.42 -20.42 4.56
CA MET B 266 -23.23 -21.22 4.33
C MET B 266 -22.48 -20.75 3.08
N THR B 267 -23.22 -20.43 2.01
CA THR B 267 -22.57 -19.96 0.78
C THR B 267 -21.94 -18.59 0.97
N THR B 268 -22.65 -17.67 1.64
CA THR B 268 -22.07 -16.34 1.83
C THR B 268 -20.95 -16.37 2.87
N LEU B 269 -20.96 -17.33 3.79
CA LEU B 269 -19.84 -17.48 4.71
C LEU B 269 -18.63 -18.06 4.00
N SER B 270 -18.86 -18.97 3.04
CA SER B 270 -17.78 -19.46 2.20
C SER B 270 -17.16 -18.35 1.37
N ILE B 271 -18.00 -17.46 0.82
CA ILE B 271 -17.52 -16.33 0.04
C ILE B 271 -16.73 -15.35 0.92
N SER B 272 -17.25 -15.06 2.12
CA SER B 272 -16.58 -14.11 3.01
C SER B 272 -15.28 -14.68 3.57
N ALA B 273 -15.22 -16.00 3.78
CA ALA B 273 -13.98 -16.62 4.22
C ALA B 273 -12.96 -16.69 3.11
N ARG B 274 -13.40 -16.94 1.87
CA ARG B 274 -12.48 -16.97 0.74
C ARG B 274 -12.00 -15.58 0.36
N ASN B 275 -12.74 -14.53 0.71
CA ASN B 275 -12.36 -13.17 0.37
C ASN B 275 -11.44 -12.51 1.40
N SER B 276 -10.73 -13.31 2.19
CA SER B 276 -9.81 -12.78 3.20
C SER B 276 -8.42 -13.39 3.05
N LEU B 277 -8.10 -13.87 1.86
CA LEU B 277 -6.87 -14.62 1.62
C LEU B 277 -6.56 -14.55 0.12
N PRO B 278 -5.28 -14.63 -0.27
CA PRO B 278 -4.95 -14.57 -1.70
C PRO B 278 -5.43 -15.79 -2.46
N LYS B 279 -5.79 -15.57 -3.71
CA LYS B 279 -6.52 -16.54 -4.52
C LYS B 279 -5.59 -17.68 -4.94
N VAL B 280 -5.38 -18.61 -4.02
CA VAL B 280 -4.48 -19.74 -4.28
C VAL B 280 -5.22 -20.82 -5.06
N ALA B 281 -4.45 -21.77 -5.58
CA ALA B 281 -5.00 -22.85 -6.40
C ALA B 281 -5.45 -24.05 -5.58
N TYR B 282 -5.08 -24.14 -4.32
CA TYR B 282 -5.43 -25.27 -3.47
C TYR B 282 -6.44 -24.82 -2.42
N ALA B 283 -6.82 -25.77 -1.56
CA ALA B 283 -7.86 -25.54 -0.56
C ALA B 283 -7.26 -25.58 0.84
N THR B 284 -7.64 -24.61 1.66
CA THR B 284 -7.14 -24.51 3.02
C THR B 284 -7.93 -25.44 3.94
N ALA B 285 -7.54 -25.48 5.22
CA ALA B 285 -8.28 -26.27 6.20
C ALA B 285 -9.63 -25.64 6.50
N MET B 286 -9.71 -24.31 6.42
CA MET B 286 -11.00 -23.63 6.56
C MET B 286 -11.94 -23.99 5.44
N ASP B 287 -11.40 -24.20 4.23
CA ASP B 287 -12.22 -24.65 3.11
C ASP B 287 -12.76 -26.05 3.34
N TRP B 288 -11.95 -26.93 3.94
CA TRP B 288 -12.42 -28.27 4.27
C TRP B 288 -13.51 -28.24 5.33
N PHE B 289 -13.34 -27.39 6.35
CA PHE B 289 -14.36 -27.24 7.38
C PHE B 289 -15.66 -26.70 6.81
N ILE B 290 -15.55 -25.72 5.90
CA ILE B 290 -16.73 -25.14 5.25
C ILE B 290 -17.42 -26.17 4.36
N ALA B 291 -16.64 -26.98 3.65
CA ALA B 291 -17.22 -28.00 2.77
C ALA B 291 -17.94 -29.09 3.57
N VAL B 292 -17.35 -29.50 4.70
CA VAL B 292 -18.00 -30.53 5.50
C VAL B 292 -19.26 -29.99 6.18
N CYS B 293 -19.21 -28.74 6.65
CA CYS B 293 -20.42 -28.12 7.21
C CYS B 293 -21.50 -27.93 6.16
N TYR B 294 -21.09 -27.64 4.92
CA TYR B 294 -22.06 -27.51 3.83
C TYR B 294 -22.67 -28.86 3.50
N ALA B 295 -21.87 -29.93 3.56
CA ALA B 295 -22.40 -31.28 3.37
C ALA B 295 -23.40 -31.63 4.47
N PHE B 296 -23.13 -31.21 5.71
CA PHE B 296 -24.06 -31.48 6.80
C PHE B 296 -25.38 -30.74 6.63
N VAL B 297 -25.32 -29.45 6.27
CA VAL B 297 -26.57 -28.68 6.14
C VAL B 297 -27.35 -29.14 4.90
N PHE B 298 -26.65 -29.58 3.86
CA PHE B 298 -27.34 -30.12 2.70
C PHE B 298 -27.94 -31.50 2.99
N SER B 299 -27.27 -32.28 3.85
CA SER B 299 -27.80 -33.56 4.26
C SER B 299 -29.06 -33.41 5.09
N ALA B 300 -29.11 -32.37 5.92
CA ALA B 300 -30.32 -32.06 6.68
C ALA B 300 -31.49 -31.71 5.76
N LEU B 301 -31.21 -30.94 4.71
CA LEU B 301 -32.24 -30.54 3.76
C LEU B 301 -32.77 -31.74 2.96
N ILE B 302 -31.87 -32.61 2.51
CA ILE B 302 -32.34 -33.77 1.76
C ILE B 302 -33.00 -34.80 2.66
N GLU B 303 -32.65 -34.84 3.96
CA GLU B 303 -33.38 -35.67 4.91
C GLU B 303 -34.79 -35.15 5.10
N PHE B 304 -34.94 -33.82 5.18
CA PHE B 304 -36.28 -33.23 5.28
C PHE B 304 -37.09 -33.50 4.00
N ALA B 305 -36.44 -33.47 2.84
CA ALA B 305 -37.11 -33.80 1.59
C ALA B 305 -37.57 -35.26 1.57
N THR B 306 -36.75 -36.16 2.11
CA THR B 306 -37.12 -37.56 2.22
C THR B 306 -38.29 -37.76 3.19
N VAL B 307 -38.32 -36.98 4.28
CA VAL B 307 -39.45 -37.03 5.20
C VAL B 307 -40.71 -36.51 4.52
N ASN B 308 -40.58 -35.42 3.76
CA ASN B 308 -41.72 -34.80 3.09
C ASN B 308 -42.30 -35.71 2.00
N TYR B 309 -41.44 -36.50 1.36
CA TYR B 309 -41.93 -37.51 0.43
C TYR B 309 -42.75 -38.58 1.16
N PHE B 310 -42.31 -38.95 2.36
CA PHE B 310 -43.03 -39.93 3.16
C PHE B 310 -44.13 -39.31 4.01
N THR B 311 -44.31 -37.99 3.96
CA THR B 311 -45.32 -37.32 4.77
C THR B 311 -46.65 -37.37 4.03
N LYS B 312 -47.59 -38.14 4.56
CA LYS B 312 -48.94 -38.17 4.04
C LYS B 312 -49.81 -37.15 4.78
N ARG B 313 -51.01 -36.92 4.23
CA ARG B 313 -52.06 -36.04 4.77
C ARG B 313 -51.62 -34.58 4.89
N GLY B 314 -52.51 -33.74 5.40
CA GLY B 314 -52.21 -32.31 5.46
C GLY B 314 -52.68 -31.61 6.72
N TYR B 315 -52.74 -32.32 7.85
CA TYR B 315 -53.22 -31.76 9.09
C TYR B 315 -52.29 -32.16 10.24
N ALA B 316 -52.63 -31.71 11.44
CA ALA B 316 -51.82 -31.94 12.63
C ALA B 316 -52.67 -32.57 13.71
N TRP B 317 -52.11 -33.56 14.41
CA TRP B 317 -52.79 -34.24 15.50
C TRP B 317 -52.31 -33.69 16.82
N ASP B 318 -53.25 -33.36 17.71
CA ASP B 318 -52.92 -32.84 19.03
C ASP B 318 -52.35 -33.94 19.92
N THR B 385 -55.98 -39.24 12.03
CA THR B 385 -54.92 -38.58 12.77
C THR B 385 -53.72 -39.52 12.94
N PHE B 386 -53.14 -39.94 11.83
CA PHE B 386 -52.00 -40.84 11.86
C PHE B 386 -50.91 -40.25 10.99
N ASN B 387 -50.62 -38.96 11.19
CA ASN B 387 -49.49 -38.35 10.50
C ASN B 387 -48.17 -38.90 11.03
N SER B 388 -48.02 -38.93 12.37
CA SER B 388 -46.95 -39.55 13.14
C SER B 388 -45.57 -38.90 12.94
N VAL B 389 -44.68 -39.10 13.91
CA VAL B 389 -43.31 -38.66 13.75
C VAL B 389 -42.54 -39.66 12.89
N SER B 390 -41.63 -39.14 12.07
CA SER B 390 -40.87 -39.96 11.14
C SER B 390 -39.77 -40.70 11.88
N LYS B 391 -39.57 -41.97 11.52
CA LYS B 391 -38.46 -42.74 12.08
C LYS B 391 -37.13 -42.24 11.55
N ILE B 392 -37.13 -41.72 10.32
CA ILE B 392 -35.94 -41.08 9.74
C ILE B 392 -35.55 -39.87 10.58
N ASP B 393 -36.55 -39.10 10.98
CA ASP B 393 -36.38 -37.92 11.83
C ASP B 393 -35.80 -38.30 13.19
N ARG B 394 -36.34 -39.35 13.80
CA ARG B 394 -35.90 -39.80 15.11
C ARG B 394 -34.47 -40.31 15.07
N LEU B 395 -34.10 -41.04 14.01
CA LEU B 395 -32.73 -41.49 13.87
C LEU B 395 -31.79 -40.33 13.55
N SER B 396 -32.27 -39.34 12.79
CA SER B 396 -31.42 -38.22 12.39
C SER B 396 -31.11 -37.29 13.57
N ARG B 397 -32.05 -37.16 14.51
CA ARG B 397 -31.82 -36.34 15.71
C ARG B 397 -30.64 -36.82 16.54
N ILE B 398 -30.33 -38.11 16.48
CA ILE B 398 -29.19 -38.66 17.22
C ILE B 398 -27.99 -38.75 16.29
N ALA B 399 -28.25 -39.00 15.00
CA ALA B 399 -27.17 -39.28 14.07
C ALA B 399 -26.40 -38.02 13.68
N PHE B 400 -27.10 -36.89 13.49
CA PHE B 400 -26.43 -35.70 12.96
C PHE B 400 -25.50 -35.01 13.96
N PRO B 401 -25.92 -34.62 15.19
CA PRO B 401 -24.99 -33.88 16.04
C PRO B 401 -23.84 -34.72 16.57
N LEU B 402 -24.05 -36.03 16.77
CA LEU B 402 -22.97 -36.91 17.18
C LEU B 402 -21.91 -37.02 16.09
N LEU B 403 -22.34 -37.14 14.83
CA LEU B 403 -21.39 -37.21 13.72
C LEU B 403 -20.66 -35.89 13.54
N PHE B 404 -21.36 -34.76 13.74
CA PHE B 404 -20.67 -33.47 13.66
C PHE B 404 -19.67 -33.29 14.80
N GLY B 405 -20.00 -33.79 16.00
CA GLY B 405 -19.04 -33.74 17.10
C GLY B 405 -17.83 -34.62 16.85
N ILE B 406 -18.03 -35.78 16.22
CA ILE B 406 -16.92 -36.65 15.84
C ILE B 406 -16.01 -35.98 14.83
N PHE B 407 -16.62 -35.33 13.82
CA PHE B 407 -15.83 -34.58 12.83
C PHE B 407 -15.09 -33.42 13.48
N ASN B 408 -15.73 -32.72 14.42
CA ASN B 408 -15.09 -31.61 15.11
C ASN B 408 -13.90 -32.09 15.94
N LEU B 409 -14.05 -33.23 16.62
CA LEU B 409 -12.95 -33.79 17.40
C LEU B 409 -11.78 -34.17 16.50
N VAL B 410 -12.08 -34.81 15.36
CA VAL B 410 -11.04 -35.21 14.42
C VAL B 410 -10.32 -34.00 13.83
N TYR B 411 -11.08 -32.98 13.43
CA TYR B 411 -10.50 -31.80 12.80
C TYR B 411 -9.68 -30.98 13.79
N TRP B 412 -10.17 -30.82 15.03
CA TRP B 412 -9.43 -30.02 15.99
C TRP B 412 -8.29 -30.81 16.64
N ALA B 413 -8.29 -32.13 16.50
CA ALA B 413 -7.12 -32.88 16.95
C ALA B 413 -6.07 -33.05 15.87
N THR B 414 -6.46 -32.97 14.60
CA THR B 414 -5.51 -33.14 13.51
C THR B 414 -4.60 -31.93 13.36
N TYR B 415 -5.15 -30.72 13.46
CA TYR B 415 -4.44 -29.51 13.08
C TYR B 415 -3.81 -28.77 14.24
N LEU B 416 -4.22 -29.02 15.47
CA LEU B 416 -3.74 -28.23 16.60
C LEU B 416 -2.40 -28.71 17.15
N ASN B 417 -1.85 -29.81 16.63
CA ASN B 417 -0.56 -30.33 17.07
C ASN B 417 0.36 -30.66 15.87
N ARG B 418 0.87 -29.59 15.26
CA ARG B 418 1.71 -29.72 14.07
C ARG B 418 2.99 -28.90 14.20
N ASN C 8 49.94 0.63 -5.23
CA ASN C 8 49.11 -0.03 -6.24
C ASN C 8 47.76 0.68 -6.35
N MET C 9 47.41 1.41 -5.30
CA MET C 9 46.17 2.21 -5.31
C MET C 9 46.26 3.33 -6.34
N SER C 10 47.42 3.96 -6.44
CA SER C 10 47.61 5.04 -7.42
C SER C 10 47.65 4.52 -8.84
N TYR C 11 47.91 3.23 -9.03
CA TYR C 11 47.83 2.64 -10.36
C TYR C 11 46.39 2.57 -10.84
N VAL C 12 45.46 2.33 -9.92
CA VAL C 12 44.05 2.25 -10.30
C VAL C 12 43.48 3.63 -10.54
N LYS C 13 43.77 4.59 -9.66
CA LYS C 13 43.15 5.91 -9.76
C LYS C 13 43.75 6.74 -10.88
N GLU C 14 44.95 6.38 -11.35
CA GLU C 14 45.48 7.03 -12.54
C GLU C 14 44.83 6.49 -13.82
N THR C 15 44.18 5.33 -13.74
CA THR C 15 43.46 4.77 -14.87
C THR C 15 42.03 5.29 -14.95
N VAL C 16 41.34 5.34 -13.81
CA VAL C 16 39.95 5.82 -13.77
C VAL C 16 39.90 7.32 -14.09
N ASP C 17 40.88 8.10 -13.64
CA ASP C 17 40.94 9.52 -13.95
C ASP C 17 41.52 9.80 -15.33
N ARG C 18 41.83 8.77 -16.11
CA ARG C 18 42.28 8.96 -17.49
C ARG C 18 41.18 8.53 -18.44
N LEU C 19 40.47 7.45 -18.10
CA LEU C 19 39.34 7.00 -18.91
C LEU C 19 38.20 8.00 -18.87
N LEU C 20 37.90 8.54 -17.69
CA LEU C 20 36.82 9.50 -17.53
C LEU C 20 37.26 10.94 -17.75
N LYS C 21 38.45 11.14 -18.31
CA LYS C 21 38.93 12.47 -18.68
C LYS C 21 38.96 12.57 -20.20
N GLY C 22 38.28 13.58 -20.73
CA GLY C 22 38.15 13.73 -22.16
C GLY C 22 37.08 12.82 -22.73
N TYR C 23 36.25 12.26 -21.86
CA TYR C 23 35.14 11.42 -22.30
C TYR C 23 33.89 12.28 -22.44
N ASP C 24 33.34 12.31 -23.65
CA ASP C 24 32.11 13.05 -23.92
C ASP C 24 30.94 12.12 -23.67
N ILE C 25 30.20 12.39 -22.59
CA ILE C 25 29.06 11.55 -22.20
C ILE C 25 27.93 11.67 -23.22
N ARG C 26 27.82 12.81 -23.90
CA ARG C 26 26.71 13.04 -24.82
C ARG C 26 26.83 12.24 -26.11
N LEU C 27 27.98 11.62 -26.37
CA LEU C 27 28.21 10.92 -27.62
C LEU C 27 28.32 9.41 -27.38
N ARG C 28 27.63 8.65 -28.22
CA ARG C 28 27.63 7.19 -28.11
C ARG C 28 28.96 6.65 -28.62
N PRO C 29 29.30 5.39 -28.28
CA PRO C 29 30.44 4.73 -28.93
C PRO C 29 30.26 4.60 -30.43
N ASP C 30 31.25 5.10 -31.18
CA ASP C 30 31.27 5.16 -32.64
C ASP C 30 30.04 5.87 -33.19
N PHE C 31 29.83 7.12 -32.75
CA PHE C 31 28.77 7.98 -33.26
C PHE C 31 28.90 8.30 -34.73
N GLY C 32 30.12 8.36 -35.26
CA GLY C 32 30.32 8.63 -36.67
C GLY C 32 30.55 7.38 -37.49
N GLY C 33 30.88 6.27 -36.83
CA GLY C 33 31.18 5.03 -37.50
C GLY C 33 30.04 4.04 -37.52
N PRO C 34 30.36 2.76 -37.37
CA PRO C 34 29.33 1.72 -37.37
C PRO C 34 28.47 1.79 -36.11
N PRO C 35 27.24 1.31 -36.16
CA PRO C 35 26.39 1.31 -34.96
C PRO C 35 26.89 0.35 -33.90
N VAL C 36 26.58 0.69 -32.65
CA VAL C 36 27.01 -0.08 -31.49
C VAL C 36 25.98 -1.18 -31.24
N ASP C 37 26.44 -2.37 -30.86
CA ASP C 37 25.57 -3.49 -30.56
C ASP C 37 25.51 -3.67 -29.04
N VAL C 38 24.29 -3.71 -28.51
CA VAL C 38 24.10 -3.81 -27.07
C VAL C 38 23.53 -5.19 -26.73
N GLY C 39 24.40 -6.12 -26.38
CA GLY C 39 23.96 -7.40 -25.88
C GLY C 39 23.36 -7.25 -24.50
N MET C 40 22.34 -8.05 -24.18
CA MET C 40 21.62 -7.87 -22.92
C MET C 40 21.03 -9.19 -22.46
N ARG C 41 21.08 -9.43 -21.15
CA ARG C 41 20.46 -10.58 -20.51
C ARG C 41 19.41 -10.10 -19.51
N ILE C 42 18.49 -11.00 -19.16
CA ILE C 42 17.47 -10.71 -18.16
C ILE C 42 17.43 -11.87 -17.17
N ASP C 43 17.60 -11.55 -15.89
CA ASP C 43 17.46 -12.54 -14.82
C ASP C 43 16.18 -12.20 -14.07
N VAL C 44 15.11 -12.93 -14.35
CA VAL C 44 13.81 -12.64 -13.73
C VAL C 44 13.85 -13.12 -12.28
N ALA C 45 13.58 -12.20 -11.35
CA ALA C 45 13.61 -12.52 -9.94
C ALA C 45 12.28 -13.08 -9.45
N SER C 46 11.20 -12.31 -9.61
CA SER C 46 9.91 -12.73 -9.08
C SER C 46 8.80 -12.02 -9.84
N ILE C 47 8.00 -12.77 -10.58
CA ILE C 47 6.80 -12.21 -11.19
C ILE C 47 5.77 -11.99 -10.09
N ASP C 48 5.39 -10.73 -9.89
CA ASP C 48 4.40 -10.38 -8.88
C ASP C 48 2.99 -10.59 -9.41
N MET C 49 2.00 -9.98 -8.75
CA MET C 49 0.58 -10.14 -9.04
C MET C 49 0.22 -9.85 -10.50
N VAL C 50 -0.78 -10.55 -11.02
CA VAL C 50 -1.27 -10.30 -12.37
C VAL C 50 -2.68 -9.75 -12.26
N SER C 51 -2.80 -8.42 -12.17
CA SER C 51 -4.10 -7.83 -12.00
C SER C 51 -4.77 -7.61 -13.36
N GLU C 52 -6.05 -8.00 -13.41
CA GLU C 52 -6.84 -7.83 -14.61
C GLU C 52 -7.82 -6.67 -14.55
N VAL C 53 -8.05 -6.09 -13.36
CA VAL C 53 -8.86 -4.89 -13.27
C VAL C 53 -8.07 -3.67 -13.76
N ASN C 54 -6.74 -3.78 -13.73
CA ASN C 54 -5.88 -2.73 -14.28
C ASN C 54 -5.11 -3.18 -15.51
N MET C 55 -5.23 -4.47 -15.87
CA MET C 55 -4.60 -5.09 -17.04
C MET C 55 -3.09 -4.94 -17.04
N ASP C 56 -2.44 -5.40 -15.97
CA ASP C 56 -0.99 -5.27 -15.87
C ASP C 56 -0.44 -6.39 -15.02
N TYR C 57 0.81 -6.77 -15.28
CA TYR C 57 1.54 -7.74 -14.48
C TYR C 57 2.79 -7.02 -13.95
N THR C 58 3.07 -7.18 -12.67
CA THR C 58 4.24 -6.53 -12.09
C THR C 58 5.42 -7.48 -12.12
N LEU C 59 6.53 -7.02 -12.70
CA LEU C 59 7.69 -7.86 -12.93
C LEU C 59 8.94 -7.16 -12.41
N THR C 60 9.74 -7.89 -11.64
CA THR C 60 11.06 -7.42 -11.23
C THR C 60 12.13 -8.33 -11.82
N MET C 61 13.29 -7.75 -12.12
CA MET C 61 14.29 -8.48 -12.88
C MET C 61 15.66 -7.84 -12.67
N TYR C 62 16.69 -8.56 -13.06
CA TYR C 62 18.07 -8.06 -13.05
C TYR C 62 18.43 -7.74 -14.50
N PHE C 63 18.06 -6.54 -14.94
CA PHE C 63 18.25 -6.16 -16.33
C PHE C 63 19.70 -5.72 -16.54
N GLN C 64 20.46 -6.50 -17.29
CA GLN C 64 21.87 -6.23 -17.56
C GLN C 64 22.07 -5.95 -19.04
N GLN C 65 22.94 -5.00 -19.34
CA GLN C 65 23.30 -4.65 -20.71
C GLN C 65 24.81 -4.76 -20.89
N SER C 66 25.24 -4.92 -22.14
CA SER C 66 26.66 -5.05 -22.41
C SER C 66 27.05 -4.57 -23.80
N TRP C 67 27.58 -3.35 -23.89
CA TRP C 67 28.08 -2.84 -25.17
C TRP C 67 29.60 -2.89 -25.20
N LYS C 68 30.20 -2.27 -26.22
CA LYS C 68 31.63 -2.41 -26.50
C LYS C 68 32.19 -1.01 -26.77
N ASP C 69 32.03 -0.12 -25.78
CA ASP C 69 32.66 1.20 -25.78
C ASP C 69 34.16 1.10 -26.01
N LYS C 70 34.70 2.05 -26.77
CA LYS C 70 36.09 2.00 -27.19
C LYS C 70 37.02 2.89 -26.39
N ARG C 71 36.55 4.04 -25.90
CA ARG C 71 37.40 4.93 -25.12
C ARG C 71 37.73 4.40 -23.73
N LEU C 72 37.05 3.34 -23.28
CA LEU C 72 37.33 2.72 -22.00
C LEU C 72 38.27 1.53 -22.18
N SER C 73 39.45 1.82 -22.74
CA SER C 73 40.46 0.82 -23.01
C SER C 73 41.72 1.18 -22.24
N TYR C 74 42.32 0.20 -21.58
CA TYR C 74 43.51 0.41 -20.78
C TYR C 74 44.41 -0.83 -20.85
N SER C 75 45.70 -0.59 -20.69
CA SER C 75 46.71 -1.65 -20.69
C SER C 75 47.45 -1.70 -19.37
N GLY C 76 46.74 -1.48 -18.27
CA GLY C 76 47.33 -1.42 -16.94
C GLY C 76 46.95 -2.60 -16.08
N ILE C 77 45.93 -2.40 -15.24
CA ILE C 77 45.39 -3.42 -14.33
C ILE C 77 44.90 -4.62 -15.12
N PRO C 78 45.31 -5.83 -14.76
CA PRO C 78 44.87 -7.01 -15.53
C PRO C 78 43.53 -7.58 -15.08
N LEU C 79 42.74 -6.81 -14.34
CA LEU C 79 41.51 -7.31 -13.77
C LEU C 79 40.31 -6.61 -14.40
N ASN C 80 39.12 -6.92 -13.88
CA ASN C 80 37.85 -6.45 -14.44
C ASN C 80 37.55 -5.00 -14.10
N LEU C 81 38.12 -4.52 -12.98
CA LEU C 81 37.87 -3.20 -12.39
C LEU C 81 36.38 -2.96 -12.15
N THR C 82 35.76 -3.76 -11.28
CA THR C 82 34.36 -3.59 -10.94
C THR C 82 34.21 -2.35 -10.07
N LEU C 83 33.56 -1.32 -10.60
CA LEU C 83 33.49 -0.04 -9.91
C LEU C 83 32.15 0.14 -9.19
N ASP C 84 32.00 1.29 -8.56
CA ASP C 84 30.82 1.63 -7.77
C ASP C 84 29.69 2.05 -8.70
N ASN C 85 28.49 2.24 -8.15
CA ASN C 85 27.32 2.61 -8.95
C ASN C 85 27.29 4.10 -9.25
N ARG C 86 28.18 4.89 -8.67
CA ARG C 86 28.26 6.32 -8.95
C ARG C 86 29.08 6.63 -10.19
N VAL C 87 29.78 5.65 -10.76
CA VAL C 87 30.50 5.88 -12.01
C VAL C 87 29.53 6.01 -13.17
N ALA C 88 28.48 5.18 -13.18
CA ALA C 88 27.57 5.15 -14.34
C ALA C 88 27.17 6.57 -14.75
N ASP C 89 26.91 7.44 -13.78
CA ASP C 89 26.43 8.82 -14.09
C ASP C 89 27.43 9.54 -15.00
N GLN C 90 28.71 9.18 -14.91
CA GLN C 90 29.74 9.91 -15.72
C GLN C 90 30.18 9.03 -16.89
N LEU C 91 29.22 8.40 -17.59
CA LEU C 91 29.57 7.53 -18.69
C LEU C 91 28.35 7.39 -19.59
N TRP C 92 28.59 7.01 -20.84
CA TRP C 92 27.50 6.84 -21.80
C TRP C 92 26.69 5.60 -21.43
N VAL C 93 25.36 5.77 -21.43
CA VAL C 93 24.41 4.72 -21.08
C VAL C 93 23.36 4.70 -22.19
N PRO C 94 22.99 3.54 -22.73
CA PRO C 94 21.89 3.49 -23.70
C PRO C 94 20.56 3.85 -23.06
N ASP C 95 19.66 4.37 -23.88
CA ASP C 95 18.39 4.91 -23.42
C ASP C 95 17.26 3.90 -23.52
N THR C 96 17.56 2.64 -23.23
CA THR C 96 16.60 1.53 -23.30
C THR C 96 15.41 1.74 -22.39
N TYR C 97 14.23 1.84 -22.98
CA TYR C 97 12.98 2.02 -22.25
C TYR C 97 12.05 0.84 -22.51
N PHE C 98 10.90 0.86 -21.85
CA PHE C 98 9.92 -0.21 -21.93
C PHE C 98 8.66 0.39 -22.53
N LEU C 99 8.16 -0.20 -23.63
CA LEU C 99 7.03 0.39 -24.34
C LEU C 99 5.73 0.23 -23.57
N ASN C 100 5.47 -0.97 -23.06
CA ASN C 100 4.25 -1.26 -22.32
C ASN C 100 4.38 -0.95 -20.83
N ASP C 101 5.38 -0.16 -20.46
CA ASP C 101 5.52 0.29 -19.07
C ASP C 101 4.38 1.21 -18.68
N LYS C 102 3.88 1.03 -17.46
CA LYS C 102 2.96 1.97 -16.83
C LYS C 102 3.63 2.77 -15.73
N LYS C 103 4.32 2.10 -14.82
CA LYS C 103 5.10 2.76 -13.77
C LYS C 103 6.21 1.80 -13.36
N SER C 104 7.45 2.20 -13.59
CA SER C 104 8.60 1.41 -13.20
C SER C 104 9.59 2.25 -12.40
N PHE C 105 10.41 1.56 -11.62
CA PHE C 105 11.41 2.22 -10.78
C PHE C 105 12.53 1.25 -10.50
N VAL C 106 13.72 1.80 -10.26
CA VAL C 106 14.87 1.02 -9.84
C VAL C 106 15.18 1.35 -8.38
N HIS C 107 15.46 0.32 -7.60
CA HIS C 107 15.58 0.46 -6.16
C HIS C 107 16.85 1.19 -5.77
N GLY C 108 16.74 2.04 -4.75
CA GLY C 108 17.87 2.80 -4.27
C GLY C 108 18.24 2.46 -2.84
N VAL C 109 17.85 1.29 -2.39
CA VAL C 109 18.10 0.82 -1.03
C VAL C 109 19.22 -0.21 -1.05
N THR C 110 20.23 -0.03 -0.20
CA THR C 110 20.56 1.13 0.60
C THR C 110 21.21 2.19 -0.27
N VAL C 111 21.99 1.71 -1.24
CA VAL C 111 22.57 2.55 -2.27
C VAL C 111 21.82 2.19 -3.55
N LYS C 112 21.91 3.04 -4.57
CA LYS C 112 21.27 2.79 -5.85
C LYS C 112 21.77 1.50 -6.48
N ASN C 113 20.83 0.60 -6.81
CA ASN C 113 21.15 -0.76 -7.21
C ASN C 113 21.63 -0.77 -8.65
N ARG C 114 22.93 -0.55 -8.84
CA ARG C 114 23.51 -0.56 -10.17
C ARG C 114 24.89 -1.21 -10.08
N MET C 115 25.37 -1.71 -11.21
CA MET C 115 26.63 -2.43 -11.27
C MET C 115 27.30 -2.14 -12.61
N ILE C 116 28.61 -1.88 -12.56
CA ILE C 116 29.36 -1.63 -13.78
C ILE C 116 30.76 -2.24 -13.69
N ARG C 117 31.16 -2.97 -14.73
CA ARG C 117 32.45 -3.63 -14.80
C ARG C 117 33.11 -3.27 -16.12
N LEU C 118 34.25 -2.58 -16.04
CA LEU C 118 34.93 -2.08 -17.24
C LEU C 118 36.09 -3.00 -17.57
N HIS C 119 35.78 -4.06 -18.33
CA HIS C 119 36.70 -5.12 -18.75
C HIS C 119 37.85 -4.53 -19.56
N PRO C 120 39.06 -5.10 -19.51
CA PRO C 120 40.25 -4.40 -20.02
C PRO C 120 40.32 -4.19 -21.52
N ASP C 121 39.42 -4.74 -22.33
CA ASP C 121 39.50 -4.39 -23.74
C ASP C 121 38.56 -3.23 -24.09
N GLY C 122 37.25 -3.43 -24.01
CA GLY C 122 36.32 -2.33 -24.08
C GLY C 122 34.99 -2.58 -23.39
N THR C 123 34.85 -3.73 -22.74
CA THR C 123 33.53 -4.22 -22.42
C THR C 123 33.00 -3.63 -21.12
N VAL C 124 31.77 -3.13 -21.17
CA VAL C 124 31.03 -2.66 -20.01
C VAL C 124 29.89 -3.64 -19.81
N LEU C 125 29.59 -3.95 -18.53
CA LEU C 125 28.53 -4.89 -18.22
C LEU C 125 27.55 -4.22 -17.24
N TYR C 126 27.04 -3.05 -17.62
CA TYR C 126 26.03 -2.29 -16.90
C TYR C 126 24.76 -3.10 -16.60
N GLY C 127 24.27 -3.02 -15.36
CA GLY C 127 23.11 -3.79 -14.96
C GLY C 127 22.34 -3.19 -13.81
N LEU C 128 21.01 -3.17 -13.93
CA LEU C 128 20.14 -2.57 -12.92
C LEU C 128 19.34 -3.65 -12.20
N ARG C 129 18.43 -3.20 -11.34
CA ARG C 129 17.43 -4.05 -10.70
C ARG C 129 16.08 -3.34 -10.83
N ILE C 130 15.36 -3.62 -11.90
CA ILE C 130 14.18 -2.84 -12.23
C ILE C 130 12.92 -3.63 -11.90
N THR C 131 11.96 -2.95 -11.26
CA THR C 131 10.63 -3.48 -11.04
C THR C 131 9.69 -2.76 -11.98
N THR C 132 9.09 -3.48 -12.92
CA THR C 132 8.25 -2.90 -13.96
C THR C 132 6.81 -3.36 -13.79
N THR C 133 5.87 -2.43 -13.97
CA THR C 133 4.45 -2.75 -14.04
C THR C 133 4.04 -2.64 -15.51
N ALA C 134 4.23 -3.73 -16.24
CA ALA C 134 4.03 -3.75 -17.68
C ALA C 134 2.57 -4.07 -18.02
N ALA C 135 2.01 -3.29 -18.95
CA ALA C 135 0.65 -3.53 -19.41
C ALA C 135 0.60 -4.71 -20.37
N CYS C 136 -0.39 -5.56 -20.18
CA CYS C 136 -0.52 -6.80 -20.94
C CYS C 136 -1.85 -6.81 -21.68
N MET C 137 -1.82 -7.21 -22.95
CA MET C 137 -3.03 -7.29 -23.75
C MET C 137 -3.76 -8.58 -23.40
N MET C 138 -4.79 -8.47 -22.57
CA MET C 138 -5.52 -9.63 -22.06
C MET C 138 -6.75 -9.86 -22.92
N ASP C 139 -7.08 -11.12 -23.14
CA ASP C 139 -8.26 -11.52 -23.93
C ASP C 139 -9.16 -12.33 -23.01
N LEU C 140 -10.32 -11.75 -22.67
CA LEU C 140 -11.22 -12.35 -21.69
C LEU C 140 -12.45 -12.98 -22.34
N ARG C 141 -12.31 -13.59 -23.52
CA ARG C 141 -13.43 -14.28 -24.12
C ARG C 141 -13.76 -15.59 -23.41
N ARG C 142 -12.77 -16.21 -22.77
CA ARG C 142 -12.94 -17.53 -22.17
C ARG C 142 -12.69 -17.54 -20.67
N TYR C 143 -12.97 -16.43 -19.98
CA TYR C 143 -12.72 -16.34 -18.55
C TYR C 143 -13.66 -17.28 -17.78
N PRO C 144 -13.18 -18.00 -16.76
CA PRO C 144 -11.81 -18.03 -16.23
C PRO C 144 -10.93 -19.13 -16.81
N LEU C 145 -11.41 -19.95 -17.74
CA LEU C 145 -10.60 -21.02 -18.31
C LEU C 145 -9.94 -20.49 -19.58
N ASP C 146 -9.07 -19.49 -19.39
CA ASP C 146 -8.48 -18.76 -20.50
C ASP C 146 -6.98 -18.97 -20.50
N GLU C 147 -6.29 -18.26 -21.38
CA GLU C 147 -4.84 -18.41 -21.54
C GLU C 147 -4.29 -17.10 -22.10
N GLN C 148 -3.40 -16.47 -21.35
CA GLN C 148 -2.86 -15.17 -21.73
C GLN C 148 -1.45 -15.29 -22.30
N ASN C 149 -1.08 -14.31 -23.12
CA ASN C 149 0.26 -14.16 -23.68
C ASN C 149 0.68 -12.72 -23.38
N CYS C 150 1.29 -12.52 -22.22
CA CYS C 150 1.74 -11.20 -21.81
C CYS C 150 3.15 -10.95 -22.32
N THR C 151 3.38 -9.75 -22.87
CA THR C 151 4.63 -9.41 -23.51
C THR C 151 5.35 -8.30 -22.75
N LEU C 152 6.67 -8.26 -22.95
CA LEU C 152 7.50 -7.16 -22.46
C LEU C 152 8.40 -6.72 -23.62
N GLU C 153 8.37 -5.43 -23.93
CA GLU C 153 9.02 -4.91 -25.13
C GLU C 153 10.05 -3.85 -24.75
N ILE C 154 11.30 -4.07 -25.14
CA ILE C 154 12.36 -3.11 -24.86
C ILE C 154 12.90 -2.55 -26.17
N GLU C 155 13.38 -1.30 -26.10
CA GLU C 155 13.65 -0.53 -27.31
C GLU C 155 14.51 0.65 -26.93
N SER C 156 15.37 1.08 -27.85
CA SER C 156 16.03 2.36 -27.70
C SER C 156 15.01 3.47 -27.89
N TYR C 157 15.27 4.63 -27.27
CA TYR C 157 14.36 5.74 -27.41
C TYR C 157 14.83 6.83 -28.36
N GLY C 158 16.13 7.10 -28.45
CA GLY C 158 16.61 8.16 -29.31
C GLY C 158 17.45 7.66 -30.46
N TYR C 159 18.10 6.51 -30.28
CA TYR C 159 19.03 6.00 -31.28
C TYR C 159 18.33 5.02 -32.20
N THR C 160 18.51 5.19 -33.50
CA THR C 160 17.82 4.39 -34.49
C THR C 160 18.61 3.11 -34.78
N THR C 161 18.19 2.38 -35.82
CA THR C 161 18.93 1.20 -36.25
C THR C 161 20.27 1.56 -36.89
N ASP C 162 20.43 2.79 -37.37
CA ASP C 162 21.72 3.24 -37.85
C ASP C 162 22.69 3.55 -36.71
N ASP C 163 22.19 3.67 -35.48
CA ASP C 163 23.02 4.02 -34.35
C ASP C 163 23.11 2.96 -33.27
N ILE C 164 22.17 2.02 -33.21
CA ILE C 164 22.18 1.03 -32.14
C ILE C 164 21.50 -0.23 -32.67
N GLU C 165 21.92 -1.39 -32.15
CA GLU C 165 21.32 -2.67 -32.44
C GLU C 165 21.26 -3.47 -31.15
N PHE C 166 20.13 -4.15 -30.91
CA PHE C 166 19.94 -4.93 -29.70
C PHE C 166 19.93 -6.41 -30.05
N TYR C 167 20.68 -7.20 -29.29
CA TYR C 167 20.66 -8.65 -29.43
C TYR C 167 20.66 -9.29 -28.05
N TRP C 168 20.08 -10.47 -27.96
CA TRP C 168 20.16 -11.28 -26.75
C TRP C 168 21.52 -11.97 -26.74
N ASN C 169 22.21 -11.87 -25.59
CA ASN C 169 23.60 -12.29 -25.47
C ASN C 169 23.75 -13.80 -25.64
N GLY C 170 23.17 -14.57 -24.72
CA GLY C 170 23.13 -16.00 -24.89
C GLY C 170 21.90 -16.39 -25.70
N GLY C 171 22.08 -17.22 -26.72
CA GLY C 171 20.95 -17.70 -27.48
C GLY C 171 20.10 -18.61 -26.62
N GLU C 172 18.93 -18.09 -26.22
CA GLU C 172 17.90 -18.66 -25.33
C GLU C 172 18.38 -18.71 -23.86
N GLY C 173 19.67 -18.49 -23.62
CA GLY C 173 20.22 -18.50 -22.28
C GLY C 173 20.41 -17.11 -21.76
N ALA C 174 19.74 -16.14 -22.37
CA ALA C 174 19.75 -14.77 -21.89
C ALA C 174 18.59 -14.45 -20.96
N VAL C 175 17.56 -15.29 -20.92
CA VAL C 175 16.46 -15.15 -19.98
C VAL C 175 16.45 -16.36 -19.07
N THR C 176 16.58 -16.14 -17.76
CA THR C 176 16.63 -17.24 -16.79
C THR C 176 15.73 -16.94 -15.61
N GLY C 177 15.73 -17.84 -14.62
CA GLY C 177 15.04 -17.61 -13.37
C GLY C 177 13.54 -17.74 -13.43
N VAL C 178 13.02 -18.26 -14.54
CA VAL C 178 11.58 -18.39 -14.71
C VAL C 178 11.05 -19.67 -14.09
N ASN C 179 11.92 -20.65 -13.83
CA ASN C 179 11.47 -21.91 -13.24
C ASN C 179 11.16 -21.74 -11.75
N LYS C 180 12.00 -21.00 -11.03
CA LYS C 180 11.80 -20.79 -9.59
C LYS C 180 10.96 -19.54 -9.35
N ILE C 181 9.77 -19.53 -9.93
CA ILE C 181 8.92 -18.36 -9.93
C ILE C 181 7.70 -18.65 -9.07
N GLU C 182 7.02 -17.58 -8.65
CA GLU C 182 5.81 -17.68 -7.86
C GLU C 182 4.67 -16.92 -8.56
N LEU C 183 3.53 -17.59 -8.69
CA LEU C 183 2.31 -16.96 -9.17
C LEU C 183 1.19 -17.32 -8.19
N PRO C 184 0.37 -16.36 -7.78
CA PRO C 184 -0.77 -16.72 -6.92
C PRO C 184 -1.86 -17.47 -7.68
N GLN C 185 -2.13 -17.10 -8.93
CA GLN C 185 -3.22 -17.69 -9.68
C GLN C 185 -2.76 -18.46 -10.91
N PHE C 186 -1.95 -17.84 -11.77
CA PHE C 186 -1.62 -18.43 -13.05
C PHE C 186 -0.52 -19.49 -12.89
N SER C 187 -0.14 -20.07 -14.02
CA SER C 187 0.94 -21.05 -14.08
C SER C 187 1.68 -20.82 -15.40
N ILE C 188 2.90 -20.31 -15.33
CA ILE C 188 3.63 -19.96 -16.54
C ILE C 188 4.18 -21.22 -17.18
N VAL C 189 4.01 -21.33 -18.50
CA VAL C 189 4.36 -22.55 -19.21
C VAL C 189 5.40 -22.31 -20.29
N ASP C 190 5.44 -21.10 -20.85
CA ASP C 190 6.33 -20.82 -21.98
C ASP C 190 6.83 -19.39 -21.91
N TYR C 191 7.99 -19.18 -22.53
CA TYR C 191 8.55 -17.85 -22.72
C TYR C 191 9.35 -17.86 -24.02
N LYS C 192 9.43 -16.70 -24.66
CA LYS C 192 10.09 -16.63 -25.97
C LYS C 192 10.85 -15.33 -26.14
N MET C 193 11.99 -15.41 -26.84
CA MET C 193 12.75 -14.26 -27.30
C MET C 193 12.43 -14.05 -28.77
N VAL C 194 12.35 -12.78 -29.19
CA VAL C 194 12.11 -12.42 -30.58
C VAL C 194 12.63 -11.00 -30.78
N SER C 195 13.23 -10.74 -31.94
CA SER C 195 13.76 -9.43 -32.28
C SER C 195 12.92 -8.81 -33.41
N LYS C 196 12.87 -7.48 -33.44
CA LYS C 196 12.00 -6.79 -34.38
C LYS C 196 12.71 -5.62 -35.05
N LYS C 197 11.98 -4.80 -35.81
CA LYS C 197 12.50 -3.54 -36.36
C LYS C 197 11.29 -2.63 -36.53
N VAL C 198 10.83 -1.96 -35.48
CA VAL C 198 9.57 -1.16 -35.51
C VAL C 198 9.79 0.06 -36.38
N GLU C 199 8.71 0.64 -36.91
CA GLU C 199 8.76 1.83 -37.79
C GLU C 199 7.93 2.93 -37.14
N PHE C 200 8.57 3.81 -36.37
CA PHE C 200 7.89 4.93 -35.69
C PHE C 200 8.23 6.22 -36.41
N THR C 201 7.42 7.26 -36.26
CA THR C 201 7.63 8.58 -36.90
C THR C 201 9.11 8.87 -37.09
N THR C 202 9.84 9.03 -36.00
CA THR C 202 11.27 9.42 -36.06
C THR C 202 12.03 8.54 -37.04
N GLY C 203 11.74 7.24 -37.09
CA GLY C 203 12.40 6.31 -38.02
C GLY C 203 12.36 4.89 -37.53
N ALA C 204 13.30 4.04 -37.98
CA ALA C 204 13.36 2.62 -37.61
C ALA C 204 14.06 2.46 -36.27
N TYR C 205 13.49 1.76 -35.31
CA TYR C 205 14.11 1.49 -34.00
C TYR C 205 14.13 -0.01 -33.77
N PRO C 206 15.18 -0.63 -33.20
CA PRO C 206 15.15 -2.07 -32.89
C PRO C 206 14.40 -2.35 -31.60
N ARG C 207 13.53 -3.35 -31.66
CA ARG C 207 12.75 -3.75 -30.50
C ARG C 207 13.01 -5.21 -30.21
N LEU C 208 13.28 -5.52 -28.94
CA LEU C 208 13.32 -6.89 -28.46
C LEU C 208 12.05 -7.12 -27.64
N SER C 209 11.32 -8.17 -27.98
CA SER C 209 10.08 -8.47 -27.30
C SER C 209 10.21 -9.77 -26.54
N LEU C 210 9.94 -9.72 -25.24
CA LEU C 210 9.94 -10.88 -24.37
C LEU C 210 8.51 -11.19 -24.00
N SER C 211 8.04 -12.40 -24.32
CA SER C 211 6.65 -12.76 -24.12
C SER C 211 6.57 -13.87 -23.08
N PHE C 212 5.55 -13.80 -22.23
CA PHE C 212 5.28 -14.83 -21.23
C PHE C 212 3.89 -15.41 -21.47
N ARG C 213 3.77 -16.72 -21.33
CA ARG C 213 2.49 -17.41 -21.45
C ARG C 213 1.99 -17.77 -20.06
N LEU C 214 0.78 -17.33 -19.72
CA LEU C 214 0.20 -17.59 -18.42
C LEU C 214 -1.10 -18.36 -18.60
N LYS C 215 -1.22 -19.48 -17.89
CA LYS C 215 -2.42 -20.32 -17.92
C LYS C 215 -3.10 -20.21 -16.55
N ARG C 216 -4.36 -19.80 -16.56
CA ARG C 216 -5.07 -19.54 -15.31
C ARG C 216 -5.51 -20.86 -14.68
N ASN C 217 -5.35 -20.96 -13.36
CA ASN C 217 -5.86 -22.10 -12.62
C ASN C 217 -7.35 -21.90 -12.31
N ILE C 218 -8.04 -23.02 -12.12
CA ILE C 218 -9.49 -23.04 -11.98
C ILE C 218 -9.91 -23.15 -10.51
N GLY C 219 -9.04 -23.69 -9.65
CA GLY C 219 -9.45 -24.18 -8.34
C GLY C 219 -9.97 -23.14 -7.36
N TYR C 220 -9.60 -21.87 -7.54
CA TYR C 220 -10.22 -20.81 -6.75
C TYR C 220 -11.67 -20.61 -7.17
N PHE C 221 -11.91 -20.49 -8.47
CA PHE C 221 -13.26 -20.25 -8.97
C PHE C 221 -14.13 -21.50 -8.93
N ILE C 222 -13.53 -22.68 -8.84
CA ILE C 222 -14.32 -23.91 -8.89
C ILE C 222 -15.05 -24.15 -7.58
N LEU C 223 -14.64 -23.50 -6.49
CA LEU C 223 -15.34 -23.64 -5.21
C LEU C 223 -15.96 -22.34 -4.72
N GLN C 224 -15.56 -21.20 -5.27
CA GLN C 224 -16.13 -19.92 -4.88
C GLN C 224 -17.35 -19.55 -5.72
N THR C 225 -17.38 -19.93 -6.99
CA THR C 225 -18.47 -19.58 -7.88
C THR C 225 -19.18 -20.79 -8.47
N TYR C 226 -18.43 -21.77 -9.00
CA TYR C 226 -19.04 -22.85 -9.78
C TYR C 226 -19.84 -23.81 -8.91
N MET C 227 -19.25 -24.29 -7.82
CA MET C 227 -20.01 -25.10 -6.87
C MET C 227 -21.14 -24.35 -6.16
N PRO C 228 -20.99 -23.08 -5.70
CA PRO C 228 -22.20 -22.36 -5.24
C PRO C 228 -23.27 -22.17 -6.30
N SER C 229 -22.89 -22.01 -7.58
CA SER C 229 -23.90 -21.91 -8.62
C SER C 229 -24.56 -23.25 -8.88
N THR C 230 -23.79 -24.34 -8.80
CA THR C 230 -24.36 -25.66 -9.04
C THR C 230 -25.24 -26.12 -7.88
N LEU C 231 -24.79 -25.89 -6.65
CA LEU C 231 -25.52 -26.39 -5.49
C LEU C 231 -26.76 -25.56 -5.18
N ILE C 232 -26.80 -24.31 -5.66
CA ILE C 232 -28.03 -23.54 -5.52
C ILE C 232 -29.05 -23.92 -6.59
N THR C 233 -28.61 -24.57 -7.67
CA THR C 233 -29.56 -25.13 -8.63
C THR C 233 -30.20 -26.38 -8.06
N ILE C 234 -29.44 -27.18 -7.32
CA ILE C 234 -30.00 -28.33 -6.63
C ILE C 234 -30.89 -27.86 -5.48
N LEU C 235 -30.56 -26.71 -4.88
CA LEU C 235 -31.44 -26.09 -3.89
C LEU C 235 -32.77 -25.70 -4.49
N SER C 236 -32.76 -25.21 -5.74
CA SER C 236 -34.01 -24.93 -6.44
C SER C 236 -34.72 -26.20 -6.90
N TRP C 237 -34.03 -27.34 -6.90
CA TRP C 237 -34.61 -28.60 -7.32
C TRP C 237 -35.32 -29.33 -6.20
N VAL C 238 -35.20 -28.84 -4.96
CA VAL C 238 -35.97 -29.37 -3.85
C VAL C 238 -37.43 -28.94 -3.97
N SER C 239 -37.66 -27.84 -4.71
CA SER C 239 -38.99 -27.30 -4.96
C SER C 239 -39.91 -28.28 -5.70
N PHE C 240 -39.33 -29.17 -6.51
CA PHE C 240 -40.15 -30.13 -7.24
C PHE C 240 -40.69 -31.22 -6.33
N TRP C 241 -39.94 -31.56 -5.27
CA TRP C 241 -40.37 -32.63 -4.39
C TRP C 241 -41.36 -32.17 -3.32
N ILE C 242 -41.59 -30.85 -3.21
CA ILE C 242 -42.60 -30.35 -2.29
C ILE C 242 -43.98 -30.60 -2.89
N ASN C 243 -44.95 -30.90 -2.03
CA ASN C 243 -46.33 -31.13 -2.45
C ASN C 243 -46.95 -29.84 -3.00
N TYR C 244 -47.98 -30.02 -3.83
CA TYR C 244 -48.51 -28.90 -4.60
C TYR C 244 -49.37 -27.98 -3.73
N ASP C 245 -50.05 -28.53 -2.71
CA ASP C 245 -50.97 -27.73 -1.91
C ASP C 245 -50.25 -26.77 -0.99
N ALA C 246 -48.99 -27.03 -0.65
CA ALA C 246 -48.18 -26.11 0.14
C ALA C 246 -47.79 -24.94 -0.75
N SER C 247 -48.54 -23.84 -0.66
CA SER C 247 -48.38 -22.72 -1.57
C SER C 247 -47.19 -21.84 -1.20
N ALA C 248 -47.14 -21.39 0.06
CA ALA C 248 -46.08 -20.49 0.49
C ALA C 248 -44.76 -21.23 0.68
N ALA C 249 -44.81 -22.56 0.84
CA ALA C 249 -43.60 -23.34 1.03
C ALA C 249 -42.77 -23.45 -0.23
N ARG C 250 -43.40 -23.45 -1.40
CA ARG C 250 -42.70 -23.74 -2.64
C ARG C 250 -42.22 -22.50 -3.38
N VAL C 251 -42.92 -21.36 -3.23
CA VAL C 251 -42.46 -20.15 -3.90
C VAL C 251 -41.34 -19.49 -3.11
N ALA C 252 -41.32 -19.66 -1.78
CA ALA C 252 -40.19 -19.19 -0.99
C ALA C 252 -38.95 -20.03 -1.26
N LEU C 253 -39.14 -21.33 -1.47
CA LEU C 253 -38.05 -22.18 -1.96
C LEU C 253 -37.75 -21.88 -3.42
N GLY C 254 -38.70 -21.27 -4.14
CA GLY C 254 -38.46 -20.96 -5.53
C GLY C 254 -37.75 -19.63 -5.72
N ILE C 255 -38.28 -18.56 -5.11
CA ILE C 255 -37.80 -17.22 -5.47
C ILE C 255 -36.52 -16.85 -4.72
N THR C 256 -36.25 -17.44 -3.56
CA THR C 256 -35.02 -17.12 -2.85
C THR C 256 -33.81 -17.81 -3.48
N THR C 257 -34.06 -18.79 -4.35
CA THR C 257 -32.99 -19.41 -5.11
C THR C 257 -32.56 -18.58 -6.30
N VAL C 258 -33.34 -17.57 -6.68
CA VAL C 258 -33.00 -16.78 -7.87
C VAL C 258 -32.62 -15.36 -7.43
N LEU C 259 -33.03 -14.97 -6.23
CA LEU C 259 -32.57 -13.72 -5.66
C LEU C 259 -31.09 -13.80 -5.31
N THR C 260 -30.67 -14.91 -4.71
CA THR C 260 -29.25 -15.11 -4.46
C THR C 260 -28.48 -15.36 -5.74
N MET C 261 -29.12 -15.99 -6.73
CA MET C 261 -28.50 -16.13 -8.05
C MET C 261 -28.34 -14.78 -8.73
N THR C 262 -29.29 -13.87 -8.51
CA THR C 262 -29.10 -12.49 -8.92
C THR C 262 -28.03 -11.81 -8.07
N THR C 263 -27.99 -12.14 -6.77
CA THR C 263 -27.00 -11.57 -5.87
C THR C 263 -25.59 -12.05 -6.22
N ILE C 264 -25.45 -13.33 -6.55
CA ILE C 264 -24.17 -13.88 -7.00
C ILE C 264 -23.76 -13.25 -8.34
N SER C 265 -24.74 -12.99 -9.21
CA SER C 265 -24.49 -12.30 -10.47
C SER C 265 -24.01 -10.87 -10.24
N THR C 266 -24.58 -10.18 -9.26
CA THR C 266 -24.10 -8.85 -8.93
C THR C 266 -22.79 -8.89 -8.14
N HIS C 267 -22.63 -9.88 -7.27
CA HIS C 267 -21.38 -10.01 -6.50
C HIS C 267 -20.36 -10.91 -7.21
N LEU C 268 -20.20 -10.71 -8.50
CA LEU C 268 -19.16 -11.35 -9.29
C LEU C 268 -18.33 -10.36 -10.06
N ARG C 269 -18.93 -9.27 -10.55
CA ARG C 269 -18.29 -8.37 -11.49
C ARG C 269 -17.60 -7.18 -10.82
N GLU C 270 -17.65 -7.08 -9.49
CA GLU C 270 -16.86 -6.07 -8.81
C GLU C 270 -15.42 -6.51 -8.58
N THR C 271 -15.16 -7.81 -8.62
CA THR C 271 -13.80 -8.35 -8.62
C THR C 271 -13.26 -8.52 -10.03
N LEU C 272 -14.11 -8.33 -11.03
CA LEU C 272 -13.84 -8.37 -12.45
C LEU C 272 -13.72 -6.96 -12.99
N PRO C 273 -13.01 -6.74 -14.11
CA PRO C 273 -12.94 -5.38 -14.66
C PRO C 273 -14.23 -4.94 -15.32
N LYS C 274 -14.24 -3.72 -15.85
CA LYS C 274 -15.43 -3.12 -16.44
C LYS C 274 -15.61 -3.61 -17.88
N ILE C 275 -15.84 -4.92 -18.02
CA ILE C 275 -15.74 -5.62 -19.30
C ILE C 275 -17.05 -5.36 -20.06
N PRO C 276 -17.01 -5.14 -21.39
CA PRO C 276 -18.27 -4.92 -22.11
C PRO C 276 -18.95 -6.19 -22.59
N TYR C 277 -18.20 -7.25 -22.84
CA TYR C 277 -18.75 -8.44 -23.49
C TYR C 277 -18.98 -9.54 -22.47
N VAL C 278 -19.33 -10.73 -22.98
CA VAL C 278 -19.78 -11.85 -22.17
C VAL C 278 -18.62 -12.82 -22.00
N LYS C 279 -18.31 -13.16 -20.75
CA LYS C 279 -17.30 -14.16 -20.46
C LYS C 279 -17.94 -15.55 -20.40
N ALA C 280 -17.09 -16.58 -20.30
CA ALA C 280 -17.59 -17.95 -20.25
C ALA C 280 -18.25 -18.26 -18.90
N ILE C 281 -17.81 -17.59 -17.84
CA ILE C 281 -18.48 -17.72 -16.55
C ILE C 281 -19.88 -17.10 -16.61
N ASP C 282 -20.04 -16.01 -17.35
CA ASP C 282 -21.34 -15.36 -17.46
C ASP C 282 -22.30 -16.16 -18.32
N ILE C 283 -21.78 -16.92 -19.29
CA ILE C 283 -22.62 -17.86 -20.03
C ILE C 283 -23.11 -18.96 -19.11
N TYR C 284 -22.21 -19.50 -18.29
CA TYR C 284 -22.57 -20.58 -17.37
C TYR C 284 -23.48 -20.09 -16.26
N LEU C 285 -23.28 -18.85 -15.80
CA LEU C 285 -24.15 -18.30 -14.76
C LEU C 285 -25.54 -18.00 -15.31
N MET C 286 -25.62 -17.49 -16.53
CA MET C 286 -26.92 -17.27 -17.16
C MET C 286 -27.54 -18.56 -17.66
N GLY C 287 -26.74 -19.62 -17.84
CA GLY C 287 -27.30 -20.90 -18.26
C GLY C 287 -28.17 -21.54 -17.21
N CYS C 288 -27.75 -21.48 -15.94
CA CYS C 288 -28.54 -21.97 -14.84
C CYS C 288 -29.47 -20.90 -14.27
N PHE C 289 -29.36 -19.66 -14.75
CA PHE C 289 -30.25 -18.59 -14.31
C PHE C 289 -31.63 -18.72 -14.92
N VAL C 290 -31.70 -19.22 -16.15
CA VAL C 290 -33.00 -19.46 -16.78
C VAL C 290 -33.58 -20.79 -16.34
N PHE C 291 -32.77 -21.66 -15.74
CA PHE C 291 -33.28 -22.94 -15.23
C PHE C 291 -34.13 -22.73 -14.00
N VAL C 292 -33.79 -21.72 -13.17
CA VAL C 292 -34.64 -21.37 -12.05
C VAL C 292 -35.92 -20.70 -12.54
N PHE C 293 -35.83 -19.94 -13.64
CA PHE C 293 -37.04 -19.41 -14.29
C PHE C 293 -37.91 -20.52 -14.84
N LEU C 294 -37.29 -21.60 -15.32
CA LEU C 294 -38.05 -22.76 -15.77
C LEU C 294 -38.69 -23.49 -14.60
N ALA C 295 -38.06 -23.42 -13.42
CA ALA C 295 -38.68 -23.99 -12.23
C ALA C 295 -39.84 -23.12 -11.75
N LEU C 296 -39.67 -21.80 -11.80
CA LEU C 296 -40.71 -20.88 -11.35
C LEU C 296 -41.88 -20.86 -12.32
N LEU C 297 -41.61 -21.00 -13.63
CA LEU C 297 -42.69 -21.12 -14.59
C LEU C 297 -43.42 -22.45 -14.45
N GLU C 298 -42.70 -23.49 -14.02
CA GLU C 298 -43.34 -24.77 -13.75
C GLU C 298 -44.29 -24.68 -12.56
N TYR C 299 -43.91 -23.92 -11.53
CA TYR C 299 -44.80 -23.72 -10.39
C TYR C 299 -46.01 -22.87 -10.77
N ALA C 300 -45.81 -21.87 -11.65
CA ALA C 300 -46.93 -21.07 -12.11
C ALA C 300 -47.85 -21.86 -13.02
N PHE C 301 -47.29 -22.85 -13.73
CA PHE C 301 -48.12 -23.69 -14.59
C PHE C 301 -48.92 -24.71 -13.79
N VAL C 302 -48.32 -25.27 -12.73
CA VAL C 302 -49.03 -26.29 -11.95
C VAL C 302 -50.03 -25.65 -10.99
N ASN C 303 -49.80 -24.39 -10.58
CA ASN C 303 -50.79 -23.68 -9.79
C ASN C 303 -51.96 -23.19 -10.63
N TYR C 304 -51.73 -22.99 -11.93
CA TYR C 304 -52.81 -22.62 -12.83
C TYR C 304 -53.74 -23.80 -13.10
N ILE C 305 -53.18 -25.01 -13.17
CA ILE C 305 -53.99 -26.20 -13.42
C ILE C 305 -54.84 -26.52 -12.20
N PHE C 306 -54.24 -26.55 -11.03
CA PHE C 306 -54.95 -26.88 -9.80
C PHE C 306 -55.77 -25.70 -9.29
N ASN C 422 -51.74 -34.03 -11.29
CA ASN C 422 -50.57 -33.17 -11.40
C ASN C 422 -49.36 -33.96 -11.91
N SER C 423 -49.35 -34.23 -13.21
CA SER C 423 -48.24 -34.97 -13.81
C SER C 423 -47.04 -34.06 -14.04
N ILE C 424 -47.25 -32.74 -13.99
CA ILE C 424 -46.23 -31.73 -14.27
C ILE C 424 -45.13 -31.80 -13.20
N ASP C 425 -45.52 -32.15 -11.97
CA ASP C 425 -44.63 -32.20 -10.82
C ASP C 425 -43.50 -33.22 -11.00
N LYS C 426 -43.83 -34.41 -11.52
CA LYS C 426 -42.80 -35.43 -11.70
C LYS C 426 -42.29 -35.49 -13.13
N TRP C 427 -42.90 -34.75 -14.07
CA TRP C 427 -42.33 -34.64 -15.40
C TRP C 427 -41.04 -33.81 -15.37
N SER C 428 -40.95 -32.87 -14.44
CA SER C 428 -39.77 -32.03 -14.32
C SER C 428 -38.57 -32.83 -13.83
N ARG C 429 -38.79 -33.74 -12.88
CA ARG C 429 -37.71 -34.59 -12.39
C ARG C 429 -37.27 -35.62 -13.42
N MET C 430 -38.08 -35.85 -14.46
CA MET C 430 -37.66 -36.61 -15.63
C MET C 430 -37.04 -35.72 -16.70
N PHE C 431 -37.03 -34.40 -16.51
CA PHE C 431 -36.54 -33.48 -17.54
C PHE C 431 -35.40 -32.62 -17.04
N PHE C 432 -35.53 -32.05 -15.83
CA PHE C 432 -34.53 -31.14 -15.26
C PHE C 432 -33.17 -31.78 -14.98
N PRO C 433 -33.04 -33.00 -14.40
CA PRO C 433 -31.69 -33.61 -14.33
C PRO C 433 -31.08 -33.92 -15.68
N ILE C 434 -31.90 -34.18 -16.69
CA ILE C 434 -31.39 -34.41 -18.04
C ILE C 434 -30.86 -33.10 -18.63
N THR C 435 -31.57 -32.00 -18.39
CA THR C 435 -31.24 -30.73 -19.04
C THR C 435 -29.96 -30.12 -18.47
N PHE C 436 -29.79 -30.15 -17.14
CA PHE C 436 -28.64 -29.49 -16.53
C PHE C 436 -27.36 -30.31 -16.72
N SER C 437 -27.47 -31.64 -16.70
CA SER C 437 -26.31 -32.49 -16.89
C SER C 437 -25.79 -32.42 -18.32
N LEU C 438 -26.71 -32.32 -19.29
CA LEU C 438 -26.33 -32.14 -20.69
C LEU C 438 -25.72 -30.76 -20.89
N PHE C 439 -26.25 -29.77 -20.16
CA PHE C 439 -25.67 -28.43 -20.20
C PHE C 439 -24.28 -28.41 -19.57
N ASN C 440 -24.07 -29.21 -18.52
CA ASN C 440 -22.76 -29.31 -17.91
C ASN C 440 -21.76 -30.03 -18.80
N VAL C 441 -22.24 -31.00 -19.59
CA VAL C 441 -21.34 -31.73 -20.49
C VAL C 441 -20.87 -30.83 -21.62
N VAL C 442 -21.79 -30.09 -22.24
CA VAL C 442 -21.43 -29.25 -23.38
C VAL C 442 -20.70 -27.97 -22.99
N TYR C 443 -20.61 -27.66 -21.70
CA TYR C 443 -19.87 -26.49 -21.24
C TYR C 443 -18.44 -26.84 -20.88
N TRP C 444 -18.25 -27.90 -20.09
CA TRP C 444 -16.91 -28.25 -19.64
C TRP C 444 -16.08 -28.89 -20.75
N LEU C 445 -16.73 -29.58 -21.69
CA LEU C 445 -16.00 -30.15 -22.82
C LEU C 445 -15.63 -29.07 -23.84
N TYR C 446 -16.45 -28.03 -23.96
CA TYR C 446 -16.12 -26.93 -24.87
C TYR C 446 -14.96 -26.09 -24.34
N TYR C 447 -14.78 -26.04 -23.02
CA TYR C 447 -13.70 -25.28 -22.43
C TYR C 447 -12.70 -26.19 -21.74
N SER D 7 39.54 10.33 -36.95
CA SER D 7 38.26 9.74 -36.55
C SER D 7 37.20 10.82 -36.38
N ASN D 8 35.93 10.40 -36.40
CA ASN D 8 34.82 11.35 -36.29
C ASN D 8 34.66 11.86 -34.86
N MET D 9 35.29 11.19 -33.89
CA MET D 9 35.08 11.52 -32.48
C MET D 9 35.56 12.92 -32.14
N SER D 10 36.72 13.32 -32.67
CA SER D 10 37.27 14.65 -32.38
C SER D 10 36.39 15.75 -32.99
N TYR D 11 35.91 15.53 -34.22
CA TYR D 11 35.04 16.51 -34.86
C TYR D 11 33.72 16.65 -34.13
N VAL D 12 33.16 15.53 -33.67
CA VAL D 12 31.84 15.59 -33.08
C VAL D 12 31.96 16.11 -31.64
N LYS D 13 33.11 15.91 -30.98
CA LYS D 13 33.26 16.53 -29.67
C LYS D 13 33.69 17.99 -29.74
N GLU D 14 34.23 18.47 -30.85
CA GLU D 14 34.54 19.89 -30.97
C GLU D 14 33.43 20.70 -31.62
N THR D 15 32.46 20.05 -32.27
CA THR D 15 31.33 20.75 -32.87
C THR D 15 30.19 20.96 -31.87
N VAL D 16 29.99 20.01 -30.96
CA VAL D 16 28.89 20.10 -30.00
C VAL D 16 29.33 20.99 -28.85
N ASP D 17 30.64 21.20 -28.71
CA ASP D 17 31.09 22.20 -27.76
C ASP D 17 31.18 23.60 -28.34
N ARG D 18 31.13 23.77 -29.66
CA ARG D 18 31.01 25.10 -30.23
C ARG D 18 29.57 25.61 -30.15
N LEU D 19 28.60 24.70 -30.24
CA LEU D 19 27.20 25.08 -30.11
C LEU D 19 26.86 25.51 -28.69
N LEU D 20 27.43 24.82 -27.70
CA LEU D 20 27.12 25.06 -26.31
C LEU D 20 28.06 26.06 -25.64
N LYS D 21 28.87 26.75 -26.43
CA LYS D 21 29.73 27.82 -25.93
C LYS D 21 29.05 29.16 -26.20
N GLY D 22 28.68 29.86 -25.12
CA GLY D 22 27.98 31.12 -25.25
C GLY D 22 26.49 31.00 -25.51
N TYR D 23 25.92 29.81 -25.36
CA TYR D 23 24.49 29.62 -25.56
C TYR D 23 23.74 30.10 -24.32
N ASP D 24 22.75 30.95 -24.53
CA ASP D 24 21.94 31.49 -23.44
C ASP D 24 20.63 30.71 -23.37
N ILE D 25 20.51 29.88 -22.34
CA ILE D 25 19.33 29.03 -22.19
C ILE D 25 18.11 29.84 -21.77
N ARG D 26 18.30 30.95 -21.07
CA ARG D 26 17.17 31.72 -20.54
C ARG D 26 16.42 32.50 -21.61
N LEU D 27 16.97 32.61 -22.82
CA LEU D 27 16.33 33.33 -23.90
C LEU D 27 15.83 32.36 -24.96
N ARG D 28 14.63 32.63 -25.50
CA ARG D 28 14.11 31.87 -26.62
C ARG D 28 14.92 32.18 -27.87
N PRO D 29 14.91 31.28 -28.86
CA PRO D 29 15.63 31.56 -30.11
C PRO D 29 15.00 32.72 -30.87
N ASP D 30 15.88 33.60 -31.37
CA ASP D 30 15.53 34.86 -32.05
C ASP D 30 14.63 35.70 -31.15
N PHE D 31 15.22 36.14 -30.03
CA PHE D 31 14.48 36.89 -29.01
C PHE D 31 14.09 38.27 -29.49
N GLY D 32 14.97 38.95 -30.21
CA GLY D 32 14.73 40.32 -30.62
C GLY D 32 13.94 40.51 -31.89
N GLY D 33 13.41 39.44 -32.47
CA GLY D 33 12.70 39.54 -33.72
C GLY D 33 11.36 38.82 -33.73
N PRO D 34 11.10 38.06 -34.79
CA PRO D 34 9.81 37.40 -34.94
C PRO D 34 9.66 36.25 -33.96
N PRO D 35 8.43 35.86 -33.63
CA PRO D 35 8.22 34.71 -32.74
C PRO D 35 8.64 33.40 -33.38
N VAL D 36 9.02 32.46 -32.52
CA VAL D 36 9.44 31.13 -32.93
C VAL D 36 8.18 30.28 -33.12
N ASP D 37 8.18 29.44 -34.14
CA ASP D 37 7.07 28.54 -34.41
C ASP D 37 7.44 27.11 -34.03
N VAL D 38 6.56 26.46 -33.30
CA VAL D 38 6.81 25.11 -32.77
C VAL D 38 5.79 24.17 -33.38
N GLY D 39 6.26 23.19 -34.14
CA GLY D 39 5.40 22.18 -34.73
C GLY D 39 5.45 20.92 -33.89
N MET D 40 4.27 20.40 -33.55
CA MET D 40 4.17 19.26 -32.67
C MET D 40 3.33 18.15 -33.30
N ARG D 41 3.66 16.92 -32.93
CA ARG D 41 2.91 15.73 -33.29
C ARG D 41 2.70 14.89 -32.05
N ILE D 42 1.60 14.16 -32.01
CA ILE D 42 1.29 13.27 -30.90
C ILE D 42 1.10 11.87 -31.45
N ASP D 43 1.95 10.94 -31.03
CA ASP D 43 1.79 9.53 -31.35
C ASP D 43 1.20 8.87 -30.11
N VAL D 44 -0.11 8.67 -30.11
CA VAL D 44 -0.80 8.12 -28.96
C VAL D 44 -0.44 6.64 -28.82
N ALA D 45 0.10 6.28 -27.66
CA ALA D 45 0.44 4.89 -27.40
C ALA D 45 -0.75 4.11 -26.85
N SER D 46 -1.39 4.62 -25.80
CA SER D 46 -2.48 3.90 -25.16
C SER D 46 -3.37 4.90 -24.43
N ILE D 47 -4.59 5.09 -24.93
CA ILE D 47 -5.63 5.79 -24.18
C ILE D 47 -6.08 4.81 -23.10
N ASP D 48 -5.61 5.01 -21.87
CA ASP D 48 -5.90 4.08 -20.78
C ASP D 48 -7.30 4.29 -20.24
N MET D 49 -7.55 3.78 -19.03
CA MET D 49 -8.87 3.78 -18.40
C MET D 49 -9.50 5.18 -18.31
N VAL D 50 -10.71 5.30 -18.85
CA VAL D 50 -11.44 6.55 -18.78
C VAL D 50 -12.30 6.48 -17.52
N SER D 51 -11.76 7.00 -16.42
CA SER D 51 -12.50 7.01 -15.18
C SER D 51 -13.59 8.08 -15.24
N GLU D 52 -14.81 7.66 -14.93
CA GLU D 52 -15.94 8.57 -15.02
C GLU D 52 -16.51 8.94 -13.67
N VAL D 53 -16.09 8.30 -12.57
CA VAL D 53 -16.40 8.80 -11.24
C VAL D 53 -15.42 9.86 -10.78
N ASN D 54 -14.32 10.07 -11.51
CA ASN D 54 -13.35 11.11 -11.21
C ASN D 54 -13.20 12.08 -12.38
N MET D 55 -13.97 11.87 -13.46
CA MET D 55 -14.04 12.71 -14.65
C MET D 55 -12.68 12.92 -15.31
N ASP D 56 -11.96 11.84 -15.59
CA ASP D 56 -10.62 11.97 -16.14
C ASP D 56 -10.28 10.74 -16.96
N TYR D 57 -9.47 10.95 -17.99
CA TYR D 57 -9.00 9.86 -18.84
C TYR D 57 -7.48 9.84 -18.80
N THR D 58 -6.91 8.66 -18.61
CA THR D 58 -5.45 8.52 -18.57
C THR D 58 -4.93 8.28 -19.98
N LEU D 59 -3.95 9.09 -20.39
CA LEU D 59 -3.44 9.05 -21.75
C LEU D 59 -1.92 9.04 -21.72
N THR D 60 -1.33 8.08 -22.42
CA THR D 60 0.11 8.07 -22.65
C THR D 60 0.37 8.15 -24.15
N MET D 61 1.46 8.82 -24.51
CA MET D 61 1.71 9.18 -25.90
C MET D 61 3.19 9.47 -26.09
N TYR D 62 3.56 9.78 -27.33
CA TYR D 62 4.91 10.18 -27.67
C TYR D 62 4.85 11.64 -28.12
N PHE D 63 4.94 12.56 -27.15
CA PHE D 63 4.78 13.98 -27.45
C PHE D 63 6.05 14.53 -28.07
N GLN D 64 6.02 14.77 -29.38
CA GLN D 64 7.16 15.30 -30.12
C GLN D 64 6.94 16.78 -30.41
N GLN D 65 8.01 17.56 -30.32
CA GLN D 65 7.99 18.97 -30.67
C GLN D 65 9.11 19.23 -31.66
N SER D 66 8.96 20.30 -32.46
CA SER D 66 9.97 20.64 -33.44
C SER D 66 10.00 22.14 -33.67
N TRP D 67 11.19 22.72 -33.63
CA TRP D 67 11.36 24.14 -33.88
C TRP D 67 12.75 24.37 -34.45
N LYS D 68 12.96 25.55 -35.01
CA LYS D 68 14.23 25.90 -35.64
C LYS D 68 14.98 26.88 -34.74
N ASP D 69 16.23 26.55 -34.40
CA ASP D 69 17.13 27.42 -33.67
C ASP D 69 18.29 27.76 -34.57
N LYS D 70 18.55 29.06 -34.77
CA LYS D 70 19.64 29.47 -35.64
C LYS D 70 21.00 29.37 -34.96
N ARG D 71 21.03 29.31 -33.63
CA ARG D 71 22.32 29.21 -32.94
C ARG D 71 22.92 27.81 -33.05
N LEU D 72 22.11 26.80 -33.32
CA LEU D 72 22.60 25.44 -33.52
C LEU D 72 22.77 25.14 -35.00
N SER D 73 23.66 25.91 -35.64
CA SER D 73 24.00 25.72 -37.04
C SER D 73 25.43 25.22 -37.14
N TYR D 74 25.61 24.10 -37.82
CA TYR D 74 26.92 23.48 -38.00
C TYR D 74 27.02 22.98 -39.43
N SER D 75 28.25 22.93 -39.93
CA SER D 75 28.49 22.53 -41.32
C SER D 75 29.68 21.59 -41.41
N GLY D 76 29.82 20.68 -40.45
CA GLY D 76 30.89 19.70 -40.50
C GLY D 76 30.43 18.27 -40.59
N ILE D 77 29.29 17.95 -39.97
CA ILE D 77 28.75 16.60 -39.92
C ILE D 77 27.38 16.63 -40.61
N PRO D 78 27.24 15.98 -41.78
CA PRO D 78 25.97 16.02 -42.52
C PRO D 78 25.00 14.91 -42.12
N LEU D 79 24.73 14.78 -40.82
CA LEU D 79 23.82 13.75 -40.33
C LEU D 79 22.84 14.40 -39.37
N ASN D 80 21.95 13.58 -38.81
CA ASN D 80 21.14 13.99 -37.66
C ASN D 80 22.00 13.81 -36.43
N LEU D 81 22.42 14.92 -35.81
CA LEU D 81 23.15 14.77 -34.56
C LEU D 81 22.21 14.37 -33.43
N THR D 82 22.23 13.08 -33.09
CA THR D 82 21.37 12.54 -32.03
C THR D 82 22.19 12.45 -30.75
N LEU D 83 22.10 13.50 -29.94
CA LEU D 83 22.85 13.55 -28.70
C LEU D 83 22.12 12.76 -27.63
N ASP D 84 22.72 12.73 -26.43
CA ASP D 84 22.08 12.14 -25.27
C ASP D 84 20.92 13.02 -24.80
N ASN D 85 20.09 12.47 -23.94
CA ASN D 85 18.94 13.23 -23.45
C ASN D 85 19.29 14.19 -22.33
N ARG D 86 20.54 14.21 -21.86
CA ARG D 86 20.97 15.13 -20.82
C ARG D 86 21.47 16.45 -21.38
N VAL D 87 21.38 16.65 -22.70
CA VAL D 87 21.84 17.91 -23.29
C VAL D 87 20.63 18.83 -23.31
N ALA D 88 19.44 18.28 -23.09
CA ALA D 88 18.20 19.03 -23.04
C ALA D 88 18.12 19.97 -21.85
N ASP D 89 18.89 19.70 -20.78
CA ASP D 89 18.96 20.60 -19.65
C ASP D 89 19.88 21.79 -19.94
N GLN D 90 20.60 21.73 -21.06
CA GLN D 90 21.50 22.80 -21.47
C GLN D 90 21.03 23.53 -22.71
N LEU D 91 19.91 23.13 -23.29
CA LEU D 91 19.33 23.79 -24.45
C LEU D 91 17.98 24.41 -24.10
N TRP D 92 17.50 25.28 -24.98
CA TRP D 92 16.21 25.91 -24.78
C TRP D 92 15.10 24.91 -25.03
N VAL D 93 14.10 24.91 -24.14
CA VAL D 93 12.94 24.04 -24.23
C VAL D 93 11.70 24.93 -24.15
N PRO D 94 10.73 24.77 -25.04
CA PRO D 94 9.47 25.51 -24.88
C PRO D 94 8.71 25.03 -23.65
N ASP D 95 7.90 25.93 -23.09
CA ASP D 95 7.25 25.70 -21.81
C ASP D 95 5.89 25.05 -21.96
N THR D 96 5.76 24.19 -22.97
CA THR D 96 4.51 23.55 -23.36
C THR D 96 3.93 22.71 -22.23
N TYR D 97 2.70 23.04 -21.83
CA TYR D 97 2.01 22.36 -20.74
C TYR D 97 0.58 22.05 -21.15
N PHE D 98 -0.03 21.11 -20.43
CA PHE D 98 -1.39 20.67 -20.71
C PHE D 98 -2.33 21.32 -19.71
N LEU D 99 -3.40 21.95 -20.21
CA LEU D 99 -4.25 22.75 -19.33
C LEU D 99 -5.14 21.87 -18.45
N ASN D 100 -5.72 20.81 -19.02
CA ASN D 100 -6.63 19.97 -18.26
C ASN D 100 -5.89 18.84 -17.54
N ASP D 101 -4.60 19.03 -17.31
CA ASP D 101 -3.81 18.08 -16.55
C ASP D 101 -4.22 18.08 -15.08
N LYS D 102 -4.30 16.89 -14.50
CA LYS D 102 -4.42 16.73 -13.06
C LYS D 102 -3.13 16.22 -12.44
N LYS D 103 -2.53 15.19 -13.02
CA LYS D 103 -1.21 14.71 -12.60
C LYS D 103 -0.58 14.00 -13.79
N SER D 104 0.55 14.51 -14.25
CA SER D 104 1.31 13.90 -15.32
C SER D 104 2.75 13.69 -14.89
N PHE D 105 3.41 12.74 -15.56
CA PHE D 105 4.80 12.42 -15.27
C PHE D 105 5.45 11.87 -16.51
N VAL D 106 6.75 12.11 -16.64
CA VAL D 106 7.55 11.52 -17.71
C VAL D 106 8.31 10.34 -17.12
N HIS D 107 8.39 9.26 -17.89
CA HIS D 107 9.04 8.05 -17.40
C HIS D 107 10.55 8.22 -17.39
N GLY D 108 11.18 7.68 -16.36
CA GLY D 108 12.61 7.79 -16.19
C GLY D 108 13.31 6.45 -16.14
N VAL D 109 12.67 5.42 -16.69
CA VAL D 109 13.21 4.07 -16.69
C VAL D 109 13.70 3.73 -18.10
N THR D 110 14.93 3.21 -18.20
CA THR D 110 15.99 3.17 -17.19
C THR D 110 16.64 4.53 -17.09
N VAL D 111 16.71 5.19 -18.24
CA VAL D 111 17.16 6.57 -18.36
C VAL D 111 15.90 7.36 -18.69
N LYS D 112 15.94 8.67 -18.40
CA LYS D 112 14.81 9.57 -18.65
C LYS D 112 14.38 9.53 -20.11
N ASN D 113 13.09 9.28 -20.34
CA ASN D 113 12.57 9.01 -21.68
C ASN D 113 12.49 10.31 -22.46
N ARG D 114 13.64 10.75 -22.95
CA ARG D 114 13.71 11.97 -23.74
C ARG D 114 14.58 11.72 -24.95
N MET D 115 14.23 12.38 -26.06
CA MET D 115 14.91 12.22 -27.33
C MET D 115 15.25 13.58 -27.91
N ILE D 116 16.49 13.74 -28.36
CA ILE D 116 16.94 14.97 -28.98
C ILE D 116 17.55 14.60 -30.34
N ARG D 117 17.54 15.56 -31.26
CA ARG D 117 18.11 15.35 -32.59
C ARG D 117 18.41 16.71 -33.19
N LEU D 118 19.69 17.00 -33.40
CA LEU D 118 20.13 18.30 -33.89
C LEU D 118 20.37 18.21 -35.38
N HIS D 119 19.50 18.86 -36.15
CA HIS D 119 19.59 18.85 -37.60
C HIS D 119 20.63 19.86 -38.06
N PRO D 120 21.21 19.67 -39.26
CA PRO D 120 22.25 20.60 -39.74
C PRO D 120 21.77 22.03 -39.99
N ASP D 121 20.47 22.27 -40.18
CA ASP D 121 19.97 23.64 -40.30
C ASP D 121 19.73 24.23 -38.91
N GLY D 122 19.25 23.40 -37.99
CA GLY D 122 18.97 23.86 -36.65
C GLY D 122 17.68 23.29 -36.08
N THR D 123 17.01 22.43 -36.85
CA THR D 123 15.74 21.86 -36.43
C THR D 123 15.91 20.87 -35.28
N VAL D 124 15.46 21.26 -34.09
CA VAL D 124 15.50 20.39 -32.92
C VAL D 124 14.24 19.54 -32.97
N LEU D 125 14.35 18.26 -32.58
CA LEU D 125 13.20 17.35 -32.63
C LEU D 125 13.01 16.75 -31.23
N TYR D 126 12.91 17.62 -30.22
CA TYR D 126 12.68 17.24 -28.84
C TYR D 126 11.35 16.52 -28.67
N GLY D 127 11.42 15.28 -28.17
CA GLY D 127 10.23 14.45 -28.06
C GLY D 127 10.19 13.62 -26.79
N LEU D 128 9.07 13.67 -26.08
CA LEU D 128 8.95 13.02 -24.78
C LEU D 128 7.97 11.87 -24.83
N ARG D 129 8.00 11.06 -23.78
CA ARG D 129 7.02 10.00 -23.54
C ARG D 129 6.32 10.33 -22.24
N ILE D 130 5.10 10.85 -22.33
CA ILE D 130 4.39 11.43 -21.21
C ILE D 130 3.11 10.64 -20.97
N THR D 131 2.83 10.35 -19.71
CA THR D 131 1.55 9.78 -19.29
C THR D 131 0.76 10.87 -18.56
N THR D 132 -0.36 11.28 -19.15
CA THR D 132 -1.16 12.37 -18.61
C THR D 132 -2.51 11.84 -18.15
N THR D 133 -2.91 12.23 -16.94
CA THR D 133 -4.25 11.94 -16.43
C THR D 133 -5.09 13.20 -16.62
N ALA D 134 -5.47 13.45 -17.87
CA ALA D 134 -6.20 14.65 -18.23
C ALA D 134 -7.67 14.52 -17.84
N ALA D 135 -8.24 15.63 -17.38
CA ALA D 135 -9.63 15.64 -16.97
C ALA D 135 -10.55 15.87 -18.16
N CYS D 136 -11.71 15.24 -18.14
CA CYS D 136 -12.65 15.25 -19.25
C CYS D 136 -14.02 15.73 -18.78
N MET D 137 -14.69 16.48 -19.64
CA MET D 137 -16.00 17.05 -19.33
C MET D 137 -17.07 16.03 -19.72
N MET D 138 -17.83 15.56 -18.74
CA MET D 138 -18.83 14.52 -18.96
C MET D 138 -20.21 15.05 -18.60
N ASP D 139 -21.02 15.31 -19.63
CA ASP D 139 -22.42 15.67 -19.44
C ASP D 139 -23.32 14.44 -19.56
N LEU D 140 -23.07 13.49 -18.65
CA LEU D 140 -23.76 12.21 -18.69
C LEU D 140 -25.22 12.34 -18.20
N ARG D 141 -26.12 12.53 -19.16
CA ARG D 141 -27.55 12.60 -18.87
C ARG D 141 -28.26 11.48 -19.61
N ARG D 142 -27.70 11.07 -20.74
CA ARG D 142 -28.18 9.93 -21.51
C ARG D 142 -27.44 8.65 -21.16
N TYR D 143 -27.03 8.51 -19.90
CA TYR D 143 -26.30 7.33 -19.45
C TYR D 143 -27.22 6.12 -19.48
N PRO D 144 -26.76 4.96 -19.96
CA PRO D 144 -25.41 4.67 -20.47
C PRO D 144 -25.25 4.84 -21.97
N LEU D 145 -26.26 5.31 -22.69
CA LEU D 145 -26.16 5.45 -24.15
C LEU D 145 -25.67 6.83 -24.55
N ASP D 146 -24.54 7.26 -23.97
CA ASP D 146 -24.05 8.61 -24.19
C ASP D 146 -22.91 8.66 -25.20
N GLU D 147 -22.37 9.85 -25.42
CA GLU D 147 -21.27 10.04 -26.37
C GLU D 147 -20.45 11.24 -25.93
N GLN D 148 -19.24 11.00 -25.43
CA GLN D 148 -18.49 12.06 -24.78
C GLN D 148 -17.55 12.74 -25.77
N ASN D 149 -17.06 13.91 -25.36
CA ASN D 149 -16.04 14.67 -26.11
C ASN D 149 -14.96 15.03 -25.10
N CYS D 150 -14.00 14.13 -24.92
CA CYS D 150 -12.88 14.37 -24.02
C CYS D 150 -11.80 15.16 -24.77
N THR D 151 -11.36 16.25 -24.17
CA THR D 151 -10.45 17.18 -24.83
C THR D 151 -9.06 17.11 -24.23
N LEU D 152 -8.09 17.64 -24.98
CA LEU D 152 -6.72 17.80 -24.50
C LEU D 152 -6.21 19.13 -25.04
N GLU D 153 -5.94 20.08 -24.14
CA GLU D 153 -5.53 21.42 -24.53
C GLU D 153 -4.05 21.61 -24.26
N ILE D 154 -3.31 21.94 -25.32
CA ILE D 154 -1.85 21.98 -25.28
C ILE D 154 -1.39 23.39 -25.59
N GLU D 155 -0.92 24.12 -24.58
CA GLU D 155 -0.56 25.52 -24.74
C GLU D 155 0.74 25.84 -24.04
N SER D 156 1.28 27.02 -24.35
CA SER D 156 2.48 27.53 -23.72
C SER D 156 2.12 28.22 -22.41
N TYR D 157 3.12 28.53 -21.59
CA TYR D 157 2.87 29.21 -20.33
C TYR D 157 3.52 30.59 -20.30
N GLY D 158 4.84 30.64 -20.48
CA GLY D 158 5.57 31.87 -20.30
C GLY D 158 5.71 32.76 -21.50
N TYR D 159 5.22 32.34 -22.65
CA TYR D 159 5.37 33.10 -23.89
C TYR D 159 4.00 33.32 -24.51
N THR D 160 3.76 34.54 -25.01
CA THR D 160 2.49 34.90 -25.61
C THR D 160 2.51 34.52 -27.09
N THR D 161 1.50 35.00 -27.83
CA THR D 161 1.50 34.82 -29.29
C THR D 161 2.56 35.68 -29.97
N ASP D 162 3.07 36.71 -29.29
CA ASP D 162 4.14 37.52 -29.85
C ASP D 162 5.50 36.84 -29.74
N ASP D 163 5.60 35.76 -28.96
CA ASP D 163 6.87 35.10 -28.72
C ASP D 163 6.91 33.63 -29.14
N ILE D 164 5.77 32.95 -29.20
CA ILE D 164 5.73 31.55 -29.59
C ILE D 164 4.45 31.30 -30.38
N GLU D 165 4.52 30.34 -31.32
CA GLU D 165 3.38 29.99 -32.15
C GLU D 165 3.32 28.47 -32.26
N PHE D 166 2.30 27.87 -31.69
CA PHE D 166 2.11 26.43 -31.79
C PHE D 166 1.28 26.09 -33.02
N TYR D 167 1.69 25.02 -33.71
CA TYR D 167 0.98 24.57 -34.89
C TYR D 167 1.17 23.08 -35.05
N TRP D 168 0.26 22.45 -35.80
CA TRP D 168 0.35 21.02 -36.09
C TRP D 168 1.19 20.81 -37.34
N ASN D 169 2.05 19.78 -37.31
CA ASN D 169 2.96 19.51 -38.43
C ASN D 169 2.21 19.07 -39.68
N GLY D 170 1.16 18.29 -39.51
CA GLY D 170 0.34 17.89 -40.63
C GLY D 170 -1.14 17.93 -40.31
N GLY D 171 -1.93 18.56 -41.18
CA GLY D 171 -3.38 18.61 -41.00
C GLY D 171 -4.00 17.23 -41.10
N GLU D 172 -4.45 16.73 -39.95
CA GLU D 172 -4.95 15.36 -39.72
C GLU D 172 -3.90 14.29 -40.01
N GLY D 173 -2.64 14.68 -40.09
CA GLY D 173 -1.54 13.75 -40.24
C GLY D 173 -0.57 13.90 -39.09
N ALA D 174 -1.00 14.62 -38.06
CA ALA D 174 -0.17 14.85 -36.88
C ALA D 174 -0.47 13.80 -35.81
N VAL D 175 -1.74 13.68 -35.43
CA VAL D 175 -2.12 12.67 -34.45
C VAL D 175 -2.18 11.30 -35.11
N THR D 176 -1.49 10.34 -34.49
CA THR D 176 -1.34 9.00 -35.05
C THR D 176 -1.42 7.99 -33.91
N GLY D 177 -2.05 6.85 -34.18
CA GLY D 177 -2.10 5.77 -33.21
C GLY D 177 -3.40 5.76 -32.44
N VAL D 178 -4.29 6.67 -32.81
CA VAL D 178 -5.58 6.76 -32.12
C VAL D 178 -6.51 5.62 -32.58
N ASN D 179 -6.21 5.05 -33.75
CA ASN D 179 -7.06 4.06 -34.39
C ASN D 179 -7.09 2.74 -33.64
N LYS D 180 -5.96 2.07 -33.52
CA LYS D 180 -5.83 0.85 -32.71
C LYS D 180 -5.52 1.30 -31.29
N ILE D 181 -6.36 0.89 -30.34
CA ILE D 181 -6.30 1.49 -29.01
C ILE D 181 -6.91 0.50 -28.01
N GLU D 182 -6.58 0.69 -26.73
CA GLU D 182 -7.04 -0.20 -25.67
C GLU D 182 -8.01 0.54 -24.76
N LEU D 183 -9.29 0.46 -25.08
CA LEU D 183 -10.34 1.02 -24.23
C LEU D 183 -11.12 -0.09 -23.54
N PRO D 184 -11.31 -0.02 -22.23
CA PRO D 184 -12.09 -1.07 -21.57
C PRO D 184 -13.59 -1.00 -21.84
N GLN D 185 -14.15 0.20 -21.94
CA GLN D 185 -15.58 0.38 -22.14
C GLN D 185 -15.92 1.06 -23.46
N PHE D 186 -15.32 2.21 -23.71
CA PHE D 186 -15.75 3.08 -24.79
C PHE D 186 -15.27 2.57 -26.14
N SER D 187 -15.89 3.07 -27.20
CA SER D 187 -15.49 2.77 -28.57
C SER D 187 -15.22 4.10 -29.26
N ILE D 188 -13.94 4.42 -29.44
CA ILE D 188 -13.58 5.71 -30.01
C ILE D 188 -13.91 5.73 -31.51
N VAL D 189 -14.53 6.81 -31.96
CA VAL D 189 -14.98 6.91 -33.33
C VAL D 189 -14.45 8.14 -34.05
N ASP D 190 -14.07 9.19 -33.34
CA ASP D 190 -13.71 10.44 -34.00
C ASP D 190 -12.69 11.18 -33.16
N TYR D 191 -11.71 11.79 -33.83
CA TYR D 191 -10.76 12.67 -33.18
C TYR D 191 -10.60 13.92 -34.03
N LYS D 192 -10.53 15.07 -33.38
CA LYS D 192 -10.50 16.35 -34.06
C LYS D 192 -9.46 17.25 -33.43
N MET D 193 -8.77 18.02 -34.28
CA MET D 193 -7.70 18.91 -33.85
C MET D 193 -8.05 20.35 -34.21
N VAL D 194 -8.10 21.20 -33.19
CA VAL D 194 -8.50 22.60 -33.34
C VAL D 194 -7.39 23.48 -32.78
N SER D 195 -6.98 24.49 -33.55
CA SER D 195 -6.06 25.51 -33.07
C SER D 195 -6.87 26.70 -32.51
N LYS D 196 -6.35 27.36 -31.49
CA LYS D 196 -7.06 28.44 -30.83
C LYS D 196 -6.11 29.54 -30.37
N LYS D 197 -6.67 30.67 -29.95
CA LYS D 197 -5.88 31.76 -29.36
C LYS D 197 -6.67 32.27 -28.15
N VAL D 198 -6.35 31.74 -26.98
CA VAL D 198 -7.00 32.20 -25.76
C VAL D 198 -6.30 33.45 -25.25
N GLU D 199 -7.07 34.30 -24.57
CA GLU D 199 -6.59 35.59 -24.09
C GLU D 199 -6.82 35.67 -22.58
N PHE D 200 -5.76 35.45 -21.82
CA PHE D 200 -5.84 35.58 -20.38
C PHE D 200 -5.51 37.02 -19.97
N THR D 201 -5.35 37.21 -18.65
CA THR D 201 -5.02 38.54 -18.14
C THR D 201 -3.60 38.94 -18.50
N THR D 202 -2.66 37.99 -18.52
CA THR D 202 -1.27 38.28 -18.80
C THR D 202 -0.98 38.49 -20.29
N GLY D 203 -1.90 38.13 -21.16
CA GLY D 203 -1.72 38.29 -22.58
C GLY D 203 -2.55 37.28 -23.34
N ALA D 204 -2.21 37.09 -24.61
CA ALA D 204 -2.89 36.14 -25.48
C ALA D 204 -1.97 34.96 -25.74
N TYR D 205 -2.49 33.75 -25.51
CA TYR D 205 -1.68 32.56 -25.63
C TYR D 205 -2.21 31.64 -26.73
N PRO D 206 -1.33 30.98 -27.48
CA PRO D 206 -1.80 30.02 -28.48
C PRO D 206 -2.09 28.67 -27.85
N ARG D 207 -3.19 28.07 -28.26
CA ARG D 207 -3.65 26.80 -27.71
C ARG D 207 -3.99 25.84 -28.83
N LEU D 208 -3.42 24.64 -28.78
CA LEU D 208 -3.78 23.56 -29.69
C LEU D 208 -4.67 22.59 -28.94
N SER D 209 -5.86 22.35 -29.47
CA SER D 209 -6.85 21.51 -28.82
C SER D 209 -6.97 20.18 -29.55
N LEU D 210 -6.90 19.09 -28.80
CA LEU D 210 -7.09 17.75 -29.33
C LEU D 210 -8.29 17.13 -28.64
N SER D 211 -9.30 16.77 -29.42
CA SER D 211 -10.56 16.26 -28.90
C SER D 211 -10.72 14.80 -29.34
N PHE D 212 -11.28 13.98 -28.45
CA PHE D 212 -11.56 12.59 -28.75
C PHE D 212 -13.04 12.32 -28.49
N ARG D 213 -13.66 11.55 -29.38
CA ARG D 213 -15.06 11.18 -29.26
C ARG D 213 -15.16 9.72 -28.83
N LEU D 214 -15.82 9.49 -27.69
CA LEU D 214 -15.97 8.15 -27.15
C LEU D 214 -17.45 7.80 -27.07
N LYS D 215 -17.79 6.61 -27.54
CA LYS D 215 -19.15 6.09 -27.49
C LYS D 215 -19.19 4.90 -26.54
N ARG D 216 -20.08 4.95 -25.56
CA ARG D 216 -20.16 3.88 -24.59
C ARG D 216 -20.80 2.63 -25.20
N ASN D 217 -20.39 1.47 -24.70
CA ASN D 217 -20.90 0.18 -25.16
C ASN D 217 -22.07 -0.22 -24.26
N ILE D 218 -23.19 -0.58 -24.89
CA ILE D 218 -24.41 -0.86 -24.16
C ILE D 218 -24.34 -2.22 -23.47
N GLY D 219 -23.50 -3.12 -23.99
CA GLY D 219 -23.48 -4.54 -23.66
C GLY D 219 -23.41 -4.95 -22.20
N TYR D 220 -22.47 -4.36 -21.44
CA TYR D 220 -22.32 -4.61 -20.01
C TYR D 220 -23.58 -4.21 -19.26
N PHE D 221 -24.13 -3.06 -19.61
CA PHE D 221 -25.36 -2.59 -18.97
C PHE D 221 -26.59 -3.34 -19.43
N ILE D 222 -26.62 -3.82 -20.68
CA ILE D 222 -27.81 -4.54 -21.13
C ILE D 222 -27.80 -5.97 -20.60
N LEU D 223 -26.64 -6.52 -20.22
CA LEU D 223 -26.63 -7.80 -19.55
C LEU D 223 -26.73 -7.69 -18.04
N GLN D 224 -26.24 -6.60 -17.45
CA GLN D 224 -26.10 -6.49 -16.01
C GLN D 224 -27.26 -5.73 -15.37
N THR D 225 -27.90 -4.83 -16.11
CA THR D 225 -28.99 -4.04 -15.56
C THR D 225 -30.31 -4.26 -16.28
N TYR D 226 -30.33 -4.11 -17.60
CA TYR D 226 -31.60 -4.04 -18.33
C TYR D 226 -32.30 -5.40 -18.37
N MET D 227 -31.57 -6.45 -18.73
CA MET D 227 -32.14 -7.79 -18.65
C MET D 227 -32.49 -8.25 -17.23
N PRO D 228 -31.69 -8.02 -16.17
CA PRO D 228 -32.22 -8.30 -14.83
C PRO D 228 -33.45 -7.50 -14.44
N SER D 229 -33.58 -6.25 -14.90
CA SER D 229 -34.77 -5.47 -14.60
C SER D 229 -36.00 -6.01 -15.32
N THR D 230 -35.85 -6.39 -16.59
CA THR D 230 -36.96 -6.98 -17.34
C THR D 230 -37.34 -8.34 -16.76
N LEU D 231 -36.35 -9.14 -16.37
CA LEU D 231 -36.65 -10.47 -15.85
C LEU D 231 -37.25 -10.40 -14.45
N ILE D 232 -36.87 -9.39 -13.65
CA ILE D 232 -37.53 -9.23 -12.36
C ILE D 232 -38.92 -8.63 -12.51
N THR D 233 -39.18 -7.87 -13.58
CA THR D 233 -40.55 -7.46 -13.87
C THR D 233 -41.41 -8.66 -14.23
N ILE D 234 -40.87 -9.59 -15.00
CA ILE D 234 -41.59 -10.83 -15.31
C ILE D 234 -41.77 -11.69 -14.05
N LEU D 235 -40.76 -11.70 -13.17
CA LEU D 235 -40.84 -12.44 -11.91
C LEU D 235 -41.92 -11.87 -11.00
N SER D 236 -42.05 -10.53 -10.96
CA SER D 236 -43.17 -9.92 -10.26
C SER D 236 -44.49 -10.14 -10.97
N TRP D 237 -44.46 -10.40 -12.28
CA TRP D 237 -45.66 -10.67 -13.05
C TRP D 237 -46.13 -12.11 -12.94
N VAL D 238 -45.30 -13.00 -12.38
CA VAL D 238 -45.74 -14.34 -12.00
C VAL D 238 -46.85 -14.26 -10.96
N SER D 239 -46.84 -13.20 -10.13
CA SER D 239 -47.83 -12.99 -9.07
C SER D 239 -49.26 -12.84 -9.60
N PHE D 240 -49.44 -12.49 -10.86
CA PHE D 240 -50.79 -12.34 -11.40
C PHE D 240 -51.48 -13.68 -11.59
N TRP D 241 -50.72 -14.73 -11.92
CA TRP D 241 -51.32 -16.01 -12.24
C TRP D 241 -51.52 -16.90 -11.03
N ILE D 242 -51.18 -16.44 -9.83
CA ILE D 242 -51.46 -17.18 -8.61
C ILE D 242 -52.94 -17.06 -8.25
N ASN D 243 -53.48 -18.09 -7.61
CA ASN D 243 -54.83 -18.01 -7.07
C ASN D 243 -54.84 -17.08 -5.86
N TYR D 244 -56.02 -16.51 -5.57
CA TYR D 244 -56.09 -15.45 -4.56
C TYR D 244 -56.05 -16.01 -3.14
N ASP D 245 -56.29 -17.31 -2.96
CA ASP D 245 -56.35 -17.88 -1.62
C ASP D 245 -54.98 -17.91 -0.96
N ALA D 246 -53.94 -18.15 -1.74
CA ALA D 246 -52.57 -18.11 -1.24
C ALA D 246 -52.16 -16.66 -1.02
N SER D 247 -52.17 -16.21 0.22
CA SER D 247 -51.86 -14.83 0.55
C SER D 247 -50.38 -14.60 0.84
N ALA D 248 -49.79 -15.42 1.70
CA ALA D 248 -48.37 -15.28 2.04
C ALA D 248 -47.48 -15.55 0.83
N ALA D 249 -47.87 -16.51 0.00
CA ALA D 249 -47.13 -16.84 -1.22
C ALA D 249 -47.10 -15.66 -2.18
N ARG D 250 -48.26 -15.06 -2.46
CA ARG D 250 -48.30 -13.98 -3.44
C ARG D 250 -47.64 -12.72 -2.88
N VAL D 251 -47.82 -12.45 -1.58
CA VAL D 251 -47.25 -11.23 -1.02
C VAL D 251 -45.74 -11.36 -0.87
N ALA D 252 -45.22 -12.58 -0.66
CA ALA D 252 -43.77 -12.77 -0.69
C ALA D 252 -43.24 -12.65 -2.12
N LEU D 253 -44.01 -13.16 -3.09
CA LEU D 253 -43.65 -13.05 -4.50
C LEU D 253 -43.62 -11.60 -4.96
N GLY D 254 -44.43 -10.75 -4.32
CA GLY D 254 -44.38 -9.32 -4.63
C GLY D 254 -43.28 -8.59 -3.89
N ILE D 255 -43.15 -8.87 -2.58
CA ILE D 255 -42.26 -8.05 -1.77
C ILE D 255 -40.79 -8.40 -1.99
N THR D 256 -40.48 -9.65 -2.37
CA THR D 256 -39.11 -9.98 -2.72
C THR D 256 -38.69 -9.30 -4.00
N THR D 257 -39.60 -9.22 -4.97
CA THR D 257 -39.31 -8.52 -6.22
C THR D 257 -39.11 -7.03 -6.00
N VAL D 258 -39.95 -6.40 -5.16
CA VAL D 258 -39.78 -4.96 -4.97
C VAL D 258 -38.54 -4.66 -4.12
N LEU D 259 -38.18 -5.55 -3.19
CA LEU D 259 -36.97 -5.34 -2.39
C LEU D 259 -35.72 -5.56 -3.24
N THR D 260 -35.75 -6.53 -4.15
CA THR D 260 -34.58 -6.73 -5.02
C THR D 260 -34.50 -5.64 -6.08
N MET D 261 -35.64 -5.07 -6.49
CA MET D 261 -35.62 -3.88 -7.35
C MET D 261 -35.00 -2.70 -6.63
N THR D 262 -35.31 -2.52 -5.34
CA THR D 262 -34.65 -1.52 -4.52
C THR D 262 -33.15 -1.80 -4.37
N THR D 263 -32.77 -3.07 -4.27
CA THR D 263 -31.37 -3.46 -4.19
C THR D 263 -30.62 -3.08 -5.48
N ILE D 264 -31.23 -3.38 -6.64
CA ILE D 264 -30.65 -3.03 -7.94
C ILE D 264 -30.55 -1.51 -8.09
N SER D 265 -31.55 -0.79 -7.57
CA SER D 265 -31.52 0.67 -7.58
C SER D 265 -30.37 1.20 -6.72
N THR D 266 -30.15 0.59 -5.55
CA THR D 266 -29.07 1.04 -4.69
C THR D 266 -27.71 0.57 -5.20
N HIS D 267 -27.63 -0.68 -5.68
CA HIS D 267 -26.35 -1.25 -6.08
C HIS D 267 -26.07 -1.00 -7.56
N LEU D 268 -26.21 0.26 -7.96
CA LEU D 268 -25.78 0.68 -9.28
C LEU D 268 -25.14 2.07 -9.16
N ARG D 269 -25.37 2.73 -8.04
CA ARG D 269 -24.86 4.07 -7.78
C ARG D 269 -23.38 4.08 -7.40
N GLU D 270 -22.79 2.92 -7.08
CA GLU D 270 -21.36 2.80 -6.87
C GLU D 270 -20.61 2.74 -8.19
N THR D 271 -21.32 2.55 -9.30
CA THR D 271 -20.75 2.62 -10.63
C THR D 271 -21.05 3.98 -11.28
N LEU D 272 -21.52 4.95 -10.50
CA LEU D 272 -21.79 6.30 -10.96
C LEU D 272 -21.20 7.28 -9.95
N PRO D 273 -20.99 8.53 -10.33
CA PRO D 273 -20.65 9.56 -9.34
C PRO D 273 -21.87 9.98 -8.52
N LYS D 274 -21.67 11.06 -7.77
CA LYS D 274 -22.70 11.61 -6.90
C LYS D 274 -23.50 12.69 -7.62
N ILE D 275 -23.72 12.49 -8.92
CA ILE D 275 -24.38 13.41 -9.84
C ILE D 275 -25.80 13.74 -9.35
N PRO D 276 -26.24 15.00 -9.40
CA PRO D 276 -27.53 15.33 -8.79
C PRO D 276 -28.74 15.00 -9.64
N TYR D 277 -28.68 15.15 -10.97
CA TYR D 277 -29.87 15.02 -11.79
C TYR D 277 -30.15 13.55 -12.07
N VAL D 278 -31.13 13.33 -12.96
CA VAL D 278 -31.65 11.99 -13.25
C VAL D 278 -31.18 11.60 -14.64
N LYS D 279 -30.56 10.43 -14.75
CA LYS D 279 -30.09 9.92 -16.02
C LYS D 279 -31.16 9.07 -16.67
N ALA D 280 -30.88 8.62 -17.91
CA ALA D 280 -31.82 7.77 -18.63
C ALA D 280 -31.97 6.41 -17.98
N ILE D 281 -30.88 5.87 -17.43
CA ILE D 281 -30.93 4.59 -16.73
C ILE D 281 -31.77 4.70 -15.46
N ASP D 282 -31.73 5.85 -14.78
CA ASP D 282 -32.54 6.03 -13.59
C ASP D 282 -34.01 6.19 -13.95
N ILE D 283 -34.30 6.81 -15.10
CA ILE D 283 -35.67 6.90 -15.58
C ILE D 283 -36.22 5.51 -15.92
N TYR D 284 -35.39 4.68 -16.57
CA TYR D 284 -35.81 3.31 -16.87
C TYR D 284 -35.97 2.47 -15.61
N LEU D 285 -35.13 2.72 -14.60
CA LEU D 285 -35.19 1.92 -13.38
C LEU D 285 -36.38 2.32 -12.51
N MET D 286 -36.68 3.62 -12.45
CA MET D 286 -37.90 4.08 -11.79
C MET D 286 -39.14 3.75 -12.58
N GLY D 287 -39.03 3.50 -13.88
CA GLY D 287 -40.15 3.04 -14.67
C GLY D 287 -40.50 1.59 -14.46
N CYS D 288 -39.63 0.82 -13.83
CA CYS D 288 -39.89 -0.56 -13.48
C CYS D 288 -40.25 -0.73 -12.00
N PHE D 289 -39.83 0.20 -11.15
CA PHE D 289 -40.24 0.17 -9.75
C PHE D 289 -41.74 0.41 -9.61
N VAL D 290 -42.28 1.32 -10.43
CA VAL D 290 -43.69 1.66 -10.35
C VAL D 290 -44.54 0.48 -10.81
N PHE D 291 -44.03 -0.33 -11.74
CA PHE D 291 -44.81 -1.46 -12.24
C PHE D 291 -44.91 -2.56 -11.18
N VAL D 292 -43.83 -2.81 -10.45
CA VAL D 292 -43.87 -3.79 -9.36
C VAL D 292 -44.75 -3.27 -8.22
N PHE D 293 -44.67 -1.97 -7.94
CA PHE D 293 -45.48 -1.38 -6.87
C PHE D 293 -46.97 -1.40 -7.21
N LEU D 294 -47.33 -1.10 -8.45
CA LEU D 294 -48.73 -1.20 -8.86
C LEU D 294 -49.18 -2.65 -8.97
N ALA D 295 -48.25 -3.56 -9.26
CA ALA D 295 -48.56 -4.99 -9.29
C ALA D 295 -48.93 -5.51 -7.91
N LEU D 296 -48.24 -5.02 -6.88
CA LEU D 296 -48.58 -5.37 -5.51
C LEU D 296 -49.80 -4.63 -4.99
N LEU D 297 -50.00 -3.37 -5.44
CA LEU D 297 -51.23 -2.65 -5.10
C LEU D 297 -52.45 -3.28 -5.77
N GLU D 298 -52.24 -3.97 -6.89
CA GLU D 298 -53.31 -4.75 -7.52
C GLU D 298 -53.79 -5.86 -6.59
N TYR D 299 -52.86 -6.59 -5.97
CA TYR D 299 -53.25 -7.60 -4.99
C TYR D 299 -53.85 -6.97 -3.74
N ALA D 300 -53.40 -5.76 -3.39
CA ALA D 300 -54.04 -5.04 -2.29
C ALA D 300 -55.51 -4.77 -2.60
N PHE D 301 -55.80 -4.36 -3.83
CA PHE D 301 -57.18 -4.14 -4.26
C PHE D 301 -57.98 -5.45 -4.34
N VAL D 302 -57.33 -6.53 -4.79
CA VAL D 302 -58.00 -7.84 -4.87
C VAL D 302 -58.34 -8.37 -3.49
N ASN D 303 -57.41 -8.26 -2.54
CA ASN D 303 -57.66 -8.71 -1.18
C ASN D 303 -58.68 -7.82 -0.48
N TYR D 304 -58.74 -6.55 -0.86
CA TYR D 304 -59.80 -5.68 -0.36
C TYR D 304 -61.17 -6.07 -0.89
N ILE D 305 -61.23 -6.42 -2.19
CA ILE D 305 -62.50 -6.80 -2.80
C ILE D 305 -62.99 -8.13 -2.25
N PHE D 306 -62.11 -9.14 -2.24
CA PHE D 306 -62.49 -10.47 -1.76
C PHE D 306 -62.59 -10.50 -0.25
N ASP D 420 -65.90 -9.42 -9.17
CA ASP D 420 -64.78 -8.51 -9.40
C ASP D 420 -63.50 -9.05 -8.76
N VAL D 421 -63.30 -10.36 -8.84
CA VAL D 421 -62.10 -10.98 -8.28
C VAL D 421 -61.27 -11.57 -9.41
N ASN D 422 -61.84 -12.54 -10.13
CA ASN D 422 -61.13 -13.13 -11.26
C ASN D 422 -61.13 -12.24 -12.48
N SER D 423 -62.18 -11.42 -12.66
CA SER D 423 -62.27 -10.53 -13.81
C SER D 423 -61.21 -9.44 -13.75
N ILE D 424 -60.98 -8.87 -12.56
CA ILE D 424 -59.96 -7.83 -12.41
C ILE D 424 -58.57 -8.43 -12.59
N ASP D 425 -58.37 -9.66 -12.13
CA ASP D 425 -57.09 -10.35 -12.33
C ASP D 425 -56.84 -10.63 -13.80
N LYS D 426 -57.87 -11.06 -14.54
CA LYS D 426 -57.73 -11.30 -15.97
C LYS D 426 -57.49 -9.98 -16.73
N TRP D 427 -58.14 -8.90 -16.29
CA TRP D 427 -57.92 -7.60 -16.90
C TRP D 427 -56.49 -7.11 -16.66
N SER D 428 -55.95 -7.35 -15.46
CA SER D 428 -54.56 -7.01 -15.18
C SER D 428 -53.60 -7.84 -16.02
N ARG D 429 -53.89 -9.15 -16.17
CA ARG D 429 -53.05 -10.03 -16.98
C ARG D 429 -53.07 -9.65 -18.45
N MET D 430 -54.21 -9.17 -18.97
CA MET D 430 -54.29 -8.77 -20.36
C MET D 430 -53.99 -7.28 -20.57
N PHE D 431 -53.76 -6.53 -19.50
CA PHE D 431 -53.48 -5.10 -19.60
C PHE D 431 -52.01 -4.75 -19.37
N PHE D 432 -51.34 -5.43 -18.45
CA PHE D 432 -49.94 -5.10 -18.12
C PHE D 432 -48.93 -5.31 -19.26
N PRO D 433 -48.93 -6.45 -20.01
CA PRO D 433 -47.89 -6.59 -21.07
C PRO D 433 -47.97 -5.57 -22.19
N ILE D 434 -49.17 -5.10 -22.57
CA ILE D 434 -49.27 -4.07 -23.59
C ILE D 434 -48.69 -2.76 -23.10
N THR D 435 -48.94 -2.42 -21.84
CA THR D 435 -48.42 -1.18 -21.26
C THR D 435 -46.89 -1.24 -21.14
N PHE D 436 -46.35 -2.39 -20.72
CA PHE D 436 -44.90 -2.52 -20.61
C PHE D 436 -44.22 -2.55 -21.98
N SER D 437 -44.89 -3.15 -22.98
CA SER D 437 -44.36 -3.13 -24.33
C SER D 437 -44.34 -1.72 -24.90
N LEU D 438 -45.40 -0.94 -24.64
CA LEU D 438 -45.43 0.45 -25.06
C LEU D 438 -44.36 1.27 -24.33
N PHE D 439 -44.14 0.97 -23.06
CA PHE D 439 -43.08 1.65 -22.29
C PHE D 439 -41.70 1.34 -22.86
N ASN D 440 -41.45 0.09 -23.22
CA ASN D 440 -40.17 -0.27 -23.82
C ASN D 440 -39.99 0.34 -25.20
N VAL D 441 -41.07 0.44 -25.98
CA VAL D 441 -41.00 1.06 -27.30
C VAL D 441 -40.69 2.55 -27.17
N VAL D 442 -41.40 3.26 -26.29
CA VAL D 442 -41.15 4.70 -26.13
C VAL D 442 -39.86 4.99 -25.38
N TYR D 443 -39.27 4.00 -24.71
CA TYR D 443 -37.95 4.22 -24.13
C TYR D 443 -36.83 3.98 -25.12
N TRP D 444 -36.87 2.84 -25.83
CA TRP D 444 -35.73 2.48 -26.69
C TRP D 444 -35.68 3.31 -27.96
N LEU D 445 -36.84 3.77 -28.46
CA LEU D 445 -36.82 4.61 -29.66
C LEU D 445 -36.33 6.02 -29.35
N TYR D 446 -36.51 6.47 -28.11
CA TYR D 446 -36.15 7.84 -27.75
C TYR D 446 -34.65 8.04 -27.66
N TYR D 447 -33.89 6.96 -27.44
CA TYR D 447 -32.45 7.07 -27.24
C TYR D 447 -31.62 6.40 -28.33
N VAL D 448 -32.03 5.24 -28.82
CA VAL D 448 -31.29 4.55 -29.88
C VAL D 448 -31.59 5.24 -31.20
N HIS D 449 -30.54 5.61 -31.92
CA HIS D 449 -30.70 6.28 -33.21
C HIS D 449 -30.14 5.42 -34.34
N GLY E 25 22.87 38.71 -27.91
CA GLY E 25 24.09 39.12 -27.25
C GLY E 25 23.91 40.35 -26.38
N ASP E 26 23.09 41.29 -26.86
CA ASP E 26 22.80 42.49 -26.08
C ASP E 26 21.93 42.17 -24.87
N VAL E 27 20.95 41.28 -25.05
CA VAL E 27 20.08 40.89 -23.95
C VAL E 27 20.85 40.02 -22.96
N THR E 28 21.84 39.26 -23.44
CA THR E 28 22.64 38.38 -22.58
C THR E 28 23.45 39.17 -21.57
N VAL E 29 24.08 40.26 -22.00
CA VAL E 29 24.88 41.04 -21.07
C VAL E 29 23.98 41.90 -20.17
N ILE E 30 22.74 42.16 -20.59
CA ILE E 30 21.79 42.83 -19.72
C ILE E 30 21.36 41.89 -18.59
N LEU E 31 21.07 40.64 -18.92
CA LEU E 31 20.72 39.66 -17.90
C LEU E 31 21.91 39.28 -17.04
N ASN E 32 23.13 39.36 -17.58
CA ASN E 32 24.32 39.09 -16.78
C ASN E 32 24.62 40.25 -15.83
N ASN E 33 24.27 41.48 -16.20
CA ASN E 33 24.46 42.62 -15.31
C ASN E 33 23.50 42.59 -14.13
N LEU E 34 22.35 41.94 -14.26
CA LEU E 34 21.41 41.85 -13.15
C LEU E 34 21.94 40.95 -12.05
N LEU E 35 22.46 39.78 -12.40
CA LEU E 35 22.98 38.83 -11.42
C LEU E 35 24.47 39.01 -11.18
N GLU E 36 24.87 40.25 -10.88
CA GLU E 36 26.25 40.58 -10.51
C GLU E 36 26.20 41.16 -9.11
N GLY E 37 26.51 40.34 -8.12
CA GLY E 37 26.37 40.75 -6.74
C GLY E 37 24.96 40.63 -6.20
N TYR E 38 24.04 40.04 -6.95
CA TYR E 38 22.70 39.79 -6.44
C TYR E 38 22.74 38.70 -5.39
N ASP E 39 22.03 38.92 -4.28
CA ASP E 39 21.99 37.99 -3.17
C ASP E 39 20.55 37.50 -3.02
N ASN E 40 20.29 36.26 -3.43
CA ASN E 40 18.95 35.72 -3.39
C ASN E 40 18.53 35.29 -1.99
N LYS E 41 19.44 35.30 -1.02
CA LYS E 41 19.08 34.96 0.35
C LYS E 41 18.37 36.12 1.05
N LEU E 42 18.45 37.33 0.51
CA LEU E 42 17.91 38.51 1.15
C LEU E 42 16.72 39.05 0.38
N ARG E 43 15.67 39.40 1.10
CA ARG E 43 14.53 40.08 0.50
C ARG E 43 14.93 41.50 0.09
N PRO E 44 14.28 42.07 -0.91
CA PRO E 44 14.57 43.47 -1.30
C PRO E 44 14.16 44.43 -0.19
N ASP E 45 15.07 45.38 0.09
CA ASP E 45 14.97 46.36 1.18
C ASP E 45 14.77 45.67 2.53
N ILE E 46 15.77 44.89 2.96
CA ILE E 46 15.65 44.11 4.18
C ILE E 46 15.63 45.01 5.42
N GLY E 47 16.28 46.16 5.36
CA GLY E 47 16.33 47.05 6.51
C GLY E 47 15.86 48.45 6.20
N VAL E 48 14.92 48.60 5.26
CA VAL E 48 14.43 49.91 4.86
C VAL E 48 12.93 49.97 5.03
N LYS E 49 12.22 49.06 4.37
CA LYS E 49 10.76 49.12 4.33
C LYS E 49 10.24 47.70 4.10
N PRO E 50 8.99 47.42 4.46
CA PRO E 50 8.38 46.14 4.10
C PRO E 50 8.27 45.96 2.59
N THR E 51 8.45 44.73 2.14
CA THR E 51 8.37 44.38 0.72
C THR E 51 6.91 44.14 0.39
N LEU E 52 6.28 45.13 -0.22
CA LEU E 52 4.86 45.04 -0.53
C LEU E 52 4.62 44.10 -1.69
N ILE E 53 3.69 43.17 -1.50
CA ILE E 53 3.40 42.14 -2.50
C ILE E 53 1.95 42.26 -2.91
N HIS E 54 1.70 42.43 -4.21
CA HIS E 54 0.35 42.44 -4.76
C HIS E 54 0.04 41.02 -5.23
N THR E 55 -1.10 40.49 -4.79
CA THR E 55 -1.46 39.11 -5.08
C THR E 55 -2.73 39.06 -5.91
N ASP E 56 -2.76 38.11 -6.86
CA ASP E 56 -3.93 37.90 -7.70
C ASP E 56 -4.09 36.39 -7.93
N MET E 57 -5.29 35.95 -8.26
CA MET E 57 -5.56 34.52 -8.43
C MET E 57 -6.64 34.32 -9.49
N TYR E 58 -6.37 33.38 -10.40
CA TYR E 58 -7.34 33.00 -11.43
C TYR E 58 -7.63 31.52 -11.25
N VAL E 59 -8.89 31.18 -11.01
CA VAL E 59 -9.29 29.81 -10.67
C VAL E 59 -9.72 29.14 -11.98
N ASN E 60 -9.02 28.06 -12.33
CA ASN E 60 -9.49 27.21 -13.42
C ASN E 60 -10.75 26.46 -13.01
N SER E 61 -10.71 25.81 -11.84
CA SER E 61 -11.79 24.94 -11.44
C SER E 61 -11.79 24.79 -9.93
N ILE E 62 -12.95 24.41 -9.40
CA ILE E 62 -13.06 23.91 -8.04
C ILE E 62 -13.39 22.43 -8.14
N GLY E 63 -12.56 21.59 -7.53
CA GLY E 63 -12.68 20.16 -7.68
C GLY E 63 -13.82 19.59 -6.86
N PRO E 64 -13.88 18.26 -6.77
CA PRO E 64 -14.94 17.62 -5.99
C PRO E 64 -14.73 17.83 -4.50
N VAL E 65 -15.75 18.40 -3.85
CA VAL E 65 -15.69 18.65 -2.41
C VAL E 65 -15.82 17.31 -1.70
N ASN E 66 -14.73 16.84 -1.13
CA ASN E 66 -14.70 15.54 -0.47
C ASN E 66 -15.35 15.71 0.90
N ALA E 67 -16.55 15.14 1.07
CA ALA E 67 -17.30 15.33 2.30
C ALA E 67 -16.70 14.53 3.46
N ILE E 68 -16.27 13.29 3.19
CA ILE E 68 -15.75 12.39 4.22
C ILE E 68 -14.45 12.90 4.83
N ASN E 69 -13.59 13.55 4.04
CA ASN E 69 -12.27 13.96 4.51
C ASN E 69 -12.25 15.44 4.89
N MET E 70 -13.40 16.11 4.79
CA MET E 70 -13.59 17.54 5.06
C MET E 70 -12.62 18.41 4.28
N GLU E 71 -12.62 18.29 2.96
CA GLU E 71 -11.61 18.95 2.15
C GLU E 71 -12.16 19.18 0.75
N TYR E 72 -11.53 20.09 0.03
CA TYR E 72 -11.88 20.39 -1.36
C TYR E 72 -10.61 20.58 -2.17
N THR E 73 -10.78 20.71 -3.48
CA THR E 73 -9.68 20.76 -4.43
C THR E 73 -9.84 21.98 -5.33
N ILE E 74 -8.75 22.71 -5.53
CA ILE E 74 -8.76 23.89 -6.38
C ILE E 74 -7.58 23.81 -7.34
N ASP E 75 -7.65 24.58 -8.42
CA ASP E 75 -6.61 24.61 -9.45
C ASP E 75 -6.49 26.04 -9.95
N ILE E 76 -5.43 26.73 -9.56
CA ILE E 76 -5.37 28.17 -9.67
C ILE E 76 -4.17 28.59 -10.52
N PHE E 77 -4.06 29.91 -10.70
CA PHE E 77 -2.96 30.58 -11.39
C PHE E 77 -2.35 31.66 -10.50
N PHE E 78 -1.92 31.27 -9.29
CA PHE E 78 -1.46 32.16 -8.23
C PHE E 78 -0.43 33.18 -8.70
N ALA E 79 -0.81 34.46 -8.65
CA ALA E 79 -0.04 35.55 -9.20
C ALA E 79 0.54 36.41 -8.08
N GLN E 80 1.82 36.72 -8.16
CA GLN E 80 2.47 37.61 -7.20
C GLN E 80 3.23 38.69 -7.96
N THR E 81 3.13 39.92 -7.44
CA THR E 81 3.86 41.05 -8.00
C THR E 81 4.46 41.85 -6.86
N TRP E 82 5.74 42.20 -7.00
CA TRP E 82 6.43 42.99 -5.99
C TRP E 82 7.46 43.86 -6.68
N TYR E 83 8.31 44.49 -5.89
CA TYR E 83 9.32 45.42 -6.39
C TYR E 83 10.70 44.98 -5.92
N ASP E 84 11.69 45.12 -6.80
CA ASP E 84 13.07 44.81 -6.49
C ASP E 84 13.95 45.85 -7.16
N ARG E 85 14.60 46.70 -6.37
CA ARG E 85 15.43 47.76 -6.95
C ARG E 85 16.73 47.24 -7.52
N ARG E 86 17.17 46.05 -7.12
CA ARG E 86 18.38 45.46 -7.68
C ARG E 86 18.16 44.96 -9.11
N LEU E 87 16.91 44.70 -9.49
CA LEU E 87 16.58 44.23 -10.84
C LEU E 87 16.16 45.37 -11.76
N LYS E 88 16.71 46.56 -11.57
CA LYS E 88 16.40 47.70 -12.42
C LYS E 88 17.43 47.78 -13.54
N PHE E 89 16.94 47.87 -14.78
CA PHE E 89 17.83 47.88 -15.94
C PHE E 89 17.41 48.96 -16.93
N ASN E 90 18.13 49.03 -18.05
CA ASN E 90 17.83 49.98 -19.11
C ASN E 90 18.12 49.31 -20.44
N SER E 91 17.11 49.21 -21.29
CA SER E 91 17.24 48.46 -22.54
C SER E 91 16.24 49.02 -23.55
N THR E 92 16.36 48.53 -24.80
CA THR E 92 15.39 48.87 -25.82
C THR E 92 14.06 48.15 -25.60
N ILE E 93 14.11 46.94 -25.05
CA ILE E 93 12.90 46.18 -24.76
C ILE E 93 12.39 46.60 -23.39
N LYS E 94 11.07 46.57 -23.22
CA LYS E 94 10.47 47.02 -21.96
C LYS E 94 10.39 45.88 -20.95
N VAL E 95 9.68 44.80 -21.29
CA VAL E 95 9.58 43.67 -20.38
C VAL E 95 10.59 42.61 -20.80
N LEU E 96 10.84 41.67 -19.90
CA LEU E 96 11.75 40.55 -20.16
C LEU E 96 10.97 39.27 -19.90
N ARG E 97 10.30 38.77 -20.93
CA ARG E 97 9.52 37.55 -20.80
C ARG E 97 10.46 36.35 -20.74
N LEU E 98 10.59 35.76 -19.56
CA LEU E 98 11.53 34.68 -19.31
C LEU E 98 10.79 33.41 -18.91
N ASN E 99 11.57 32.39 -18.54
CA ASN E 99 11.07 31.07 -18.23
C ASN E 99 11.34 30.74 -16.77
N SER E 100 11.10 29.48 -16.41
CA SER E 100 11.22 29.04 -15.02
C SER E 100 12.67 28.85 -14.57
N ASN E 101 13.64 29.00 -15.47
CA ASN E 101 15.03 28.79 -15.09
C ASN E 101 15.55 29.90 -14.19
N MET E 102 15.15 31.14 -14.46
CA MET E 102 15.64 32.26 -13.66
C MET E 102 14.80 32.46 -12.39
N VAL E 103 13.76 31.64 -12.20
CA VAL E 103 12.96 31.67 -10.99
C VAL E 103 13.82 31.30 -9.77
N GLY E 104 14.68 30.30 -9.92
CA GLY E 104 15.52 29.86 -8.82
C GLY E 104 16.73 30.73 -8.56
N LYS E 105 16.94 31.79 -9.34
CA LYS E 105 18.12 32.63 -9.17
C LYS E 105 17.82 33.99 -8.58
N ILE E 106 16.55 34.41 -8.50
CA ILE E 106 16.17 35.68 -7.91
C ILE E 106 15.43 35.41 -6.61
N TRP E 107 15.16 36.48 -5.87
CA TRP E 107 14.41 36.34 -4.63
C TRP E 107 12.94 36.08 -4.92
N ILE E 108 12.38 35.06 -4.28
CA ILE E 108 10.99 34.66 -4.47
C ILE E 108 10.32 34.71 -3.10
N PRO E 109 9.10 35.23 -2.98
CA PRO E 109 8.38 35.13 -1.72
C PRO E 109 8.05 33.69 -1.38
N ASP E 110 7.97 33.42 -0.08
CA ASP E 110 7.82 32.06 0.44
C ASP E 110 6.37 31.75 0.80
N THR E 111 5.43 32.22 -0.03
CA THR E 111 4.01 32.08 0.24
C THR E 111 3.58 30.62 0.27
N PHE E 112 2.84 30.27 1.31
CA PHE E 112 2.31 28.92 1.48
C PHE E 112 0.86 29.03 1.91
N PHE E 113 0.09 27.99 1.62
CA PHE E 113 -1.34 27.96 1.92
C PHE E 113 -1.53 27.29 3.28
N ARG E 114 -2.10 28.06 4.23
CA ARG E 114 -2.13 27.65 5.62
C ARG E 114 -3.12 26.54 5.92
N ASN E 115 -4.12 26.33 5.07
CA ASN E 115 -5.11 25.29 5.27
C ASN E 115 -5.08 24.28 4.13
N SER E 116 -3.89 24.02 3.60
CA SER E 116 -3.70 23.07 2.52
C SER E 116 -3.22 21.74 3.09
N LYS E 117 -3.95 20.67 2.82
CA LYS E 117 -3.51 19.35 3.26
C LYS E 117 -2.34 18.85 2.42
N LYS E 118 -2.43 19.00 1.10
CA LYS E 118 -1.36 18.56 0.20
C LYS E 118 -1.51 19.31 -1.12
N ALA E 119 -0.49 20.09 -1.47
CA ALA E 119 -0.51 20.88 -2.69
C ALA E 119 0.72 20.55 -3.51
N ASP E 120 0.61 20.76 -4.83
CA ASP E 120 1.70 20.44 -5.74
C ASP E 120 1.59 21.30 -6.99
N ALA E 121 2.73 21.81 -7.45
CA ALA E 121 2.80 22.48 -8.73
C ALA E 121 2.85 21.44 -9.85
N HIS E 122 2.77 21.92 -11.09
CA HIS E 122 2.79 21.04 -12.25
C HIS E 122 4.09 21.24 -13.02
N TRP E 123 4.72 20.13 -13.40
CA TRP E 123 6.07 20.13 -13.94
C TRP E 123 6.15 19.62 -15.37
N ILE E 124 5.05 19.17 -15.95
CA ILE E 124 5.03 18.61 -17.30
C ILE E 124 4.66 19.73 -18.26
N THR E 125 5.49 19.96 -19.28
CA THR E 125 6.76 19.29 -19.57
C THR E 125 7.92 20.11 -19.02
N THR E 126 7.58 21.23 -18.41
CA THR E 126 8.48 22.23 -17.88
C THR E 126 7.87 22.69 -16.57
N PRO E 127 8.69 23.12 -15.61
CA PRO E 127 8.13 23.81 -14.43
C PRO E 127 7.26 24.99 -14.83
N ASN E 128 5.97 24.90 -14.48
CA ASN E 128 4.95 25.83 -14.98
C ASN E 128 5.01 27.17 -14.25
N ARG E 129 6.12 27.87 -14.44
CA ARG E 129 6.33 29.20 -13.87
C ARG E 129 6.81 30.12 -14.97
N MET E 130 6.60 31.41 -14.76
CA MET E 130 7.09 32.45 -15.66
C MET E 130 7.66 33.59 -14.83
N LEU E 131 8.37 34.49 -15.51
CA LEU E 131 9.01 35.60 -14.83
C LEU E 131 9.18 36.78 -15.78
N ARG E 132 8.59 37.92 -15.45
CA ARG E 132 8.69 39.10 -16.28
C ARG E 132 9.21 40.25 -15.43
N ILE E 133 10.30 40.86 -15.87
CA ILE E 133 10.93 41.94 -15.14
C ILE E 133 10.69 43.22 -15.94
N TRP E 134 10.02 44.19 -15.34
CA TRP E 134 9.80 45.47 -15.97
C TRP E 134 11.03 46.37 -15.81
N ASN E 135 10.99 47.55 -16.40
CA ASN E 135 12.13 48.46 -16.35
C ASN E 135 12.33 49.07 -14.96
N ASP E 136 11.25 49.31 -14.23
CA ASP E 136 11.34 49.93 -12.91
C ASP E 136 11.65 48.93 -11.81
N GLY E 137 11.77 47.64 -12.14
CA GLY E 137 12.05 46.60 -11.18
C GLY E 137 10.82 45.81 -10.77
N ARG E 138 9.66 46.12 -11.36
CA ARG E 138 8.44 45.39 -11.09
C ARG E 138 8.55 43.97 -11.60
N VAL E 139 8.39 43.01 -10.72
CA VAL E 139 8.56 41.60 -11.08
C VAL E 139 7.23 40.89 -10.94
N LEU E 140 6.79 40.25 -12.01
CA LEU E 140 5.57 39.46 -12.02
C LEU E 140 5.94 37.99 -12.13
N TYR E 141 5.38 37.18 -11.25
CA TYR E 141 5.76 35.77 -11.16
C TYR E 141 4.51 34.97 -10.83
N THR E 142 4.03 34.19 -11.78
CA THR E 142 2.83 33.38 -11.59
C THR E 142 3.19 31.91 -11.72
N LEU E 143 2.37 31.05 -11.12
CA LEU E 143 2.60 29.62 -11.17
C LEU E 143 1.26 28.89 -11.08
N ARG E 144 1.15 27.78 -11.79
CA ARG E 144 -0.06 26.98 -11.79
C ARG E 144 0.03 25.94 -10.68
N LEU E 145 -0.97 25.91 -9.81
CA LEU E 145 -0.95 25.09 -8.62
C LEU E 145 -2.24 24.28 -8.50
N THR E 146 -2.14 23.18 -7.77
CA THR E 146 -3.29 22.36 -7.41
C THR E 146 -3.26 22.14 -5.91
N ILE E 147 -4.26 22.68 -5.22
CA ILE E 147 -4.29 22.68 -3.76
C ILE E 147 -5.46 21.83 -3.29
N ASP E 148 -5.17 20.83 -2.47
CA ASP E 148 -6.19 20.03 -1.83
C ASP E 148 -6.45 20.59 -0.43
N ALA E 149 -7.06 21.76 -0.39
CA ALA E 149 -7.21 22.52 0.84
C ALA E 149 -8.28 21.88 1.73
N GLU E 150 -8.29 22.30 2.99
CA GLU E 150 -9.16 21.72 4.01
C GLU E 150 -10.32 22.68 4.27
N CYS E 151 -11.54 22.17 4.14
CA CYS E 151 -12.75 22.95 4.38
C CYS E 151 -13.48 22.37 5.57
N GLN E 152 -13.71 23.21 6.59
CA GLN E 152 -14.38 22.77 7.80
C GLN E 152 -15.88 22.65 7.54
N LEU E 153 -16.41 21.44 7.63
CA LEU E 153 -17.81 21.17 7.35
C LEU E 153 -18.51 20.77 8.65
N GLN E 154 -19.54 21.51 9.02
CA GLN E 154 -20.38 21.17 10.17
C GLN E 154 -21.72 20.63 9.64
N LEU E 155 -21.93 19.34 9.80
CA LEU E 155 -23.04 18.66 9.14
C LEU E 155 -24.24 18.57 10.07
N HIS E 156 -24.63 19.69 10.66
CA HIS E 156 -25.78 19.73 11.56
C HIS E 156 -27.10 19.77 10.81
N ASN E 157 -27.07 20.14 9.53
CA ASN E 157 -28.29 20.18 8.73
C ASN E 157 -28.15 19.44 7.40
N PHE E 158 -27.35 18.38 7.35
CA PHE E 158 -27.18 17.58 6.15
C PHE E 158 -28.50 16.89 5.79
N PRO E 159 -28.89 16.86 4.50
CA PRO E 159 -28.19 17.41 3.32
C PRO E 159 -28.54 18.85 2.92
N MET E 160 -29.32 19.63 3.68
CA MET E 160 -29.54 21.02 3.28
C MET E 160 -28.49 21.83 4.02
N ASP E 161 -27.28 21.86 3.46
CA ASP E 161 -26.17 22.54 4.11
C ASP E 161 -25.52 23.52 3.15
N GLU E 162 -25.23 24.70 3.68
CA GLU E 162 -24.47 25.72 2.96
C GLU E 162 -23.15 25.88 3.69
N HIS E 163 -22.08 26.07 2.94
CA HIS E 163 -20.75 26.08 3.52
C HIS E 163 -19.95 27.26 3.00
N SER E 164 -18.98 27.69 3.81
CA SER E 164 -18.03 28.73 3.44
C SER E 164 -16.63 28.13 3.51
N CYS E 165 -16.20 27.53 2.41
CA CYS E 165 -14.90 26.89 2.36
C CYS E 165 -13.81 27.95 2.27
N PRO E 166 -12.81 27.92 3.16
CA PRO E 166 -11.79 28.96 3.15
C PRO E 166 -10.59 28.63 2.28
N LEU E 167 -9.73 29.62 2.06
CA LEU E 167 -8.45 29.41 1.40
C LEU E 167 -7.51 30.49 1.92
N GLU E 168 -6.68 30.15 2.90
CA GLU E 168 -5.84 31.12 3.58
C GLU E 168 -4.38 30.88 3.21
N PHE E 169 -3.70 31.94 2.77
CA PHE E 169 -2.29 31.87 2.45
C PHE E 169 -1.57 33.05 3.06
N SER E 170 -0.28 32.84 3.35
CA SER E 170 0.54 33.85 3.99
C SER E 170 2.01 33.51 3.75
N SER E 171 2.88 34.38 4.24
CA SER E 171 4.30 34.06 4.27
C SER E 171 4.58 33.08 5.40
N TYR E 172 5.70 32.38 5.28
CA TYR E 172 6.08 31.41 6.29
C TYR E 172 7.17 31.91 7.23
N GLY E 173 8.12 32.68 6.74
CA GLY E 173 9.22 33.12 7.57
C GLY E 173 9.23 34.62 7.83
N TYR E 174 8.72 35.39 6.88
CA TYR E 174 8.79 36.83 6.96
C TYR E 174 7.57 37.36 7.73
N PRO E 175 7.76 38.08 8.83
CA PRO E 175 6.59 38.59 9.58
C PRO E 175 5.97 39.82 8.93
N ARG E 176 5.00 40.43 9.63
CA ARG E 176 4.28 41.57 9.06
C ARG E 176 5.13 42.84 8.98
N GLU E 177 6.28 42.89 9.65
CA GLU E 177 7.16 44.04 9.53
C GLU E 177 8.24 43.84 8.48
N GLU E 178 8.24 42.72 7.75
CA GLU E 178 9.24 42.46 6.74
C GLU E 178 8.66 42.37 5.34
N ILE E 179 7.59 41.61 5.13
CA ILE E 179 6.82 41.68 3.90
C ILE E 179 5.35 41.86 4.26
N VAL E 180 4.64 42.60 3.41
CA VAL E 180 3.23 42.89 3.61
C VAL E 180 2.48 42.48 2.36
N TYR E 181 1.52 41.58 2.51
CA TYR E 181 0.69 41.13 1.41
C TYR E 181 -0.51 42.04 1.22
N GLN E 182 -1.03 42.06 -0.02
CA GLN E 182 -2.10 42.98 -0.38
C GLN E 182 -2.79 42.47 -1.64
N TRP E 183 -4.12 42.58 -1.69
CA TRP E 183 -4.84 42.32 -2.92
C TRP E 183 -4.58 43.43 -3.93
N LYS E 184 -4.45 43.05 -5.20
CA LYS E 184 -4.23 44.03 -6.27
C LYS E 184 -5.57 44.39 -6.93
N ARG E 185 -6.45 45.01 -6.13
CA ARG E 185 -7.75 45.55 -6.55
C ARG E 185 -8.68 44.48 -7.12
N SER E 186 -8.29 43.89 -8.25
CA SER E 186 -8.91 42.67 -8.72
C SER E 186 -8.64 41.52 -7.76
N SER E 187 -9.33 40.42 -7.99
CA SER E 187 -9.47 39.38 -6.99
C SER E 187 -9.51 38.01 -7.64
N VAL E 188 -10.05 37.03 -6.95
CA VAL E 188 -10.27 35.69 -7.48
C VAL E 188 -11.26 35.84 -8.65
N GLU E 189 -10.80 35.56 -9.86
CA GLU E 189 -11.70 35.42 -11.00
C GLU E 189 -11.89 33.94 -11.28
N VAL E 190 -13.14 33.50 -11.22
CA VAL E 190 -13.48 32.17 -11.72
C VAL E 190 -13.44 32.21 -13.25
N GLY E 191 -13.20 31.06 -13.87
CA GLY E 191 -13.01 31.00 -15.30
C GLY E 191 -14.29 31.09 -16.11
N ASP E 192 -14.45 30.20 -17.08
CA ASP E 192 -15.57 30.28 -18.03
C ASP E 192 -16.89 29.77 -17.46
N THR E 193 -17.00 29.50 -16.15
CA THR E 193 -18.18 29.23 -15.33
C THR E 193 -18.70 27.79 -15.62
N ARG E 194 -18.21 27.10 -16.65
CA ARG E 194 -18.62 25.74 -16.93
C ARG E 194 -17.54 24.72 -16.58
N SER E 195 -16.30 25.15 -16.36
CA SER E 195 -15.20 24.23 -16.08
C SER E 195 -15.09 24.03 -14.56
N TRP E 196 -16.05 23.29 -14.03
CA TRP E 196 -16.04 22.87 -12.64
C TRP E 196 -16.22 21.36 -12.57
N ARG E 197 -15.57 20.75 -11.59
CA ARG E 197 -15.83 19.36 -11.25
C ARG E 197 -16.77 19.25 -10.06
N LEU E 198 -17.43 20.35 -9.69
CA LEU E 198 -18.43 20.35 -8.64
C LEU E 198 -19.64 19.53 -9.08
N TYR E 199 -19.86 18.39 -8.43
CA TYR E 199 -20.99 17.55 -8.80
C TYR E 199 -22.27 18.07 -8.16
N GLN E 200 -22.31 18.08 -6.82
CA GLN E 200 -23.52 18.49 -6.12
C GLN E 200 -23.54 19.99 -5.83
N PHE E 201 -22.41 20.56 -5.40
CA PHE E 201 -22.38 21.95 -4.98
C PHE E 201 -22.43 22.89 -6.19
N SER E 202 -22.96 24.08 -5.95
CA SER E 202 -23.00 25.14 -6.95
C SER E 202 -22.29 26.35 -6.39
N PHE E 203 -21.44 26.97 -7.21
CA PHE E 203 -20.68 28.14 -6.78
C PHE E 203 -21.60 29.34 -6.64
N VAL E 204 -21.80 29.79 -5.40
CA VAL E 204 -22.70 30.90 -5.13
C VAL E 204 -21.97 32.24 -5.17
N GLY E 205 -20.88 32.36 -4.41
CA GLY E 205 -20.16 33.63 -4.35
C GLY E 205 -18.75 33.52 -3.81
N LEU E 206 -17.92 34.51 -4.13
CA LEU E 206 -16.54 34.54 -3.70
C LEU E 206 -16.31 35.78 -2.84
N ARG E 207 -15.61 35.60 -1.72
CA ARG E 207 -15.32 36.67 -0.79
C ARG E 207 -13.81 36.77 -0.56
N ASN E 208 -13.35 37.99 -0.31
CA ASN E 208 -11.94 38.29 -0.14
C ASN E 208 -11.70 39.15 1.09
N THR E 209 -10.86 38.66 2.00
CA THR E 209 -10.52 39.39 3.21
C THR E 209 -9.01 39.29 3.45
N THR E 210 -8.48 40.30 4.13
CA THR E 210 -7.11 40.29 4.63
C THR E 210 -7.16 40.24 6.16
N GLU E 211 -6.06 39.81 6.78
CA GLU E 211 -6.08 39.51 8.21
C GLU E 211 -4.68 39.56 8.81
N VAL E 212 -4.59 39.75 10.12
CA VAL E 212 -3.32 39.65 10.83
C VAL E 212 -3.49 38.68 11.99
N VAL E 213 -2.70 37.60 11.99
CA VAL E 213 -2.76 36.61 13.05
C VAL E 213 -1.42 36.63 13.77
N LYS E 214 -1.44 36.26 15.05
CA LYS E 214 -0.23 36.20 15.87
C LYS E 214 0.07 34.74 16.21
N THR E 215 1.27 34.30 15.88
CA THR E 215 1.74 32.95 16.20
C THR E 215 2.94 33.04 17.14
N THR E 216 3.57 31.89 17.37
CA THR E 216 4.74 31.84 18.24
C THR E 216 5.97 32.49 17.62
N SER E 217 6.03 32.59 16.30
CA SER E 217 7.18 33.16 15.61
C SER E 217 6.96 34.61 15.20
N GLY E 218 5.88 35.23 15.66
CA GLY E 218 5.60 36.62 15.38
C GLY E 218 4.18 36.79 14.89
N ASP E 219 3.94 37.92 14.21
CA ASP E 219 2.65 38.22 13.61
C ASP E 219 2.78 38.27 12.09
N TYR E 220 1.85 37.61 11.40
CA TYR E 220 1.91 37.49 9.95
C TYR E 220 0.63 38.04 9.34
N VAL E 221 0.74 38.43 8.08
CA VAL E 221 -0.39 38.94 7.31
C VAL E 221 -0.99 37.77 6.52
N VAL E 222 -2.25 37.47 6.77
CA VAL E 222 -2.92 36.31 6.20
C VAL E 222 -4.04 36.79 5.29
N MET E 223 -4.04 36.29 4.06
CA MET E 223 -5.06 36.63 3.07
C MET E 223 -5.98 35.43 2.90
N SER E 224 -7.28 35.63 3.08
CA SER E 224 -8.23 34.53 3.08
C SER E 224 -9.23 34.73 1.96
N VAL E 225 -9.53 33.66 1.24
CA VAL E 225 -10.53 33.65 0.19
C VAL E 225 -11.64 32.72 0.65
N TYR E 226 -12.86 33.23 0.71
CA TYR E 226 -14.00 32.45 1.13
C TYR E 226 -14.90 32.14 -0.07
N PHE E 227 -15.10 30.86 -0.33
CA PHE E 227 -16.03 30.40 -1.36
C PHE E 227 -17.28 29.86 -0.70
N ASP E 228 -18.43 30.32 -1.17
CA ASP E 228 -19.72 29.91 -0.62
C ASP E 228 -20.36 28.90 -1.57
N LEU E 229 -20.68 27.72 -1.03
CA LEU E 229 -21.24 26.63 -1.81
C LEU E 229 -22.53 26.14 -1.17
N SER E 230 -23.46 25.69 -2.01
CA SER E 230 -24.74 25.17 -1.55
C SER E 230 -24.97 23.81 -2.18
N ARG E 231 -25.35 22.84 -1.37
CA ARG E 231 -25.53 21.46 -1.84
C ARG E 231 -26.91 21.29 -2.45
N ARG E 232 -26.96 20.62 -3.60
CA ARG E 232 -28.20 20.23 -4.23
C ARG E 232 -28.56 18.81 -3.82
N MET E 233 -29.82 18.62 -3.41
CA MET E 233 -30.27 17.36 -2.81
C MET E 233 -30.88 16.37 -3.82
N GLY E 234 -30.20 16.13 -4.94
CA GLY E 234 -30.73 15.20 -5.92
C GLY E 234 -30.45 13.75 -5.63
N TYR E 235 -29.16 13.44 -5.41
CA TYR E 235 -28.74 12.06 -5.16
C TYR E 235 -29.31 11.51 -3.87
N PHE E 236 -29.42 12.35 -2.84
CA PHE E 236 -29.98 11.89 -1.57
C PHE E 236 -31.50 11.79 -1.60
N THR E 237 -32.15 12.36 -2.61
CA THR E 237 -33.57 12.15 -2.80
C THR E 237 -33.84 10.88 -3.60
N ILE E 238 -33.07 10.67 -4.67
CA ILE E 238 -33.28 9.49 -5.51
C ILE E 238 -32.83 8.23 -4.78
N GLN E 239 -31.66 8.27 -4.15
CA GLN E 239 -31.08 7.07 -3.55
C GLN E 239 -31.71 6.75 -2.20
N THR E 240 -31.89 7.74 -1.34
CA THR E 240 -32.26 7.51 0.05
C THR E 240 -33.71 7.86 0.37
N TYR E 241 -34.14 9.09 0.03
CA TYR E 241 -35.40 9.61 0.56
C TYR E 241 -36.61 8.95 -0.09
N ILE E 242 -36.59 8.79 -1.41
CA ILE E 242 -37.71 8.15 -2.11
C ILE E 242 -37.90 6.68 -1.73
N PRO E 243 -36.84 5.82 -1.67
CA PRO E 243 -37.08 4.47 -1.14
C PRO E 243 -37.50 4.45 0.33
N CYS E 244 -36.99 5.36 1.15
CA CYS E 244 -37.38 5.39 2.57
C CYS E 244 -38.84 5.79 2.73
N THR E 245 -39.36 6.64 1.85
CA THR E 245 -40.78 6.97 1.89
C THR E 245 -41.61 5.82 1.33
N LEU E 246 -41.17 5.19 0.25
CA LEU E 246 -41.98 4.18 -0.42
C LEU E 246 -42.03 2.87 0.34
N ILE E 247 -40.99 2.53 1.11
CA ILE E 247 -41.05 1.37 1.99
C ILE E 247 -42.04 1.61 3.13
N VAL E 248 -42.14 2.85 3.60
CA VAL E 248 -43.14 3.18 4.62
C VAL E 248 -44.55 3.12 4.04
N VAL E 249 -44.71 3.53 2.78
CA VAL E 249 -46.00 3.37 2.08
C VAL E 249 -46.32 1.90 1.91
N LEU E 250 -45.30 1.08 1.63
CA LEU E 250 -45.48 -0.38 1.56
C LEU E 250 -45.88 -0.97 2.91
N SER E 251 -45.37 -0.40 4.00
CA SER E 251 -45.82 -0.80 5.33
C SER E 251 -47.26 -0.38 5.58
N TRP E 252 -47.67 0.78 5.06
CA TRP E 252 -49.06 1.22 5.15
C TRP E 252 -49.99 0.32 4.34
N VAL E 253 -49.47 -0.31 3.28
CA VAL E 253 -50.25 -1.24 2.47
C VAL E 253 -50.66 -2.46 3.29
N SER E 254 -49.84 -2.84 4.28
CA SER E 254 -50.05 -4.07 5.05
C SER E 254 -51.31 -4.07 5.92
N PHE E 255 -51.94 -2.90 6.13
CA PHE E 255 -53.17 -2.87 6.92
C PHE E 255 -54.37 -3.42 6.15
N TRP E 256 -54.39 -3.29 4.83
CA TRP E 256 -55.53 -3.73 4.04
C TRP E 256 -55.63 -5.24 3.89
N ILE E 257 -54.55 -5.97 4.12
CA ILE E 257 -54.57 -7.42 4.10
C ILE E 257 -55.30 -7.93 5.34
N ASN E 258 -56.21 -8.89 5.14
CA ASN E 258 -57.04 -9.43 6.21
C ASN E 258 -56.19 -10.13 7.27
N LYS E 259 -56.67 -10.10 8.51
CA LYS E 259 -55.88 -10.51 9.66
C LYS E 259 -55.71 -12.02 9.78
N ASP E 260 -56.47 -12.81 9.03
CA ASP E 260 -56.35 -14.26 9.10
C ASP E 260 -55.07 -14.78 8.45
N ALA E 261 -54.48 -14.03 7.53
CA ALA E 261 -53.25 -14.44 6.85
C ALA E 261 -52.06 -14.01 7.69
N VAL E 262 -51.75 -14.82 8.70
CA VAL E 262 -50.65 -14.55 9.64
C VAL E 262 -49.26 -14.50 8.99
N PRO E 263 -48.80 -15.50 8.20
CA PRO E 263 -47.45 -15.35 7.62
C PRO E 263 -47.34 -14.24 6.60
N ALA E 264 -48.44 -13.90 5.93
CA ALA E 264 -48.47 -12.79 4.97
C ALA E 264 -48.15 -11.47 5.66
N ARG E 265 -48.74 -11.24 6.84
CA ARG E 265 -48.54 -9.96 7.51
C ARG E 265 -47.24 -9.95 8.31
N THR E 266 -46.81 -11.10 8.84
CA THR E 266 -45.51 -11.13 9.50
C THR E 266 -44.38 -10.95 8.52
N SER E 267 -44.51 -11.46 7.29
CA SER E 267 -43.49 -11.22 6.25
C SER E 267 -43.43 -9.74 5.88
N LEU E 268 -44.60 -9.10 5.73
CA LEU E 268 -44.67 -7.65 5.48
C LEU E 268 -44.06 -6.84 6.60
N GLY E 269 -44.18 -7.30 7.84
CA GLY E 269 -43.46 -6.66 8.92
C GLY E 269 -41.96 -6.83 8.83
N ILE E 270 -41.50 -8.09 8.75
CA ILE E 270 -40.08 -8.37 8.95
C ILE E 270 -39.24 -7.86 7.78
N THR E 271 -39.77 -7.95 6.55
CA THR E 271 -39.00 -7.53 5.38
C THR E 271 -38.84 -6.02 5.38
N THR E 272 -39.88 -5.29 5.78
CA THR E 272 -39.81 -3.85 5.95
C THR E 272 -38.79 -3.46 7.02
N VAL E 273 -38.77 -4.19 8.14
CA VAL E 273 -37.81 -3.93 9.22
C VAL E 273 -36.37 -4.15 8.73
N LEU E 274 -36.14 -5.25 8.01
CA LEU E 274 -34.80 -5.59 7.56
C LEU E 274 -34.31 -4.61 6.50
N THR E 275 -35.18 -4.20 5.57
CA THR E 275 -34.73 -3.27 4.55
C THR E 275 -34.56 -1.87 5.10
N MET E 276 -35.28 -1.52 6.19
CA MET E 276 -35.05 -0.22 6.80
C MET E 276 -33.75 -0.22 7.59
N THR E 277 -33.40 -1.35 8.20
CA THR E 277 -32.09 -1.49 8.85
C THR E 277 -30.97 -1.42 7.83
N THR E 278 -31.17 -2.05 6.66
CA THR E 278 -30.18 -2.01 5.58
C THR E 278 -30.01 -0.59 5.03
N LEU E 279 -31.13 0.14 4.86
CA LEU E 279 -31.04 1.52 4.40
C LEU E 279 -30.42 2.44 5.45
N SER E 280 -30.68 2.20 6.74
CA SER E 280 -30.03 2.94 7.81
C SER E 280 -28.53 2.68 7.86
N THR E 281 -28.09 1.46 7.58
CA THR E 281 -26.68 1.17 7.45
C THR E 281 -26.04 1.80 6.21
N ILE E 282 -26.71 1.75 5.07
CA ILE E 282 -26.18 2.34 3.83
C ILE E 282 -26.07 3.86 3.94
N ALA E 283 -27.10 4.50 4.50
CA ALA E 283 -27.07 5.94 4.73
C ALA E 283 -25.97 6.33 5.71
N ARG E 284 -25.79 5.54 6.78
CA ARG E 284 -24.70 5.79 7.72
C ARG E 284 -23.33 5.58 7.09
N LYS E 285 -23.22 4.68 6.11
CA LYS E 285 -22.02 4.63 5.28
C LYS E 285 -21.85 5.92 4.48
N SER E 286 -22.97 6.54 4.08
CA SER E 286 -22.89 7.78 3.30
C SER E 286 -22.75 9.03 4.17
N LEU E 287 -22.91 8.94 5.50
CA LEU E 287 -22.56 10.07 6.35
C LEU E 287 -21.05 10.28 6.33
N PRO E 288 -20.58 11.53 6.37
CA PRO E 288 -19.14 11.78 6.35
C PRO E 288 -18.46 11.68 7.72
N LYS E 289 -18.64 10.54 8.38
CA LYS E 289 -18.01 10.20 9.67
C LYS E 289 -18.34 11.24 10.75
N VAL E 290 -19.61 11.31 11.14
CA VAL E 290 -20.07 12.29 12.11
C VAL E 290 -20.17 11.64 13.48
N SER E 291 -20.28 12.48 14.51
CA SER E 291 -20.46 12.01 15.88
C SER E 291 -21.74 12.52 16.51
N TYR E 292 -22.61 13.17 15.73
CA TYR E 292 -23.84 13.78 16.23
C TYR E 292 -24.98 13.41 15.30
N VAL E 293 -26.21 13.59 15.79
CA VAL E 293 -27.38 13.32 14.96
C VAL E 293 -27.53 14.40 13.90
N THR E 294 -27.91 13.99 12.69
CA THR E 294 -28.14 14.91 11.59
C THR E 294 -29.62 14.95 11.26
N ALA E 295 -29.96 15.71 10.22
CA ALA E 295 -31.35 15.75 9.77
C ALA E 295 -31.75 14.44 9.10
N MET E 296 -30.84 13.83 8.33
CA MET E 296 -31.13 12.53 7.71
C MET E 296 -31.27 11.44 8.76
N ASP E 297 -30.57 11.58 9.89
CA ASP E 297 -30.77 10.66 11.01
C ASP E 297 -32.18 10.78 11.57
N LEU E 298 -32.73 11.98 11.63
CA LEU E 298 -34.11 12.12 12.11
C LEU E 298 -35.12 11.68 11.05
N PHE E 299 -34.81 11.88 9.76
CA PHE E 299 -35.65 11.35 8.69
C PHE E 299 -35.72 9.82 8.73
N VAL E 300 -34.59 9.17 8.95
CA VAL E 300 -34.63 7.70 9.03
C VAL E 300 -35.19 7.24 10.37
N SER E 301 -35.06 8.04 11.44
CA SER E 301 -35.57 7.64 12.75
C SER E 301 -37.09 7.73 12.84
N VAL E 302 -37.71 8.73 12.19
CA VAL E 302 -39.16 8.83 12.22
C VAL E 302 -39.80 7.68 11.47
N CYS E 303 -39.28 7.36 10.27
CA CYS E 303 -39.75 6.21 9.51
C CYS E 303 -39.41 4.89 10.21
N PHE E 304 -38.28 4.87 10.92
CA PHE E 304 -37.88 3.73 11.75
C PHE E 304 -38.92 3.42 12.80
N ILE E 305 -39.34 4.43 13.57
CA ILE E 305 -40.38 4.24 14.59
C ILE E 305 -41.73 3.92 13.94
N PHE E 306 -42.01 4.52 12.78
CA PHE E 306 -43.28 4.30 12.09
C PHE E 306 -43.44 2.85 11.63
N VAL E 307 -42.37 2.21 11.14
CA VAL E 307 -42.54 0.84 10.67
C VAL E 307 -42.55 -0.18 11.80
N PHE E 308 -42.27 0.22 13.04
CA PHE E 308 -42.42 -0.69 14.16
C PHE E 308 -43.70 -0.49 14.92
N SER E 309 -44.27 0.72 14.87
CA SER E 309 -45.59 0.95 15.47
C SER E 309 -46.65 0.11 14.78
N ALA E 310 -46.56 -0.02 13.45
CA ALA E 310 -47.47 -0.89 12.71
C ALA E 310 -47.27 -2.36 13.08
N LEU E 311 -46.03 -2.78 13.28
CA LEU E 311 -45.77 -4.18 13.59
C LEU E 311 -46.21 -4.54 15.01
N VAL E 312 -46.04 -3.63 15.97
CA VAL E 312 -46.52 -3.92 17.31
C VAL E 312 -48.04 -3.80 17.38
N GLU E 313 -48.64 -2.97 16.51
CA GLU E 313 -50.09 -2.95 16.37
C GLU E 313 -50.61 -4.27 15.84
N TYR E 314 -49.92 -4.84 14.86
CA TYR E 314 -50.29 -6.17 14.37
C TYR E 314 -50.05 -7.24 15.42
N GLY E 315 -48.99 -7.10 16.23
CA GLY E 315 -48.74 -8.07 17.29
C GLY E 315 -49.81 -8.08 18.37
N THR E 316 -50.24 -6.90 18.82
CA THR E 316 -51.32 -6.86 19.79
C THR E 316 -52.68 -7.19 19.16
N LEU E 317 -52.83 -6.98 17.84
CA LEU E 317 -54.04 -7.43 17.15
C LEU E 317 -54.12 -8.95 17.12
N HIS E 318 -52.98 -9.60 16.86
CA HIS E 318 -52.95 -11.07 16.87
C HIS E 318 -53.06 -11.63 18.28
N TYR E 319 -52.59 -10.88 19.28
CA TYR E 319 -52.82 -11.29 20.66
C TYR E 319 -54.29 -11.18 21.04
N PHE E 320 -54.98 -10.16 20.53
CA PHE E 320 -56.40 -10.02 20.78
C PHE E 320 -57.22 -11.07 20.04
N VAL E 321 -56.83 -11.41 18.81
CA VAL E 321 -57.53 -12.43 18.05
C VAL E 321 -57.19 -13.81 18.58
N ALA E 408 -60.54 -6.23 14.50
CA ALA E 408 -60.70 -5.67 13.16
C ALA E 408 -60.96 -4.16 13.22
N LYS E 409 -61.40 -3.69 14.39
CA LYS E 409 -61.67 -2.27 14.56
C LYS E 409 -60.38 -1.46 14.64
N MET E 410 -59.37 -1.98 15.36
CA MET E 410 -58.09 -1.28 15.44
C MET E 410 -57.32 -1.34 14.13
N ASP E 411 -57.58 -2.34 13.28
CA ASP E 411 -56.98 -2.37 11.95
C ASP E 411 -57.53 -1.24 11.09
N SER E 412 -58.83 -0.96 11.20
CA SER E 412 -59.40 0.19 10.51
C SER E 412 -58.97 1.50 11.15
N TYR E 413 -58.70 1.49 12.45
CA TYR E 413 -58.23 2.68 13.14
C TYR E 413 -56.82 3.05 12.72
N ALA E 414 -55.98 2.04 12.47
CA ALA E 414 -54.59 2.29 12.10
C ALA E 414 -54.41 2.78 10.68
N ARG E 415 -55.43 2.66 9.82
CA ARG E 415 -55.30 3.11 8.44
C ARG E 415 -55.33 4.63 8.32
N ILE E 416 -55.83 5.34 9.33
CA ILE E 416 -55.95 6.79 9.27
C ILE E 416 -54.88 7.49 10.13
N PHE E 417 -54.26 6.76 11.07
CA PHE E 417 -53.28 7.36 11.96
C PHE E 417 -51.97 7.68 11.24
N PHE E 418 -51.36 6.67 10.61
CA PHE E 418 -50.04 6.83 10.00
C PHE E 418 -49.99 7.80 8.82
N PRO E 419 -50.89 7.78 7.82
CA PRO E 419 -50.75 8.79 6.74
C PRO E 419 -51.00 10.22 7.19
N THR E 420 -51.93 10.44 8.12
CA THR E 420 -52.15 11.78 8.66
C THR E 420 -50.96 12.26 9.47
N ALA E 421 -50.36 11.37 10.27
CA ALA E 421 -49.18 11.73 11.04
C ALA E 421 -48.00 12.03 10.14
N PHE E 422 -47.82 11.25 9.06
CA PHE E 422 -46.73 11.53 8.13
C PHE E 422 -46.99 12.81 7.34
N CYS E 423 -48.25 13.08 7.00
CA CYS E 423 -48.57 14.28 6.22
C CYS E 423 -48.46 15.54 7.06
N LEU E 424 -48.66 15.46 8.36
CA LEU E 424 -48.33 16.61 9.20
C LEU E 424 -46.83 16.69 9.46
N PHE E 425 -46.16 15.54 9.59
CA PHE E 425 -44.75 15.52 9.95
C PHE E 425 -43.87 16.10 8.84
N ASN E 426 -44.11 15.71 7.59
CA ASN E 426 -43.26 16.22 6.51
C ASN E 426 -43.57 17.69 6.22
N LEU E 427 -44.86 18.06 6.28
CA LEU E 427 -45.25 19.45 6.05
C LEU E 427 -44.79 20.38 7.16
N VAL E 428 -44.50 19.86 8.35
CA VAL E 428 -43.81 20.65 9.36
C VAL E 428 -42.30 20.65 9.10
N TYR E 429 -41.73 19.47 8.84
CA TYR E 429 -40.29 19.28 8.95
C TYR E 429 -39.54 19.90 7.76
N TRP E 430 -40.06 19.72 6.54
CA TRP E 430 -39.38 20.25 5.36
C TRP E 430 -39.39 21.78 5.36
N VAL E 431 -40.52 22.38 5.75
CA VAL E 431 -40.60 23.84 5.84
C VAL E 431 -39.74 24.35 6.99
N SER E 432 -39.66 23.61 8.09
CA SER E 432 -38.86 24.06 9.23
C SER E 432 -37.37 23.98 8.94
N TYR E 433 -36.92 22.94 8.23
CA TYR E 433 -35.51 22.73 8.00
C TYR E 433 -35.10 22.93 6.54
N LEU E 434 -35.87 23.71 5.79
CA LEU E 434 -35.37 24.34 4.57
C LEU E 434 -35.42 25.86 4.60
N TYR E 435 -36.05 26.45 5.61
CA TYR E 435 -36.12 27.89 5.75
C TYR E 435 -35.39 28.35 7.00
N ASN F 1 23.02 -23.97 27.27
CA ASN F 1 23.78 -23.62 26.09
C ASN F 1 23.44 -24.54 24.92
N ILE F 2 24.41 -24.78 24.05
CA ILE F 2 24.23 -25.65 22.89
C ILE F 2 25.21 -26.82 23.03
N VAL F 3 24.68 -28.03 23.01
CA VAL F 3 25.49 -29.23 23.14
C VAL F 3 25.80 -29.78 21.75
N MET F 4 27.00 -30.33 21.62
CA MET F 4 27.47 -30.91 20.36
C MET F 4 27.81 -32.37 20.60
N THR F 5 26.96 -33.26 20.11
CA THR F 5 27.19 -34.69 20.23
C THR F 5 27.93 -35.20 18.99
N GLN F 6 29.09 -35.80 19.20
CA GLN F 6 29.93 -36.29 18.13
C GLN F 6 29.93 -37.81 18.14
N SER F 7 29.56 -38.40 17.01
CA SER F 7 29.46 -39.85 16.88
C SER F 7 30.14 -40.30 15.60
N PRO F 8 30.80 -41.47 15.61
CA PRO F 8 31.03 -42.39 16.73
C PRO F 8 32.28 -42.01 17.52
N LYS F 9 32.56 -42.71 18.62
CA LYS F 9 33.68 -42.33 19.48
C LYS F 9 35.00 -42.85 18.95
N SER F 10 35.16 -44.18 18.87
CA SER F 10 36.43 -44.78 18.51
C SER F 10 36.17 -45.93 17.55
N MET F 11 36.74 -45.83 16.35
CA MET F 11 36.63 -46.88 15.34
C MET F 11 37.78 -46.72 14.36
N SER F 12 38.34 -47.85 13.92
CA SER F 12 39.55 -47.85 13.11
C SER F 12 39.31 -48.62 11.82
N MET F 13 39.87 -48.10 10.74
CA MET F 13 39.76 -48.70 9.41
C MET F 13 41.15 -49.07 8.92
N SER F 14 41.21 -49.48 7.65
CA SER F 14 42.47 -49.62 6.94
C SER F 14 42.78 -48.30 6.24
N VAL F 15 43.76 -48.30 5.35
CA VAL F 15 44.19 -47.09 4.65
C VAL F 15 43.57 -47.10 3.25
N GLY F 16 42.80 -46.06 2.94
CA GLY F 16 42.29 -45.89 1.60
C GLY F 16 40.81 -46.19 1.41
N GLU F 17 39.98 -45.78 2.37
CA GLU F 17 38.54 -45.97 2.26
C GLU F 17 37.81 -44.79 2.88
N ARG F 18 36.54 -44.63 2.50
CA ARG F 18 35.73 -43.53 2.95
C ARG F 18 35.23 -43.77 4.37
N VAL F 19 35.11 -42.68 5.13
CA VAL F 19 34.54 -42.71 6.47
C VAL F 19 33.76 -41.41 6.67
N THR F 20 32.74 -41.46 7.53
CA THR F 20 31.92 -40.31 7.83
C THR F 20 31.84 -40.14 9.35
N LEU F 21 31.96 -38.90 9.80
CA LEU F 21 31.83 -38.56 11.21
C LEU F 21 30.62 -37.65 11.37
N SER F 22 29.69 -38.05 12.24
CA SER F 22 28.42 -37.36 12.40
C SER F 22 28.49 -36.40 13.59
N CYS F 23 27.90 -35.22 13.41
CA CYS F 23 27.79 -34.23 14.46
C CYS F 23 26.35 -33.75 14.54
N LYS F 24 25.83 -33.61 15.76
CA LYS F 24 24.46 -33.18 15.98
C LYS F 24 24.43 -32.09 17.04
N ALA F 25 23.35 -31.31 17.01
CA ALA F 25 23.18 -30.19 17.92
C ALA F 25 21.78 -30.17 18.48
N SER F 26 21.62 -29.46 19.59
CA SER F 26 20.31 -29.35 20.24
C SER F 26 19.38 -28.42 19.47
N GLU F 27 19.89 -27.33 18.90
CA GLU F 27 19.06 -26.39 18.17
C GLU F 27 19.82 -25.94 16.92
N TYR F 28 19.32 -24.86 16.30
CA TYR F 28 19.82 -24.41 15.01
C TYR F 28 21.20 -23.79 15.15
N VAL F 29 22.20 -24.38 14.50
CA VAL F 29 23.54 -23.83 14.42
C VAL F 29 23.99 -23.77 12.97
N GLY F 30 23.03 -23.56 12.06
CA GLY F 30 23.20 -23.72 10.63
C GLY F 30 24.36 -23.01 9.95
N THR F 31 25.13 -23.79 9.17
CA THR F 31 26.44 -23.50 8.55
C THR F 31 27.35 -22.60 9.38
N TYR F 32 27.50 -22.94 10.66
CA TYR F 32 28.44 -22.28 11.54
C TYR F 32 29.19 -23.30 12.38
N VAL F 33 29.59 -24.41 11.74
CA VAL F 33 30.21 -25.53 12.43
C VAL F 33 31.63 -25.69 11.91
N SER F 34 32.59 -25.65 12.81
CA SER F 34 34.00 -25.81 12.46
C SER F 34 34.48 -27.19 12.83
N TRP F 35 35.32 -27.77 11.98
CA TRP F 35 35.93 -29.06 12.21
C TRP F 35 37.43 -28.89 12.37
N TYR F 36 37.98 -29.52 13.41
CA TYR F 36 39.41 -29.47 13.68
C TYR F 36 39.94 -30.89 13.84
N GLN F 37 41.27 -31.02 13.74
CA GLN F 37 41.94 -32.26 14.05
C GLN F 37 42.98 -32.01 15.13
N GLN F 38 43.30 -33.06 15.88
CA GLN F 38 44.23 -32.98 17.00
C GLN F 38 45.26 -34.11 16.85
N LYS F 39 46.41 -33.77 16.29
CA LYS F 39 47.55 -34.66 16.37
C LYS F 39 48.06 -34.67 17.82
N PRO F 40 48.66 -35.78 18.27
CA PRO F 40 49.18 -35.84 19.64
C PRO F 40 50.33 -34.86 19.83
N GLU F 41 50.27 -34.13 20.96
CA GLU F 41 51.21 -33.05 21.33
C GLU F 41 51.31 -31.99 20.24
N GLN F 42 50.16 -31.62 19.67
CA GLN F 42 50.10 -30.61 18.61
C GLN F 42 48.92 -29.70 18.84
N SER F 43 49.02 -28.49 18.32
CA SER F 43 47.92 -27.54 18.38
C SER F 43 46.81 -27.97 17.43
N PRO F 44 45.55 -27.62 17.73
CA PRO F 44 44.47 -27.89 16.77
C PRO F 44 44.62 -27.05 15.51
N LYS F 45 44.19 -27.64 14.39
CA LYS F 45 44.22 -26.97 13.10
C LYS F 45 42.84 -27.02 12.46
N LEU F 46 42.43 -25.92 11.86
CA LEU F 46 41.10 -25.84 11.26
C LEU F 46 41.06 -26.61 9.95
N LEU F 47 40.05 -27.47 9.81
CA LEU F 47 39.87 -28.23 8.57
C LEU F 47 38.89 -27.54 7.63
N ILE F 48 37.64 -27.35 8.08
CA ILE F 48 36.63 -26.67 7.29
C ILE F 48 35.85 -25.72 8.19
N TYR F 49 35.34 -24.65 7.60
CA TYR F 49 34.53 -23.67 8.30
C TYR F 49 33.16 -23.57 7.62
N GLY F 50 32.29 -22.77 8.22
CA GLY F 50 30.92 -22.67 7.77
C GLY F 50 30.18 -23.98 7.97
N ALA F 51 29.80 -24.62 6.87
CA ALA F 51 29.44 -26.03 6.89
C ALA F 51 30.34 -26.85 5.98
N SER F 52 30.46 -26.47 4.71
CA SER F 52 31.33 -27.13 3.75
C SER F 52 32.11 -26.03 3.03
N ASN F 53 33.22 -25.61 3.62
CA ASN F 53 34.12 -24.62 3.03
C ASN F 53 35.54 -25.04 3.37
N ARG F 54 36.29 -25.48 2.38
CA ARG F 54 37.61 -26.01 2.61
C ARG F 54 38.60 -24.90 2.93
N TYR F 55 39.35 -25.05 4.01
CA TYR F 55 40.35 -24.07 4.40
C TYR F 55 41.59 -24.21 3.51
N THR F 56 42.42 -23.17 3.52
CA THR F 56 43.67 -23.19 2.77
C THR F 56 44.63 -24.18 3.37
N GLY F 57 45.31 -24.94 2.49
CA GLY F 57 46.22 -25.99 2.92
C GLY F 57 45.56 -27.32 3.21
N VAL F 58 44.23 -27.41 3.08
CA VAL F 58 43.50 -28.64 3.36
C VAL F 58 43.34 -29.43 2.07
N PRO F 59 43.66 -30.74 2.07
CA PRO F 59 43.51 -31.54 0.84
C PRO F 59 42.05 -31.77 0.44
N ASP F 60 41.85 -32.33 -0.75
CA ASP F 60 40.52 -32.46 -1.32
C ASP F 60 39.72 -33.61 -0.72
N ARG F 61 40.33 -34.48 0.08
CA ARG F 61 39.61 -35.62 0.62
C ARG F 61 38.65 -35.22 1.72
N PHE F 62 38.96 -34.17 2.47
CA PHE F 62 38.08 -33.69 3.53
C PHE F 62 36.94 -32.89 2.92
N THR F 63 35.71 -33.32 3.15
CA THR F 63 34.54 -32.66 2.60
C THR F 63 33.41 -32.71 3.61
N GLY F 64 32.91 -31.54 3.99
CA GLY F 64 31.79 -31.48 4.91
C GLY F 64 30.45 -31.43 4.19
N SER F 65 29.39 -31.53 4.98
CA SER F 65 28.03 -31.46 4.47
C SER F 65 27.14 -30.97 5.60
N GLY F 66 26.43 -29.85 5.37
CA GLY F 66 25.74 -29.15 6.42
C GLY F 66 24.24 -29.14 6.23
N SER F 67 23.55 -28.82 7.33
CA SER F 67 22.11 -28.72 7.39
C SER F 67 21.76 -27.80 8.56
N ALA F 68 20.51 -27.83 9.00
CA ALA F 68 20.11 -27.03 10.16
C ALA F 68 20.70 -27.59 11.45
N THR F 69 20.68 -28.91 11.61
CA THR F 69 21.13 -29.52 12.86
C THR F 69 22.18 -30.60 12.64
N ASP F 70 22.07 -31.36 11.56
CA ASP F 70 22.92 -32.51 11.32
C ASP F 70 24.08 -32.12 10.41
N PHE F 71 25.29 -32.53 10.80
CA PHE F 71 26.50 -32.20 10.07
C PHE F 71 27.37 -33.45 9.95
N THR F 72 28.09 -33.54 8.83
CA THR F 72 28.85 -34.74 8.53
C THR F 72 30.14 -34.37 7.82
N LEU F 73 31.27 -34.80 8.39
CA LEU F 73 32.57 -34.68 7.75
C LEU F 73 32.90 -36.03 7.10
N THR F 74 33.23 -36.01 5.83
CA THR F 74 33.55 -37.22 5.08
C THR F 74 35.01 -37.19 4.65
N ILE F 75 35.75 -38.23 5.01
CA ILE F 75 37.15 -38.39 4.62
C ILE F 75 37.23 -39.61 3.73
N GLY F 76 37.35 -39.38 2.43
CA GLY F 76 37.45 -40.47 1.48
C GLY F 76 38.90 -40.78 1.16
N SER F 77 39.21 -42.09 1.14
CA SER F 77 40.55 -42.63 0.85
C SER F 77 41.59 -42.08 1.84
N VAL F 78 41.41 -42.49 3.10
CA VAL F 78 42.26 -42.00 4.19
C VAL F 78 43.69 -42.53 4.03
N GLN F 79 44.61 -41.90 4.75
CA GLN F 79 46.03 -42.25 4.66
C GLN F 79 46.53 -42.54 6.07
N ALA F 80 47.84 -42.76 6.20
CA ALA F 80 48.47 -43.06 7.47
C ALA F 80 48.91 -41.81 8.22
N GLU F 81 48.80 -40.64 7.61
CA GLU F 81 49.12 -39.38 8.28
C GLU F 81 47.87 -38.59 8.64
N ASP F 82 46.69 -39.14 8.40
CA ASP F 82 45.44 -38.46 8.70
C ASP F 82 44.87 -38.82 10.08
N LEU F 83 45.58 -39.64 10.85
CA LEU F 83 45.08 -40.03 12.16
C LEU F 83 45.26 -38.87 13.14
N ALA F 84 44.18 -38.54 13.84
CA ALA F 84 44.15 -37.43 14.80
C ALA F 84 42.91 -37.62 15.68
N ASP F 85 42.61 -36.59 16.48
CA ASP F 85 41.38 -36.52 17.24
C ASP F 85 40.53 -35.41 16.62
N TYR F 86 39.40 -35.78 16.04
CA TYR F 86 38.61 -34.88 15.23
C TYR F 86 37.51 -34.25 16.07
N HIS F 87 37.50 -32.92 16.15
CA HIS F 87 36.60 -32.19 17.01
C HIS F 87 35.60 -31.39 16.19
N CYS F 88 34.34 -31.43 16.61
CA CYS F 88 33.25 -30.70 15.97
C CYS F 88 32.75 -29.62 16.92
N GLY F 89 32.74 -28.38 16.46
CA GLY F 89 32.35 -27.27 17.30
C GLY F 89 31.50 -26.26 16.53
N GLN F 90 30.53 -25.70 17.24
CA GLN F 90 29.58 -24.75 16.68
C GLN F 90 29.95 -23.34 17.11
N SER F 91 29.46 -22.37 16.35
CA SER F 91 29.72 -20.97 16.66
C SER F 91 28.52 -20.06 16.41
N TYR F 92 27.31 -20.62 16.33
CA TYR F 92 26.10 -19.82 16.20
C TYR F 92 25.85 -19.00 17.46
N SER F 93 26.30 -19.52 18.60
CA SER F 93 26.20 -18.88 19.91
C SER F 93 27.60 -18.80 20.48
N TYR F 94 27.72 -18.59 21.79
CA TYR F 94 29.00 -18.79 22.46
C TYR F 94 29.47 -20.22 22.22
N PRO F 95 30.70 -20.42 21.75
CA PRO F 95 31.07 -21.70 21.14
C PRO F 95 31.20 -22.85 22.14
N THR F 96 30.87 -24.03 21.67
CA THR F 96 31.05 -25.28 22.40
C THR F 96 31.74 -26.29 21.48
N PHE F 97 31.99 -27.48 21.99
CA PHE F 97 32.67 -28.51 21.22
C PHE F 97 32.08 -29.87 21.54
N GLY F 98 32.63 -30.91 20.92
CA GLY F 98 32.24 -32.27 21.15
C GLY F 98 33.31 -33.07 21.89
N ALA F 99 33.04 -34.37 22.00
CA ALA F 99 33.98 -35.25 22.70
C ALA F 99 35.23 -35.52 21.85
N GLY F 100 35.05 -35.78 20.57
CA GLY F 100 36.17 -36.08 19.70
C GLY F 100 36.14 -37.52 19.23
N THR F 101 36.59 -37.73 18.00
CA THR F 101 36.62 -39.05 17.38
C THR F 101 38.05 -39.47 17.14
N LYS F 102 38.34 -40.75 17.39
CA LYS F 102 39.69 -41.28 17.30
C LYS F 102 39.84 -42.13 16.04
N LEU F 103 40.92 -41.92 15.30
CA LEU F 103 41.25 -42.70 14.11
C LEU F 103 42.56 -43.43 14.35
N GLU F 104 42.56 -44.74 14.14
CA GLU F 104 43.75 -45.56 14.27
C GLU F 104 43.78 -46.54 13.10
N LEU F 105 44.75 -47.44 13.12
CA LEU F 105 44.87 -48.46 12.08
C LEU F 105 44.32 -49.80 12.55
N VAL G 2 50.24 -13.65 12.31
CA VAL G 2 49.51 -14.91 12.25
C VAL G 2 50.15 -15.95 13.17
N GLN G 3 51.11 -15.50 13.98
CA GLN G 3 51.81 -16.36 14.92
C GLN G 3 51.40 -16.02 16.34
N LEU G 4 51.02 -17.04 17.10
CA LEU G 4 50.56 -16.87 18.47
C LEU G 4 51.52 -17.57 19.42
N GLN G 5 51.95 -16.86 20.46
CA GLN G 5 52.90 -17.39 21.42
C GLN G 5 52.37 -17.19 22.84
N GLN G 6 52.77 -18.10 23.72
CA GLN G 6 52.34 -18.06 25.11
C GLN G 6 53.51 -18.32 26.05
N SER G 7 53.22 -18.56 27.32
CA SER G 7 54.26 -18.85 28.31
C SER G 7 54.59 -20.34 28.28
N GLY G 8 55.33 -20.79 29.29
CA GLY G 8 55.70 -22.19 29.42
C GLY G 8 54.71 -22.98 30.25
N ALA G 9 55.21 -24.00 30.94
CA ALA G 9 54.40 -24.84 31.80
C ALA G 9 54.56 -24.38 33.24
N GLU G 10 53.46 -24.36 33.98
CA GLU G 10 53.45 -23.89 35.35
C GLU G 10 52.90 -24.95 36.29
N LEU G 11 53.53 -25.07 37.46
CA LEU G 11 53.05 -25.94 38.52
C LEU G 11 52.92 -25.12 39.80
N VAL G 12 51.75 -25.22 40.46
CA VAL G 12 51.48 -24.50 41.69
C VAL G 12 50.78 -25.43 42.67
N LYS G 13 50.78 -25.03 43.93
CA LYS G 13 49.94 -25.70 44.92
C LYS G 13 48.46 -25.38 44.64
N PRO G 14 47.55 -26.27 45.05
CA PRO G 14 46.13 -25.95 44.92
C PRO G 14 45.72 -24.79 45.80
N GLY G 15 44.76 -24.01 45.31
CA GLY G 15 44.33 -22.81 45.98
C GLY G 15 45.11 -21.56 45.63
N ALA G 16 46.15 -21.68 44.82
CA ALA G 16 46.98 -20.54 44.46
C ALA G 16 46.40 -19.85 43.23
N SER G 17 47.14 -18.87 42.70
CA SER G 17 46.71 -18.12 41.53
C SER G 17 47.84 -18.08 40.51
N VAL G 18 47.49 -18.11 39.23
CA VAL G 18 48.45 -18.12 38.14
C VAL G 18 47.97 -17.18 37.04
N LYS G 19 48.89 -16.39 36.51
CA LYS G 19 48.61 -15.50 35.38
C LYS G 19 49.40 -15.98 34.17
N LEU G 20 48.69 -16.25 33.08
CA LEU G 20 49.30 -16.69 31.82
C LEU G 20 48.92 -15.71 30.72
N SER G 21 49.78 -15.66 29.70
CA SER G 21 49.71 -14.61 28.69
C SER G 21 49.67 -15.24 27.29
N CYS G 22 49.18 -14.44 26.34
CA CYS G 22 49.10 -14.85 24.93
C CYS G 22 49.46 -13.64 24.08
N THR G 23 50.68 -13.62 23.55
CA THR G 23 51.13 -12.56 22.67
C THR G 23 50.96 -12.98 21.22
N ALA G 24 50.92 -11.99 20.33
CA ALA G 24 50.62 -12.22 18.92
C ALA G 24 51.54 -11.38 18.05
N SER G 25 51.72 -11.82 16.81
CA SER G 25 52.54 -11.13 15.82
C SER G 25 51.87 -11.19 14.46
N GLY G 26 52.13 -10.18 13.64
CA GLY G 26 51.61 -10.12 12.29
C GLY G 26 50.28 -9.43 12.15
N PHE G 27 49.62 -9.11 13.26
CA PHE G 27 48.30 -8.49 13.22
C PHE G 27 48.07 -7.76 14.53
N ASN G 28 47.16 -6.79 14.50
CA ASN G 28 46.70 -6.12 15.70
C ASN G 28 45.54 -6.89 16.31
N ILE G 29 45.49 -6.92 17.64
CA ILE G 29 44.54 -7.79 18.32
C ILE G 29 43.13 -7.20 18.30
N LYS G 30 43.01 -5.87 18.27
CA LYS G 30 41.75 -5.19 18.53
C LYS G 30 40.70 -5.36 17.43
N ASP G 31 41.08 -5.82 16.24
CA ASP G 31 40.10 -5.94 15.16
C ASP G 31 39.18 -7.14 15.34
N THR G 32 39.73 -8.26 15.81
CA THR G 32 39.00 -9.51 15.95
C THR G 32 38.91 -9.90 17.43
N TYR G 33 38.08 -10.89 17.69
CA TYR G 33 37.94 -11.40 19.05
C TYR G 33 39.09 -12.36 19.36
N MET G 34 39.23 -12.69 20.64
CA MET G 34 40.21 -13.67 21.09
C MET G 34 39.52 -14.68 21.99
N TYR G 35 39.88 -15.94 21.83
CA TYR G 35 39.23 -17.04 22.53
C TYR G 35 40.22 -17.80 23.39
N TRP G 36 39.80 -18.13 24.60
CA TRP G 36 40.55 -19.00 25.51
C TRP G 36 39.76 -20.29 25.66
N VAL G 37 40.43 -21.43 25.46
CA VAL G 37 39.81 -22.73 25.64
C VAL G 37 40.67 -23.60 26.54
N LYS G 38 40.02 -24.56 27.17
CA LYS G 38 40.68 -25.51 28.07
C LYS G 38 40.58 -26.91 27.48
N GLN G 39 41.73 -27.57 27.35
CA GLN G 39 41.80 -28.95 26.86
C GLN G 39 42.29 -29.83 28.00
N ARG G 40 41.36 -30.58 28.59
CA ARG G 40 41.72 -31.61 29.55
C ARG G 40 42.43 -32.74 28.81
N PRO G 41 43.43 -33.38 29.44
CA PRO G 41 44.05 -34.56 28.83
C PRO G 41 43.06 -35.69 28.64
N GLU G 42 43.23 -36.40 27.51
CA GLU G 42 42.37 -37.44 26.94
C GLU G 42 40.87 -37.12 26.99
N GLN G 43 40.52 -35.86 26.83
CA GLN G 43 39.14 -35.41 26.87
C GLN G 43 38.81 -34.48 25.71
N GLY G 44 37.63 -33.88 25.72
CA GLY G 44 37.25 -32.94 24.70
C GLY G 44 37.63 -31.52 25.05
N LEU G 45 37.28 -30.60 24.15
CA LEU G 45 37.56 -29.19 24.34
C LEU G 45 36.36 -28.47 24.93
N GLU G 46 36.64 -27.46 25.75
CA GLU G 46 35.61 -26.58 26.28
C GLU G 46 36.10 -25.14 26.22
N TRP G 47 35.16 -24.22 26.07
CA TRP G 47 35.46 -22.81 25.86
C TRP G 47 35.43 -22.08 27.19
N ILE G 48 36.48 -21.34 27.49
CA ILE G 48 36.58 -20.64 28.78
C ILE G 48 35.89 -19.29 28.70
N GLY G 49 36.37 -18.42 27.81
CA GLY G 49 35.83 -17.07 27.77
C GLY G 49 36.20 -16.36 26.49
N ARG G 50 35.67 -15.15 26.34
CA ARG G 50 35.85 -14.32 25.17
C ARG G 50 36.27 -12.94 25.63
N ILE G 51 37.10 -12.27 24.84
CA ILE G 51 37.49 -10.89 25.09
C ILE G 51 37.41 -10.12 23.78
N ASP G 52 36.80 -8.94 23.82
CA ASP G 52 36.82 -8.02 22.69
C ASP G 52 37.78 -6.89 23.03
N PRO G 53 38.94 -6.81 22.37
CA PRO G 53 39.93 -5.79 22.77
C PRO G 53 39.58 -4.38 22.36
N ALA G 54 38.72 -4.19 21.36
CA ALA G 54 38.33 -2.85 20.95
C ALA G 54 37.43 -2.19 21.99
N ASN G 55 36.48 -2.95 22.54
CA ASN G 55 35.55 -2.42 23.52
C ASN G 55 35.96 -2.72 24.96
N GLY G 56 36.90 -3.64 25.15
CA GLY G 56 37.19 -4.10 26.49
C GLY G 56 36.14 -5.02 27.06
N ASP G 57 35.26 -5.54 26.21
CA ASP G 57 34.12 -6.34 26.64
C ASP G 57 34.56 -7.80 26.77
N THR G 58 34.30 -8.39 27.93
CA THR G 58 34.60 -9.79 28.18
C THR G 58 33.37 -10.51 28.72
N LYS G 59 33.30 -11.80 28.43
CA LYS G 59 32.28 -12.68 28.99
C LYS G 59 32.83 -14.10 28.99
N TYR G 60 32.25 -14.94 29.83
CA TYR G 60 32.84 -16.25 30.09
C TYR G 60 31.78 -17.34 30.01
N ASP G 61 32.26 -18.58 30.04
CA ASP G 61 31.43 -19.75 30.22
C ASP G 61 30.71 -19.65 31.55
N PRO G 62 29.41 -20.02 31.61
CA PRO G 62 28.73 -20.10 32.92
C PRO G 62 29.29 -21.12 33.91
N LYS G 63 30.30 -21.91 33.55
CA LYS G 63 31.03 -22.73 34.51
C LYS G 63 32.34 -22.09 34.96
N PHE G 64 32.65 -20.87 34.49
CA PHE G 64 33.98 -20.33 34.70
C PHE G 64 33.98 -18.84 35.05
N GLN G 65 32.96 -18.35 35.75
CA GLN G 65 33.03 -16.98 36.25
C GLN G 65 33.74 -16.94 37.58
N GLY G 66 34.38 -15.79 37.85
CA GLY G 66 35.05 -15.58 39.12
C GLY G 66 36.45 -16.14 39.17
N LYS G 67 36.59 -17.44 38.91
CA LYS G 67 37.88 -18.11 38.94
C LYS G 67 38.67 -17.95 37.64
N ALA G 68 38.09 -17.30 36.63
CA ALA G 68 38.76 -17.08 35.36
C ALA G 68 38.34 -15.72 34.81
N THR G 69 39.29 -14.79 34.73
CA THR G 69 39.05 -13.49 34.14
C THR G 69 40.09 -13.21 33.07
N ILE G 70 39.67 -12.49 32.03
CA ILE G 70 40.50 -12.24 30.86
C ILE G 70 40.69 -10.74 30.72
N THR G 71 41.95 -10.31 30.56
CA THR G 71 42.27 -8.91 30.30
C THR G 71 43.14 -8.83 29.06
N THR G 72 43.11 -7.67 28.42
CA THR G 72 43.86 -7.43 27.20
C THR G 72 44.72 -6.19 27.34
N ASP G 73 45.81 -6.16 26.57
CA ASP G 73 46.71 -5.01 26.57
C ASP G 73 47.19 -4.81 25.13
N THR G 74 46.69 -3.76 24.50
CA THR G 74 47.02 -3.47 23.10
C THR G 74 48.47 -3.02 22.93
N PHE G 75 48.99 -2.26 23.89
CA PHE G 75 50.32 -1.67 23.75
C PHE G 75 51.41 -2.73 23.81
N SER G 76 51.26 -3.73 24.66
CA SER G 76 52.19 -4.85 24.70
C SER G 76 51.86 -5.93 23.68
N ASN G 77 50.69 -5.82 23.02
CA ASN G 77 50.18 -6.80 22.06
C ASN G 77 50.10 -8.20 22.67
N THR G 78 49.52 -8.28 23.86
CA THR G 78 49.43 -9.53 24.60
C THR G 78 48.11 -9.56 25.37
N ALA G 79 47.40 -10.68 25.24
CA ALA G 79 46.16 -10.91 25.97
C ALA G 79 46.45 -11.76 27.19
N TYR G 80 45.87 -11.37 28.34
CA TYR G 80 46.16 -12.01 29.62
C TYR G 80 44.97 -12.81 30.11
N LEU G 81 45.26 -13.91 30.80
CA LEU G 81 44.26 -14.73 31.45
C LEU G 81 44.70 -15.02 32.87
N GLN G 82 43.80 -14.86 33.82
CA GLN G 82 44.08 -15.08 35.23
C GLN G 82 43.22 -16.23 35.75
N LEU G 83 43.85 -17.12 36.50
CA LEU G 83 43.15 -18.22 37.17
C LEU G 83 43.32 -18.04 38.67
N SER G 84 42.21 -18.13 39.41
CA SER G 84 42.22 -17.99 40.86
C SER G 84 41.48 -19.17 41.48
N SER G 85 41.87 -19.50 42.71
CA SER G 85 41.38 -20.64 43.48
C SER G 85 41.55 -21.94 42.70
N LEU G 86 42.80 -22.23 42.36
CA LEU G 86 43.13 -23.38 41.54
C LEU G 86 42.93 -24.67 42.33
N THR G 87 42.33 -25.66 41.68
CA THR G 87 42.02 -26.95 42.29
C THR G 87 42.84 -28.05 41.64
N SER G 88 42.72 -29.26 42.18
CA SER G 88 43.45 -30.41 41.65
C SER G 88 42.90 -30.87 40.31
N GLU G 89 41.62 -30.60 40.03
CA GLU G 89 41.03 -30.95 38.75
C GLU G 89 41.29 -29.91 37.67
N ASP G 90 41.97 -28.82 38.00
CA ASP G 90 42.23 -27.73 37.07
C ASP G 90 43.44 -27.98 36.18
N THR G 91 44.13 -29.11 36.35
CA THR G 91 45.26 -29.44 35.49
C THR G 91 44.77 -29.81 34.09
N ALA G 92 45.32 -29.12 33.09
CA ALA G 92 44.93 -29.22 31.68
C ALA G 92 46.00 -28.52 30.87
N VAL G 93 45.72 -28.33 29.58
CA VAL G 93 46.52 -27.46 28.72
C VAL G 93 45.62 -26.37 28.18
N TYR G 94 46.13 -25.14 28.17
CA TYR G 94 45.33 -23.96 27.85
C TYR G 94 45.76 -23.41 26.50
N TYR G 95 44.82 -23.31 25.57
CA TYR G 95 45.08 -22.83 24.23
C TYR G 95 44.51 -21.44 24.05
N CYS G 96 45.22 -20.62 23.28
CA CYS G 96 44.80 -19.26 22.96
C CYS G 96 44.42 -19.21 21.48
N ALA G 97 43.21 -18.74 21.19
CA ALA G 97 42.65 -18.81 19.85
C ALA G 97 42.27 -17.43 19.34
N ARG G 98 42.37 -17.26 18.02
CA ARG G 98 41.98 -16.04 17.33
C ARG G 98 40.69 -16.27 16.57
N LYS G 99 39.74 -15.35 16.72
CA LYS G 99 38.56 -15.35 15.85
C LYS G 99 38.98 -15.06 14.42
N GLY G 100 38.47 -15.85 13.48
CA GLY G 100 38.87 -15.72 12.10
C GLY G 100 37.72 -15.49 11.14
N LEU G 101 37.65 -16.30 10.10
CA LEU G 101 36.64 -16.16 9.06
C LEU G 101 35.47 -17.08 9.35
N ARG G 102 34.27 -16.50 9.43
CA ARG G 102 33.00 -17.19 9.73
C ARG G 102 33.06 -17.93 11.07
N TRP G 103 33.77 -17.32 12.04
CA TRP G 103 33.85 -17.77 13.44
C TRP G 103 34.42 -19.19 13.54
N ALA G 104 35.67 -19.33 13.09
CA ALA G 104 36.25 -20.64 12.88
C ALA G 104 37.44 -20.97 13.75
N MET G 105 38.00 -20.00 14.47
CA MET G 105 39.22 -20.15 15.29
C MET G 105 40.40 -20.65 14.45
N ASP G 106 40.83 -19.75 13.56
CA ASP G 106 41.81 -20.09 12.53
C ASP G 106 43.17 -20.46 13.11
N TYR G 107 43.72 -19.59 13.96
CA TYR G 107 45.06 -19.78 14.50
C TYR G 107 45.00 -20.09 15.98
N TRP G 108 45.77 -21.08 16.40
CA TRP G 108 45.76 -21.57 17.77
C TRP G 108 47.16 -21.49 18.35
N GLY G 109 47.23 -21.27 19.66
CA GLY G 109 48.51 -21.21 20.34
C GLY G 109 49.12 -22.59 20.55
N GLN G 110 50.36 -22.58 21.05
CA GLN G 110 51.06 -23.83 21.29
C GLN G 110 50.58 -24.55 22.54
N GLY G 111 49.89 -23.86 23.43
CA GLY G 111 49.35 -24.49 24.62
C GLY G 111 50.28 -24.45 25.81
N THR G 112 49.73 -24.16 27.00
CA THR G 112 50.48 -24.15 28.24
C THR G 112 49.90 -25.19 29.18
N SER G 113 50.71 -26.14 29.60
CA SER G 113 50.26 -27.22 30.48
C SER G 113 50.37 -26.78 31.93
N VAL G 114 49.24 -26.69 32.62
CA VAL G 114 49.21 -26.41 34.05
C VAL G 114 49.03 -27.72 34.79
N THR G 115 49.77 -27.87 35.89
CA THR G 115 49.74 -29.07 36.71
C THR G 115 49.60 -28.69 38.18
N VAL G 116 49.24 -29.68 39.00
CA VAL G 116 49.07 -29.51 40.43
C VAL G 116 50.10 -30.38 41.14
N SER G 117 50.27 -30.13 42.43
CA SER G 117 51.20 -30.89 43.25
C SER G 117 50.77 -30.92 44.71
#